data_8CGL
#
_entry.id   8CGL
#
_cell.length_a   1.00
_cell.length_b   1.00
_cell.length_c   1.00
_cell.angle_alpha   90.00
_cell.angle_beta   90.00
_cell.angle_gamma   90.00
#
_symmetry.space_group_name_H-M   'P 1'
#
_entity_poly.entity_id   1
_entity_poly.type   'polypeptide(L)'
_entity_poly.pdbx_seq_one_letter_code
;GSGTDNNHYENNESNENSSENSKVDEARAGAFERFTNRKKRFRENAQKNGESSHHEAPSHHKKEHRPNKKPNNHHKQKHA
KTRNYAKEELDSNKVEGVTEILHVNERGTLGFHKELKKGVETNNKIQVEHLNPHYKMNLNSKASVKITPLGGLGEIGGNM
MVIETPKSAIVIDAGMSFPKEGLFGVDILIPDFSYLHQIKDKIAGIIITHAHEDHIGATPYLFKELQFPLYGTPLSLGLI
GSKFDEHGLKKYRSYFKIVEKRCPISVGEFIIEWIHITHSIIDSSALAIQTKAGTIIHTGDFKIDHTPVDNLPTDLYRLA
HYGEKGVMLLLSDSTNSHKSGTTPSESTIAPAFDTLFKEAQGRVIMSTFSSNIHRVYQAIQYGIKYNRKIAVIGRSMEKN
LDIARELGYIHLPYQSFIEANEVAKYPDNEVLIVTTGSQGETMSALYRMATDEHRHISIKPNDLVIISAKAIPGNEASVS
AVLNFLIKKEAKVAYQEFDNIHVSGHAAQEEQKLMLRLIKPKFFLPVHGEYNHVARHKQTAISCGVPEKNIYLMEDGDQV
EVGPAFIKKVGTIKSGKSYVDNQSNLSIDTSIVQQREEVASAGVFAATIFVNKNKQALLESSQFSSLGLVGFKDEKPLIK
EIQGGLEMLLKSSNAEILNNPKKLEDHTRNFIRKALFKKFRKYPAIICHAHSFGSSPHHHHHHHH
;
_entity_poly.pdbx_strand_id   A,B,C,D
#
# COMPACT_ATOMS: atom_id res chain seq x y z
N SER A 141 -4.67 -50.21 -22.66
CA SER A 141 -6.12 -50.13 -22.73
C SER A 141 -6.56 -48.73 -23.15
N LYS A 142 -6.93 -47.90 -22.18
CA LYS A 142 -7.30 -46.53 -22.48
C LYS A 142 -6.08 -45.74 -22.96
N ALA A 143 -6.35 -44.75 -23.80
CA ALA A 143 -5.28 -43.91 -24.31
C ALA A 143 -4.64 -43.14 -23.17
N SER A 144 -3.31 -43.01 -23.24
CA SER A 144 -2.56 -42.34 -22.19
C SER A 144 -1.24 -41.85 -22.77
N VAL A 145 -0.58 -40.96 -22.03
CA VAL A 145 0.68 -40.38 -22.44
C VAL A 145 1.65 -40.41 -21.27
N LYS A 146 2.91 -40.15 -21.58
CA LYS A 146 3.99 -40.15 -20.60
C LYS A 146 4.74 -38.82 -20.73
N ILE A 147 4.46 -37.87 -19.84
CA ILE A 147 5.07 -36.51 -19.90
C ILE A 147 6.10 -36.44 -18.78
N THR A 148 7.39 -36.45 -19.13
CA THR A 148 8.50 -36.33 -18.17
C THR A 148 9.31 -35.13 -18.61
N PRO A 149 9.58 -34.15 -17.75
CA PRO A 149 10.19 -32.91 -18.20
C PRO A 149 11.70 -32.83 -18.04
N LEU A 150 12.36 -32.03 -18.85
CA LEU A 150 13.81 -31.94 -18.89
C LEU A 150 14.35 -30.64 -18.31
N GLY A 151 13.50 -29.62 -18.17
CA GLY A 151 13.98 -28.36 -17.63
C GLY A 151 12.86 -27.44 -17.20
N GLY A 152 13.15 -26.55 -16.25
CA GLY A 152 12.20 -25.61 -15.72
C GLY A 152 11.79 -25.88 -14.29
N LEU A 153 11.90 -27.11 -13.82
CA LEU A 153 11.52 -27.49 -12.46
C LEU A 153 12.76 -27.41 -11.58
N GLY A 154 12.97 -26.23 -10.98
CA GLY A 154 14.06 -26.05 -10.05
C GLY A 154 14.86 -24.79 -10.29
N GLU A 155 14.44 -23.97 -11.25
CA GLU A 155 15.16 -22.73 -11.54
C GLU A 155 14.37 -21.93 -12.55
N ILE A 156 14.48 -20.61 -12.45
CA ILE A 156 13.89 -19.70 -13.43
C ILE A 156 14.66 -19.89 -14.72
N GLY A 157 13.96 -20.27 -15.78
CA GLY A 157 14.58 -20.51 -17.06
C GLY A 157 14.94 -21.96 -17.26
N GLY A 158 15.52 -22.24 -18.42
CA GLY A 158 15.89 -23.60 -18.75
C GLY A 158 14.69 -24.52 -18.80
N ASN A 159 13.58 -24.06 -19.38
CA ASN A 159 12.38 -24.86 -19.48
C ASN A 159 12.43 -25.72 -20.73
N MET A 160 12.07 -27.00 -20.60
CA MET A 160 12.06 -27.90 -21.73
C MET A 160 11.26 -29.14 -21.34
N MET A 161 10.18 -29.43 -22.06
CA MET A 161 9.32 -30.57 -21.79
C MET A 161 9.36 -31.55 -22.96
N VAL A 162 9.13 -32.83 -22.64
CA VAL A 162 9.08 -33.88 -23.63
C VAL A 162 7.87 -34.75 -23.32
N ILE A 163 6.86 -34.69 -24.18
CA ILE A 163 5.67 -35.52 -24.04
C ILE A 163 5.90 -36.79 -24.84
N GLU A 164 5.68 -37.93 -24.19
CA GLU A 164 5.97 -39.24 -24.78
C GLU A 164 4.73 -40.10 -24.71
N THR A 165 4.14 -40.38 -25.87
CA THR A 165 2.94 -41.25 -25.94
C THR A 165 3.31 -42.52 -26.72
N PRO A 166 2.43 -43.54 -26.83
CA PRO A 166 2.72 -44.74 -27.61
C PRO A 166 3.10 -44.39 -29.06
N LYS A 167 4.29 -44.79 -29.50
CA LYS A 167 4.76 -44.48 -30.88
C LYS A 167 4.56 -42.99 -31.15
N SER A 168 4.52 -42.16 -30.10
CA SER A 168 4.34 -40.70 -30.27
C SER A 168 5.33 -39.95 -29.37
N ALA A 169 5.82 -38.80 -29.83
CA ALA A 169 6.81 -38.02 -29.03
C ALA A 169 6.89 -36.58 -29.55
N ILE A 170 6.69 -35.60 -28.65
CA ILE A 170 6.79 -34.20 -29.03
C ILE A 170 7.65 -33.47 -28.02
N VAL A 171 8.31 -32.41 -28.48
CA VAL A 171 9.19 -31.58 -27.67
C VAL A 171 8.54 -30.22 -27.54
N ILE A 172 8.41 -29.74 -26.30
CA ILE A 172 7.91 -28.41 -26.02
C ILE A 172 9.06 -27.57 -25.49
N ASP A 173 9.62 -26.74 -26.35
CA ASP A 173 10.45 -25.61 -25.93
C ASP A 173 11.79 -26.04 -25.36
N ALA A 174 12.81 -25.19 -25.48
CA ALA A 174 14.15 -25.46 -24.95
C ALA A 174 14.78 -24.12 -24.61
N GLY A 175 14.77 -23.77 -23.32
CA GLY A 175 15.30 -22.51 -22.86
C GLY A 175 16.68 -22.67 -22.20
N MET A 176 17.11 -21.58 -21.57
CA MET A 176 18.35 -21.54 -20.81
C MET A 176 18.04 -21.06 -19.40
N SER A 177 18.84 -21.53 -18.44
CA SER A 177 18.66 -21.21 -17.04
C SER A 177 19.78 -20.30 -16.56
N PHE A 178 19.42 -19.19 -15.93
CA PHE A 178 20.44 -18.20 -15.48
C PHE A 178 20.44 -18.11 -13.94
N PRO A 179 21.31 -18.87 -13.24
CA PRO A 179 21.34 -18.86 -11.78
C PRO A 179 21.88 -17.54 -11.22
N LYS A 180 22.89 -16.95 -11.86
CA LYS A 180 23.50 -15.70 -11.32
C LYS A 180 23.73 -14.69 -12.44
N GLU A 181 24.18 -13.47 -12.09
CA GLU A 181 24.42 -12.44 -13.08
C GLU A 181 25.40 -11.43 -12.49
N GLY A 182 26.52 -11.21 -13.17
CA GLY A 182 27.62 -10.44 -12.61
C GLY A 182 27.99 -9.19 -13.38
N LEU A 183 29.13 -8.59 -13.03
CA LEU A 183 29.56 -7.35 -13.67
C LEU A 183 30.05 -7.57 -15.09
N PHE A 184 30.50 -8.77 -15.44
CA PHE A 184 31.01 -9.05 -16.78
C PHE A 184 30.09 -9.93 -17.61
N GLY A 185 29.11 -10.57 -17.01
CA GLY A 185 28.23 -11.45 -17.77
C GLY A 185 27.34 -12.26 -16.87
N VAL A 186 26.83 -13.35 -17.45
CA VAL A 186 25.88 -14.23 -16.80
C VAL A 186 26.43 -15.65 -16.78
N ASP A 187 25.76 -16.51 -16.01
CA ASP A 187 26.00 -17.94 -16.05
C ASP A 187 25.26 -18.55 -17.22
N ILE A 188 25.93 -19.46 -17.93
CA ILE A 188 25.41 -20.04 -19.16
C ILE A 188 25.13 -21.51 -18.92
N LEU A 189 23.86 -21.90 -19.04
CA LEU A 189 23.43 -23.25 -18.74
C LEU A 189 22.50 -23.75 -19.83
N ILE A 190 22.77 -24.96 -20.32
CA ILE A 190 21.89 -25.58 -21.36
C ILE A 190 21.45 -26.95 -20.84
N PRO A 191 20.17 -27.36 -21.02
CA PRO A 191 19.68 -28.63 -20.47
C PRO A 191 20.39 -29.84 -21.10
N ASP A 192 20.60 -30.90 -20.30
CA ASP A 192 21.26 -32.13 -20.82
C ASP A 192 20.43 -32.69 -21.98
N PHE A 193 21.05 -33.48 -22.85
CA PHE A 193 20.34 -34.00 -24.01
C PHE A 193 20.30 -35.53 -24.05
N SER A 194 20.72 -36.18 -22.97
CA SER A 194 20.92 -37.63 -23.02
C SER A 194 19.63 -38.36 -23.39
N TYR A 195 18.51 -37.98 -22.78
CA TYR A 195 17.26 -38.70 -23.03
C TYR A 195 16.83 -38.62 -24.49
N LEU A 196 17.00 -37.47 -25.13
CA LEU A 196 16.59 -37.33 -26.53
C LEU A 196 17.18 -38.44 -27.39
N HIS A 197 18.44 -38.81 -27.16
CA HIS A 197 19.09 -39.81 -27.99
C HIS A 197 18.48 -41.20 -27.78
N GLN A 198 17.75 -41.40 -26.68
CA GLN A 198 17.21 -42.72 -26.39
C GLN A 198 16.05 -43.08 -27.32
N ILE A 199 15.12 -42.15 -27.54
CA ILE A 199 13.91 -42.42 -28.31
C ILE A 199 13.87 -41.59 -29.59
N LYS A 200 15.04 -41.40 -30.22
CA LYS A 200 15.14 -40.52 -31.37
C LYS A 200 14.11 -40.87 -32.44
N ASP A 201 13.82 -42.16 -32.63
CA ASP A 201 12.99 -42.63 -33.72
C ASP A 201 11.51 -42.26 -33.56
N LYS A 202 11.10 -41.76 -32.39
CA LYS A 202 9.70 -41.46 -32.15
C LYS A 202 9.35 -39.98 -32.23
N ILE A 203 10.28 -39.08 -31.93
CA ILE A 203 9.94 -37.68 -31.78
C ILE A 203 9.52 -37.11 -33.13
N ALA A 204 8.34 -36.52 -33.18
CA ALA A 204 7.78 -35.99 -34.41
C ALA A 204 8.13 -34.53 -34.68
N GLY A 205 8.85 -33.88 -33.76
CA GLY A 205 9.27 -32.51 -34.01
C GLY A 205 9.48 -31.67 -32.77
N ILE A 206 9.93 -30.44 -32.97
CA ILE A 206 10.16 -29.48 -31.90
C ILE A 206 9.05 -28.46 -31.93
N ILE A 207 8.45 -28.19 -30.76
CA ILE A 207 7.34 -27.20 -30.69
C ILE A 207 7.82 -26.01 -29.86
N ILE A 208 7.99 -24.81 -30.44
CA ILE A 208 8.55 -23.64 -29.70
C ILE A 208 7.47 -22.61 -29.33
N THR A 209 7.34 -22.23 -28.07
CA THR A 209 6.30 -21.29 -27.59
C THR A 209 6.90 -19.94 -27.23
N HIS A 210 7.73 -19.40 -28.10
CA HIS A 210 8.19 -18.03 -27.93
C HIS A 210 9.07 -17.64 -29.10
N ALA A 211 9.09 -16.35 -29.40
CA ALA A 211 10.21 -15.74 -30.11
C ALA A 211 11.07 -14.99 -29.08
N HIS A 212 11.81 -15.77 -28.31
CA HIS A 212 12.48 -15.21 -27.14
C HIS A 212 13.59 -16.15 -26.69
N GLU A 213 14.72 -15.56 -26.32
CA GLU A 213 15.93 -16.33 -26.06
C GLU A 213 15.80 -17.24 -24.86
N ASP A 214 15.03 -16.84 -23.84
CA ASP A 214 14.92 -17.63 -22.62
C ASP A 214 14.32 -19.00 -22.87
N HIS A 215 13.68 -19.22 -24.01
CA HIS A 215 12.91 -20.44 -24.24
C HIS A 215 13.36 -21.25 -25.45
N ILE A 216 14.27 -20.72 -26.28
CA ILE A 216 14.71 -21.42 -27.49
C ILE A 216 16.22 -21.59 -27.46
N GLY A 217 16.83 -21.31 -26.31
CA GLY A 217 18.28 -21.17 -26.27
C GLY A 217 19.05 -22.41 -26.66
N ALA A 218 18.54 -23.58 -26.28
CA ALA A 218 19.27 -24.85 -26.54
C ALA A 218 18.91 -25.37 -27.94
N THR A 219 17.82 -24.87 -28.52
CA THR A 219 17.37 -25.37 -29.84
C THR A 219 18.54 -25.38 -30.84
N PRO A 220 19.27 -24.27 -31.04
CA PRO A 220 20.35 -24.23 -32.04
C PRO A 220 21.47 -25.23 -31.70
N TYR A 221 21.94 -25.21 -30.45
CA TYR A 221 23.03 -26.13 -30.02
C TYR A 221 22.55 -27.58 -30.10
N LEU A 222 21.30 -27.82 -29.67
CA LEU A 222 20.75 -29.21 -29.66
C LEU A 222 20.94 -29.84 -31.04
N PHE A 223 20.88 -29.04 -32.11
CA PHE A 223 20.97 -29.60 -33.45
C PHE A 223 22.38 -30.01 -33.83
N LYS A 224 23.38 -29.64 -33.02
CA LYS A 224 24.71 -30.21 -33.22
C LYS A 224 24.74 -31.68 -32.84
N GLU A 225 23.65 -32.23 -32.30
CA GLU A 225 23.54 -33.65 -31.99
C GLU A 225 22.41 -34.34 -32.75
N LEU A 226 21.20 -33.77 -32.75
CA LEU A 226 20.04 -34.44 -33.31
C LEU A 226 19.25 -33.47 -34.19
N GLN A 227 18.46 -34.02 -35.11
CA GLN A 227 17.67 -33.15 -36.03
C GLN A 227 16.19 -33.55 -35.98
N PHE A 228 15.28 -32.57 -35.96
CA PHE A 228 13.83 -32.85 -35.94
C PHE A 228 13.07 -31.65 -36.51
N PRO A 229 11.86 -31.87 -37.05
CA PRO A 229 11.15 -30.79 -37.65
C PRO A 229 10.92 -29.72 -36.58
N LEU A 230 11.09 -28.47 -36.97
CA LEU A 230 10.81 -27.36 -36.04
C LEU A 230 9.44 -26.82 -36.44
N TYR A 231 8.35 -27.26 -35.80
CA TYR A 231 7.05 -26.63 -36.09
C TYR A 231 6.91 -25.51 -35.05
N GLY A 232 6.97 -24.25 -35.48
CA GLY A 232 6.89 -23.11 -34.54
C GLY A 232 6.08 -21.97 -35.09
N THR A 233 6.38 -20.74 -34.66
CA THR A 233 5.69 -19.54 -35.19
C THR A 233 6.61 -18.81 -36.17
N PRO A 234 6.10 -18.14 -37.22
CA PRO A 234 6.97 -17.51 -38.23
C PRO A 234 8.03 -16.63 -37.56
N LEU A 235 7.61 -15.71 -36.69
CA LEU A 235 8.56 -14.82 -35.98
C LEU A 235 9.43 -15.66 -35.04
N SER A 236 8.81 -16.57 -34.29
CA SER A 236 9.56 -17.44 -33.34
C SER A 236 10.59 -18.26 -34.11
N LEU A 237 10.20 -18.81 -35.26
CA LEU A 237 11.11 -19.66 -36.07
C LEU A 237 12.28 -18.82 -36.59
N GLY A 238 12.03 -17.54 -36.89
CA GLY A 238 13.10 -16.72 -37.48
C GLY A 238 14.23 -16.62 -36.49
N LEU A 239 14.01 -15.86 -35.43
CA LEU A 239 15.00 -15.72 -34.37
C LEU A 239 15.68 -17.05 -34.05
N ILE A 240 14.92 -18.15 -34.04
CA ILE A 240 15.52 -19.45 -33.78
C ILE A 240 16.54 -19.79 -34.86
N GLY A 241 16.22 -19.50 -36.12
CA GLY A 241 17.16 -19.71 -37.19
C GLY A 241 18.40 -18.85 -37.05
N SER A 242 18.23 -17.61 -36.59
CA SER A 242 19.40 -16.79 -36.29
C SER A 242 20.28 -17.47 -35.25
N LYS A 243 19.65 -17.97 -34.18
CA LYS A 243 20.43 -18.66 -33.15
C LYS A 243 21.18 -19.85 -33.73
N PHE A 244 20.51 -20.64 -34.58
CA PHE A 244 21.16 -21.83 -35.11
C PHE A 244 22.33 -21.45 -36.03
N ASP A 245 22.11 -20.46 -36.90
CA ASP A 245 23.22 -20.02 -37.76
C ASP A 245 24.39 -19.55 -36.92
N GLU A 246 24.13 -18.86 -35.82
CA GLU A 246 25.21 -18.52 -34.91
C GLU A 246 25.86 -19.79 -34.33
N HIS A 247 25.06 -20.80 -34.04
CA HIS A 247 25.54 -22.10 -33.57
C HIS A 247 26.04 -22.98 -34.70
N GLY A 248 25.93 -22.53 -35.94
CA GLY A 248 26.33 -23.36 -37.08
C GLY A 248 25.49 -24.61 -37.23
N LEU A 249 24.17 -24.49 -37.10
CA LEU A 249 23.28 -25.64 -37.19
C LEU A 249 22.26 -25.44 -38.31
N LYS A 250 22.71 -24.96 -39.46
CA LYS A 250 21.79 -24.67 -40.56
C LYS A 250 21.01 -25.91 -40.98
N LYS A 251 21.53 -27.10 -40.69
CA LYS A 251 20.81 -28.32 -41.04
C LYS A 251 19.38 -28.23 -40.54
N TYR A 252 19.21 -27.87 -39.28
CA TYR A 252 17.92 -27.86 -38.61
C TYR A 252 17.01 -26.77 -39.13
N ARG A 253 17.57 -25.83 -39.90
CA ARG A 253 16.77 -24.70 -40.45
C ARG A 253 15.74 -25.24 -41.43
N SER A 254 16.11 -26.28 -42.20
CA SER A 254 15.16 -26.89 -43.17
C SER A 254 13.95 -27.46 -42.41
N TYR A 255 14.16 -27.85 -41.16
CA TYR A 255 13.06 -28.44 -40.34
C TYR A 255 12.02 -27.35 -40.00
N PHE A 256 12.35 -26.08 -40.28
CA PHE A 256 11.43 -24.96 -39.94
C PHE A 256 10.02 -25.28 -40.45
N LYS A 257 9.01 -25.27 -39.57
CA LYS A 257 7.59 -25.57 -39.95
CA LYS A 257 7.60 -25.58 -39.95
C LYS A 257 6.58 -24.65 -39.25
N ILE A 258 6.27 -23.65 -40.08
CA ILE A 258 5.43 -22.50 -39.62
C ILE A 258 4.05 -23.03 -39.18
N VAL A 259 3.65 -22.80 -37.93
CA VAL A 259 2.30 -23.18 -37.45
C VAL A 259 1.45 -21.91 -37.43
N GLU A 260 0.19 -21.98 -37.89
CA GLU A 260 -0.63 -20.75 -37.99
C GLU A 260 -1.40 -20.51 -36.69
N LYS A 261 -1.46 -19.27 -36.23
CA LYS A 261 -2.18 -18.92 -34.97
C LYS A 261 -3.65 -19.31 -35.18
N ARG A 262 -4.34 -19.77 -34.13
CA ARG A 262 -5.79 -20.06 -34.29
C ARG A 262 -5.98 -21.13 -35.37
N CYS A 263 -4.89 -21.60 -35.98
CA CYS A 263 -4.98 -22.67 -37.00
C CYS A 263 -4.32 -23.95 -36.45
N PRO A 264 -5.03 -25.11 -36.44
CA PRO A 264 -4.47 -26.35 -35.91
C PRO A 264 -3.39 -26.91 -36.85
N ILE A 265 -2.47 -27.72 -36.30
CA ILE A 265 -1.36 -28.31 -37.11
C ILE A 265 -1.23 -29.79 -36.74
N SER A 266 -1.57 -30.70 -37.65
CA SER A 266 -1.54 -32.15 -37.33
C SER A 266 -0.09 -32.63 -37.23
N VAL A 267 0.36 -32.94 -36.00
CA VAL A 267 1.75 -33.44 -35.79
C VAL A 267 1.67 -34.93 -35.44
N GLY A 268 1.87 -35.81 -36.42
CA GLY A 268 1.76 -37.26 -36.18
C GLY A 268 0.42 -37.60 -35.52
N GLU A 269 0.45 -38.36 -34.42
CA GLU A 269 -0.81 -38.69 -33.69
C GLU A 269 -1.11 -37.56 -32.70
N PHE A 270 -1.28 -36.33 -33.20
CA PHE A 270 -1.55 -35.17 -32.32
C PHE A 270 -1.96 -33.96 -33.16
N ILE A 271 -2.69 -33.01 -32.56
CA ILE A 271 -3.11 -31.81 -33.28
C ILE A 271 -2.69 -30.63 -32.42
N ILE A 272 -2.04 -29.65 -33.03
CA ILE A 272 -1.40 -28.57 -32.29
C ILE A 272 -2.01 -27.25 -32.75
N GLU A 273 -2.22 -26.30 -31.80
CA GLU A 273 -2.77 -24.94 -32.08
C GLU A 273 -2.01 -23.84 -31.31
N TRP A 274 -1.57 -22.77 -31.97
CA TRP A 274 -0.84 -21.66 -31.31
C TRP A 274 -1.80 -20.52 -30.91
N ILE A 275 -2.29 -20.46 -29.65
CA ILE A 275 -3.31 -19.47 -29.17
C ILE A 275 -2.66 -18.16 -28.76
N HIS A 276 -2.78 -17.14 -29.58
CA HIS A 276 -2.16 -15.89 -29.13
C HIS A 276 -2.51 -15.66 -27.66
N ILE A 277 -1.55 -15.12 -26.92
CA ILE A 277 -1.76 -14.81 -25.51
C ILE A 277 -0.79 -13.71 -25.11
N THR A 278 -1.31 -12.71 -24.41
CA THR A 278 -0.54 -11.51 -24.15
C THR A 278 0.66 -11.80 -23.28
N HIS A 279 1.73 -11.05 -23.51
CA HIS A 279 2.93 -11.11 -22.68
C HIS A 279 3.82 -9.96 -23.09
N SER A 280 4.82 -9.68 -22.26
CA SER A 280 5.85 -8.72 -22.60
C SER A 280 6.28 -8.85 -24.06
N ILE A 281 6.56 -10.07 -24.52
CA ILE A 281 7.19 -10.30 -25.81
C ILE A 281 6.26 -9.84 -26.93
N ILE A 282 6.84 -9.30 -28.01
CA ILE A 282 6.02 -8.84 -29.12
C ILE A 282 5.12 -9.95 -29.63
N ASP A 283 5.67 -11.15 -29.79
CA ASP A 283 4.89 -12.32 -30.18
C ASP A 283 4.94 -13.32 -29.04
N SER A 284 4.00 -14.25 -29.03
CA SER A 284 3.96 -15.31 -28.05
C SER A 284 2.89 -16.29 -28.49
N SER A 285 2.64 -17.30 -27.66
CA SER A 285 1.55 -18.23 -27.93
C SER A 285 1.46 -19.26 -26.82
N ALA A 286 0.33 -19.94 -26.76
CA ALA A 286 0.20 -21.16 -25.98
C ALA A 286 -0.21 -22.32 -26.88
N LEU A 287 0.03 -23.53 -26.39
CA LEU A 287 -0.19 -24.76 -27.13
C LEU A 287 -1.45 -25.44 -26.65
N ALA A 288 -2.34 -25.75 -27.59
CA ALA A 288 -3.45 -26.64 -27.35
C ALA A 288 -3.18 -27.92 -28.15
N ILE A 289 -3.22 -29.06 -27.46
CA ILE A 289 -2.89 -30.35 -28.05
C ILE A 289 -4.16 -31.18 -28.00
N GLN A 290 -4.67 -31.60 -29.15
CA GLN A 290 -5.72 -32.60 -29.18
C GLN A 290 -5.14 -33.96 -29.50
N THR A 291 -5.66 -34.99 -28.83
CA THR A 291 -5.22 -36.37 -28.96
C THR A 291 -6.41 -37.27 -28.69
N LYS A 292 -6.32 -38.52 -29.16
CA LYS A 292 -7.37 -39.47 -28.83
C LYS A 292 -7.44 -39.73 -27.33
N ALA A 293 -6.40 -39.37 -26.57
CA ALA A 293 -6.43 -39.49 -25.12
C ALA A 293 -7.06 -38.28 -24.45
N GLY A 294 -7.25 -37.18 -25.16
CA GLY A 294 -7.77 -35.96 -24.56
C GLY A 294 -7.00 -34.74 -25.03
N THR A 295 -7.13 -33.63 -24.31
CA THR A 295 -6.48 -32.39 -24.72
C THR A 295 -5.53 -31.91 -23.63
N ILE A 296 -4.43 -31.30 -24.06
CA ILE A 296 -3.37 -30.83 -23.18
C ILE A 296 -3.14 -29.35 -23.46
N ILE A 297 -2.92 -28.56 -22.41
CA ILE A 297 -2.73 -27.13 -22.54
C ILE A 297 -1.38 -26.76 -21.96
N HIS A 298 -0.58 -26.03 -22.73
CA HIS A 298 0.67 -25.46 -22.24
C HIS A 298 0.64 -23.96 -22.50
N THR A 299 0.47 -23.17 -21.44
CA THR A 299 0.57 -21.72 -21.58
C THR A 299 1.99 -21.26 -21.31
N GLY A 300 2.51 -21.55 -20.13
CA GLY A 300 3.91 -21.37 -19.83
C GLY A 300 4.30 -19.95 -19.48
N ASP A 301 4.36 -19.07 -20.48
CA ASP A 301 4.75 -17.68 -20.27
C ASP A 301 3.58 -16.81 -20.69
N PHE A 302 2.93 -16.18 -19.72
CA PHE A 302 1.77 -15.35 -20.03
C PHE A 302 1.45 -14.46 -18.84
N LYS A 303 1.33 -13.16 -19.14
CA LYS A 303 0.65 -12.24 -18.26
C LYS A 303 -0.52 -11.67 -19.04
N ILE A 304 -1.69 -11.67 -18.42
CA ILE A 304 -2.92 -11.31 -19.10
C ILE A 304 -3.00 -9.79 -19.07
N ASP A 305 -2.33 -9.15 -20.03
CA ASP A 305 -2.35 -7.67 -20.12
C ASP A 305 -3.63 -7.22 -20.83
N HIS A 306 -4.55 -6.59 -20.09
CA HIS A 306 -5.85 -6.15 -20.68
C HIS A 306 -5.58 -5.15 -21.82
N THR A 307 -4.61 -4.26 -21.64
CA THR A 307 -4.30 -3.24 -22.67
C THR A 307 -2.81 -3.30 -23.03
N PRO A 308 -2.35 -4.26 -23.86
CA PRO A 308 -0.95 -4.31 -24.27
C PRO A 308 -0.67 -3.25 -25.34
N VAL A 309 0.56 -2.72 -25.38
CA VAL A 309 0.92 -1.73 -26.39
C VAL A 309 0.51 -2.22 -27.77
N ASP A 310 0.61 -3.51 -28.02
CA ASP A 310 0.28 -4.08 -29.32
C ASP A 310 -1.22 -4.30 -29.50
N ASN A 311 -2.03 -3.97 -28.50
CA ASN A 311 -3.49 -4.08 -28.53
C ASN A 311 -3.94 -5.28 -29.36
N LEU A 312 -3.34 -6.44 -29.08
CA LEU A 312 -3.78 -7.70 -29.72
C LEU A 312 -4.22 -8.62 -28.57
N PRO A 313 -5.36 -8.35 -27.89
CA PRO A 313 -5.77 -9.11 -26.71
C PRO A 313 -5.84 -10.64 -26.91
N THR A 314 -5.52 -11.40 -25.86
CA THR A 314 -5.58 -12.88 -25.94
C THR A 314 -6.94 -13.30 -26.51
N ASP A 315 -6.97 -14.38 -27.29
CA ASP A 315 -8.22 -14.82 -27.92
C ASP A 315 -8.87 -15.83 -26.99
N LEU A 316 -9.44 -15.33 -25.89
CA LEU A 316 -9.89 -16.23 -24.83
C LEU A 316 -10.90 -17.24 -25.34
N TYR A 317 -11.64 -16.91 -26.40
CA TYR A 317 -12.71 -17.81 -26.83
C TYR A 317 -12.19 -19.22 -27.01
N ARG A 318 -11.04 -19.39 -27.65
CA ARG A 318 -10.54 -20.72 -27.89
C ARG A 318 -10.24 -21.45 -26.60
N LEU A 319 -9.62 -20.76 -25.64
CA LEU A 319 -9.33 -21.40 -24.36
C LEU A 319 -10.62 -21.83 -23.68
N ALA A 320 -11.62 -20.96 -23.69
CA ALA A 320 -12.91 -21.31 -23.09
C ALA A 320 -13.55 -22.49 -23.81
N HIS A 321 -13.44 -22.51 -25.14
CA HIS A 321 -14.00 -23.61 -25.93
C HIS A 321 -13.35 -24.92 -25.55
N TYR A 322 -12.02 -24.92 -25.42
CA TYR A 322 -11.33 -26.12 -25.01
C TYR A 322 -11.79 -26.54 -23.62
N GLY A 323 -11.93 -25.59 -22.71
CA GLY A 323 -12.49 -25.92 -21.41
C GLY A 323 -13.87 -26.53 -21.53
N GLU A 324 -14.67 -26.01 -22.45
CA GLU A 324 -16.05 -26.49 -22.59
C GLU A 324 -16.07 -27.93 -23.07
N LYS A 325 -15.22 -28.26 -24.04
CA LYS A 325 -15.18 -29.63 -24.55
C LYS A 325 -14.63 -30.59 -23.49
N GLY A 326 -13.75 -30.11 -22.63
CA GLY A 326 -13.13 -30.95 -21.62
C GLY A 326 -11.64 -31.06 -21.83
N VAL A 327 -10.85 -30.45 -20.93
CA VAL A 327 -9.41 -30.35 -21.08
C VAL A 327 -8.75 -31.30 -20.10
N MET A 328 -7.88 -32.18 -20.61
CA MET A 328 -7.24 -33.17 -19.76
C MET A 328 -6.10 -32.56 -18.95
N LEU A 329 -5.08 -32.05 -19.63
CA LEU A 329 -3.82 -31.68 -19.00
C LEU A 329 -3.56 -30.19 -19.19
N LEU A 330 -3.07 -29.55 -18.13
CA LEU A 330 -2.81 -28.12 -18.13
C LEU A 330 -1.41 -27.85 -17.60
N LEU A 331 -0.61 -27.12 -18.38
CA LEU A 331 0.69 -26.65 -17.96
C LEU A 331 0.66 -25.12 -17.95
N SER A 332 0.92 -24.53 -16.80
CA SER A 332 0.71 -23.10 -16.60
C SER A 332 1.90 -22.48 -15.90
N ASP A 333 2.10 -21.19 -16.17
CA ASP A 333 3.13 -20.43 -15.48
C ASP A 333 2.92 -20.51 -13.98
N SER A 334 4.01 -20.52 -13.23
CA SER A 334 3.95 -20.56 -11.78
C SER A 334 4.99 -19.65 -11.14
N THR A 335 5.59 -18.75 -11.91
CA THR A 335 6.74 -18.01 -11.39
C THR A 335 6.36 -17.17 -10.18
N ASN A 336 5.32 -16.35 -10.30
CA ASN A 336 5.03 -15.31 -9.32
C ASN A 336 3.93 -15.74 -8.35
N SER A 337 3.84 -17.04 -8.05
CA SER A 337 2.77 -17.52 -7.19
C SER A 337 2.84 -16.92 -5.79
N HIS A 338 3.95 -16.30 -5.43
CA HIS A 338 4.10 -15.70 -4.11
C HIS A 338 3.47 -14.31 -4.00
N LYS A 339 3.09 -13.69 -5.10
CA LYS A 339 2.61 -12.31 -5.10
C LYS A 339 1.10 -12.29 -5.16
N SER A 340 0.52 -11.18 -4.69
CA SER A 340 -0.92 -10.96 -4.78
C SER A 340 -1.21 -9.73 -5.62
N GLY A 341 -2.46 -9.65 -6.09
CA GLY A 341 -2.82 -8.59 -7.01
C GLY A 341 -2.25 -8.88 -8.38
N THR A 342 -3.02 -8.52 -9.42
CA THR A 342 -2.57 -8.78 -10.82
C THR A 342 -1.37 -7.88 -11.16
N THR A 343 -0.44 -8.38 -11.96
CA THR A 343 0.75 -7.58 -12.36
C THR A 343 0.29 -6.38 -13.22
N PRO A 344 0.93 -5.21 -13.11
CA PRO A 344 0.52 -4.02 -13.86
C PRO A 344 0.76 -4.20 -15.37
N SER A 345 -0.12 -3.65 -16.21
CA SER A 345 0.02 -3.77 -17.68
C SER A 345 1.18 -2.88 -18.16
N GLU A 346 1.95 -3.35 -19.15
CA GLU A 346 3.05 -2.56 -19.69
C GLU A 346 2.64 -1.12 -19.94
N SER A 347 1.35 -0.88 -20.24
CA SER A 347 0.91 0.48 -20.48
C SER A 347 1.12 1.38 -19.28
N THR A 348 1.17 0.81 -18.07
CA THR A 348 1.53 1.60 -16.90
C THR A 348 2.91 2.22 -17.03
N ILE A 349 3.74 1.64 -17.88
CA ILE A 349 5.10 2.15 -18.08
C ILE A 349 5.14 3.38 -18.98
N ALA A 350 4.22 3.44 -19.95
CA ALA A 350 4.20 4.56 -20.91
C ALA A 350 4.43 5.89 -20.17
N PRO A 351 3.60 6.25 -19.16
CA PRO A 351 3.74 7.54 -18.47
C PRO A 351 5.20 7.75 -18.05
N ALA A 352 5.86 6.70 -17.57
CA ALA A 352 7.24 6.85 -17.11
C ALA A 352 8.13 7.41 -18.22
N PHE A 353 8.12 6.76 -19.39
CA PHE A 353 8.90 7.29 -20.50
C PHE A 353 8.48 8.70 -20.85
N ASP A 354 7.17 8.95 -20.95
CA ASP A 354 6.74 10.27 -21.36
C ASP A 354 7.28 11.35 -20.43
N THR A 355 7.05 11.19 -19.12
CA THR A 355 7.47 12.21 -18.17
C THR A 355 8.99 12.34 -18.13
N LEU A 356 9.70 11.21 -18.09
CA LEU A 356 11.15 11.30 -18.03
C LEU A 356 11.72 11.99 -19.26
N PHE A 357 11.15 11.71 -20.43
CA PHE A 357 11.69 12.27 -21.67
C PHE A 357 11.34 13.74 -21.83
N LYS A 358 10.20 14.18 -21.28
CA LYS A 358 9.89 15.61 -21.34
C LYS A 358 10.91 16.41 -20.56
N GLU A 359 11.36 15.88 -19.43
CA GLU A 359 12.27 16.60 -18.53
C GLU A 359 13.74 16.36 -18.86
N ALA A 360 14.06 15.36 -19.67
CA ALA A 360 15.45 15.05 -19.98
C ALA A 360 16.08 16.23 -20.70
N GLN A 361 17.27 16.64 -20.24
CA GLN A 361 18.00 17.73 -20.87
C GLN A 361 19.26 17.26 -21.60
N GLY A 362 19.68 16.01 -21.39
CA GLY A 362 20.91 15.51 -21.97
C GLY A 362 20.69 14.19 -22.69
N ARG A 363 21.75 13.42 -22.78
CA ARG A 363 21.69 12.11 -23.43
C ARG A 363 20.91 11.13 -22.57
N VAL A 364 20.23 10.22 -23.24
CA VAL A 364 19.44 9.18 -22.59
C VAL A 364 20.10 7.84 -22.92
N ILE A 365 20.35 7.04 -21.90
CA ILE A 365 20.92 5.70 -22.07
C ILE A 365 19.86 4.70 -21.64
N MET A 366 19.82 3.55 -22.31
CA MET A 366 18.90 2.47 -21.97
C MET A 366 19.68 1.16 -22.00
N SER A 367 19.53 0.37 -20.93
CA SER A 367 20.23 -0.90 -20.83
C SER A 367 19.24 -2.04 -20.60
N THR A 368 19.27 -3.03 -21.49
CA THR A 368 18.41 -4.21 -21.40
C THR A 368 19.11 -5.37 -22.11
N PHE A 369 18.37 -6.44 -22.35
CA PHE A 369 18.86 -7.64 -22.99
C PHE A 369 18.28 -7.76 -24.39
N SER A 370 18.81 -8.72 -25.16
CA SER A 370 18.56 -8.76 -26.60
C SER A 370 17.12 -9.08 -26.96
N SER A 371 16.30 -9.52 -26.01
CA SER A 371 14.98 -10.06 -26.33
C SER A 371 13.84 -9.34 -25.65
N ASN A 372 14.06 -8.12 -25.15
CA ASN A 372 12.96 -7.31 -24.61
C ASN A 372 12.47 -6.33 -25.67
N ILE A 373 11.91 -6.89 -26.75
CA ILE A 373 11.63 -6.10 -27.94
C ILE A 373 10.57 -5.04 -27.66
N HIS A 374 9.54 -5.39 -26.89
CA HIS A 374 8.46 -4.45 -26.63
C HIS A 374 8.98 -3.19 -25.95
N ARG A 375 9.85 -3.36 -24.95
CA ARG A 375 10.36 -2.23 -24.20
C ARG A 375 11.14 -1.29 -25.10
N VAL A 376 12.06 -1.84 -25.90
CA VAL A 376 12.83 -1.01 -26.80
C VAL A 376 11.91 -0.35 -27.83
N TYR A 377 10.84 -1.05 -28.23
CA TYR A 377 9.89 -0.43 -29.15
C TYR A 377 9.25 0.80 -28.53
N GLN A 378 8.75 0.68 -27.30
CA GLN A 378 8.22 1.84 -26.61
C GLN A 378 9.26 2.95 -26.54
N ALA A 379 10.49 2.59 -26.19
CA ALA A 379 11.53 3.59 -26.00
C ALA A 379 11.81 4.35 -27.29
N ILE A 380 11.97 3.63 -28.40
CA ILE A 380 12.28 4.29 -29.66
C ILE A 380 11.09 5.10 -30.15
N GLN A 381 9.87 4.61 -29.94
CA GLN A 381 8.69 5.38 -30.32
C GLN A 381 8.65 6.70 -29.57
N TYR A 382 8.92 6.66 -28.26
CA TYR A 382 8.96 7.90 -27.50
C TYR A 382 10.11 8.79 -27.96
N GLY A 383 11.28 8.20 -28.22
CA GLY A 383 12.42 9.00 -28.63
C GLY A 383 12.16 9.77 -29.91
N ILE A 384 11.58 9.10 -30.91
CA ILE A 384 11.18 9.82 -32.10
C ILE A 384 10.08 10.83 -31.77
N LYS A 385 9.15 10.46 -30.88
CA LYS A 385 8.20 11.44 -30.37
C LYS A 385 8.91 12.61 -29.70
N TYR A 386 10.09 12.38 -29.15
CA TYR A 386 10.90 13.43 -28.55
C TYR A 386 12.16 13.72 -29.38
N ASN A 387 12.15 13.29 -30.64
CA ASN A 387 13.18 13.68 -31.60
C ASN A 387 14.58 13.25 -31.15
N ARG A 388 14.66 12.05 -30.58
CA ARG A 388 15.93 11.47 -30.18
C ARG A 388 16.31 10.35 -31.13
N LYS A 389 17.44 10.52 -31.81
CA LYS A 389 17.95 9.46 -32.69
C LYS A 389 18.34 8.26 -31.84
N ILE A 390 18.20 7.07 -32.42
CA ILE A 390 18.42 5.83 -31.70
C ILE A 390 19.76 5.24 -32.12
N ALA A 391 20.60 4.91 -31.15
CA ALA A 391 21.86 4.22 -31.38
C ALA A 391 21.74 2.83 -30.79
N VAL A 392 21.76 1.82 -31.65
CA VAL A 392 21.61 0.42 -31.24
C VAL A 392 23.00 -0.19 -31.12
N ILE A 393 23.32 -0.65 -29.91
CA ILE A 393 24.64 -1.21 -29.61
C ILE A 393 24.45 -2.64 -29.17
N GLY A 394 25.15 -3.56 -29.84
CA GLY A 394 24.96 -4.98 -29.64
C GLY A 394 24.31 -5.60 -30.86
N ARG A 395 25.07 -6.40 -31.60
CA ARG A 395 24.58 -6.90 -32.88
C ARG A 395 23.29 -7.70 -32.72
N SER A 396 23.03 -8.23 -31.52
CA SER A 396 21.78 -8.93 -31.28
C SER A 396 20.59 -7.99 -31.45
N MET A 397 20.67 -6.79 -30.88
CA MET A 397 19.64 -5.79 -31.12
C MET A 397 19.48 -5.50 -32.61
N GLU A 398 20.59 -5.33 -33.32
CA GLU A 398 20.48 -4.96 -34.74
C GLU A 398 19.78 -6.06 -35.52
N LYS A 399 20.13 -7.33 -35.26
CA LYS A 399 19.51 -8.42 -36.01
C LYS A 399 18.04 -8.56 -35.64
N ASN A 400 17.71 -8.41 -34.35
CA ASN A 400 16.31 -8.48 -33.96
C ASN A 400 15.51 -7.37 -34.63
N LEU A 401 16.06 -6.15 -34.63
CA LEU A 401 15.37 -5.03 -35.27
C LEU A 401 15.16 -5.30 -36.75
N ASP A 402 16.20 -5.73 -37.45
CA ASP A 402 16.06 -5.96 -38.89
C ASP A 402 15.07 -7.07 -39.17
N ILE A 403 15.12 -8.17 -38.41
CA ILE A 403 14.19 -9.26 -38.64
C ILE A 403 12.76 -8.81 -38.42
N ALA A 404 12.49 -8.17 -37.28
CA ALA A 404 11.12 -7.73 -37.00
C ALA A 404 10.63 -6.70 -38.01
N ARG A 405 11.45 -5.69 -38.32
CA ARG A 405 11.04 -4.66 -39.25
C ARG A 405 10.78 -5.24 -40.63
N GLU A 406 11.64 -6.15 -41.09
CA GLU A 406 11.36 -6.84 -42.35
C GLU A 406 10.08 -7.66 -42.26
N LEU A 407 9.84 -8.29 -41.10
CA LEU A 407 8.60 -9.01 -40.88
C LEU A 407 7.40 -8.09 -40.72
N GLY A 408 7.61 -6.79 -40.61
CA GLY A 408 6.51 -5.84 -40.57
C GLY A 408 5.78 -5.74 -39.25
N TYR A 409 6.29 -6.38 -38.19
CA TYR A 409 5.65 -6.25 -36.88
C TYR A 409 5.63 -4.81 -36.40
N ILE A 410 6.56 -3.98 -36.87
CA ILE A 410 6.66 -2.59 -36.45
C ILE A 410 7.08 -1.74 -37.64
N HIS A 411 7.00 -0.43 -37.47
CA HIS A 411 7.35 0.54 -38.51
C HIS A 411 8.50 1.40 -38.00
N LEU A 412 9.58 1.51 -38.77
CA LEU A 412 10.76 2.25 -38.26
C LEU A 412 11.52 2.93 -39.41
N PRO A 413 11.74 4.26 -39.37
CA PRO A 413 12.54 4.95 -40.40
C PRO A 413 14.02 4.62 -40.15
N TYR A 414 14.66 3.88 -41.06
CA TYR A 414 16.04 3.47 -40.85
C TYR A 414 16.93 4.67 -40.61
N GLN A 415 16.67 5.78 -41.30
CA GLN A 415 17.49 6.97 -41.15
C GLN A 415 17.51 7.48 -39.71
N SER A 416 16.49 7.15 -38.92
CA SER A 416 16.45 7.57 -37.53
C SER A 416 17.43 6.83 -36.64
N PHE A 417 18.05 5.75 -37.13
CA PHE A 417 18.97 4.95 -36.35
C PHE A 417 20.40 5.40 -36.63
N ILE A 418 21.22 5.38 -35.58
CA ILE A 418 22.55 5.97 -35.59
C ILE A 418 23.51 5.01 -34.90
N GLU A 419 24.81 5.25 -35.09
CA GLU A 419 25.85 4.50 -34.41
C GLU A 419 26.36 5.28 -33.21
N ALA A 420 26.93 4.55 -32.26
CA ALA A 420 27.49 5.20 -31.06
C ALA A 420 28.62 6.14 -31.44
N ASN A 421 29.46 5.73 -32.38
CA ASN A 421 30.59 6.57 -32.79
C ASN A 421 30.15 7.92 -33.31
N GLU A 422 28.91 8.05 -33.76
CA GLU A 422 28.39 9.31 -34.26
C GLU A 422 27.72 10.17 -33.20
N VAL A 423 27.62 9.67 -31.95
CA VAL A 423 26.91 10.41 -30.91
C VAL A 423 27.55 11.77 -30.68
N ALA A 424 28.88 11.84 -30.74
CA ALA A 424 29.57 13.11 -30.52
C ALA A 424 29.18 14.15 -31.55
N LYS A 425 28.61 13.74 -32.69
CA LYS A 425 28.17 14.70 -33.69
C LYS A 425 26.80 15.28 -33.40
N TYR A 426 26.06 14.69 -32.45
CA TYR A 426 24.67 15.13 -32.21
C TYR A 426 24.53 15.80 -30.84
N PRO A 427 23.51 16.67 -30.65
CA PRO A 427 23.28 17.31 -29.34
C PRO A 427 22.87 16.23 -28.32
N ASP A 428 23.13 16.47 -27.03
CA ASP A 428 22.83 15.47 -26.02
C ASP A 428 21.35 15.13 -25.99
N ASN A 429 20.49 16.13 -26.04
CA ASN A 429 19.05 15.94 -25.96
C ASN A 429 18.48 15.22 -27.18
N GLU A 430 19.24 15.04 -28.25
CA GLU A 430 18.80 14.29 -29.42
C GLU A 430 19.38 12.88 -29.43
N VAL A 431 19.98 12.45 -28.33
CA VAL A 431 20.77 11.21 -28.29
C VAL A 431 20.11 10.24 -27.32
N LEU A 432 19.66 9.10 -27.84
CA LEU A 432 19.16 8.00 -27.04
C LEU A 432 19.88 6.74 -27.48
N ILE A 433 20.54 6.07 -26.54
CA ILE A 433 21.38 4.93 -26.83
C ILE A 433 20.74 3.67 -26.28
N VAL A 434 20.86 2.58 -27.03
CA VAL A 434 20.34 1.27 -26.65
C VAL A 434 21.54 0.36 -26.46
N THR A 435 21.58 -0.37 -25.35
CA THR A 435 22.76 -1.13 -24.98
C THR A 435 22.41 -2.56 -24.59
N THR A 436 23.16 -3.50 -25.16
CA THR A 436 23.09 -4.91 -24.80
C THR A 436 24.36 -5.60 -25.26
N GLY A 437 24.77 -6.61 -24.51
CA GLY A 437 25.97 -7.36 -24.84
C GLY A 437 25.66 -8.63 -25.60
N SER A 438 26.34 -9.72 -25.26
CA SER A 438 26.04 -11.02 -25.83
C SER A 438 24.70 -11.52 -25.30
N GLN A 439 24.32 -12.72 -25.72
CA GLN A 439 23.09 -13.31 -25.24
C GLN A 439 23.11 -13.40 -23.71
N GLY A 440 22.24 -12.62 -23.07
CA GLY A 440 22.15 -12.59 -21.62
C GLY A 440 23.01 -11.54 -20.95
N GLU A 441 23.84 -10.83 -21.70
CA GLU A 441 24.73 -9.83 -21.10
C GLU A 441 24.17 -8.42 -21.29
N THR A 442 24.03 -7.70 -20.17
CA THR A 442 23.47 -6.35 -20.20
C THR A 442 24.37 -5.32 -19.52
N MET A 443 24.95 -5.65 -18.37
CA MET A 443 25.70 -4.68 -17.58
C MET A 443 27.20 -4.87 -17.66
N SER A 444 27.70 -5.80 -18.46
CA SER A 444 29.11 -5.75 -18.82
C SER A 444 29.40 -4.45 -19.56
N ALA A 445 28.52 -4.09 -20.49
CA ALA A 445 28.62 -2.80 -21.15
C ALA A 445 28.54 -1.67 -20.14
N LEU A 446 27.59 -1.73 -19.21
CA LEU A 446 27.47 -0.67 -18.22
C LEU A 446 28.75 -0.52 -17.40
N TYR A 447 29.31 -1.64 -16.93
CA TYR A 447 30.49 -1.57 -16.10
C TYR A 447 31.66 -0.99 -16.86
N ARG A 448 31.85 -1.42 -18.12
CA ARG A 448 32.93 -0.82 -18.91
C ARG A 448 32.68 0.65 -19.19
N MET A 449 31.41 1.06 -19.24
CA MET A 449 31.09 2.48 -19.39
C MET A 449 31.46 3.26 -18.13
N ALA A 450 31.24 2.68 -16.96
CA ALA A 450 31.72 3.28 -15.73
C ALA A 450 33.24 3.21 -15.60
N THR A 451 33.86 2.22 -16.22
CA THR A 451 35.32 2.13 -16.25
C THR A 451 35.90 2.85 -17.46
N ASP A 452 35.05 3.28 -18.40
CA ASP A 452 35.41 4.26 -19.43
C ASP A 452 36.25 3.66 -20.56
N GLU A 453 36.13 2.35 -20.83
CA GLU A 453 36.82 1.74 -21.95
C GLU A 453 35.86 1.41 -23.10
N HIS A 454 34.63 1.91 -23.05
CA HIS A 454 33.67 1.60 -24.12
C HIS A 454 34.12 2.22 -25.44
N ARG A 455 34.98 3.23 -25.38
CA ARG A 455 35.61 3.91 -26.51
C ARG A 455 34.60 4.29 -27.60
N HIS A 456 33.32 4.38 -27.26
CA HIS A 456 32.30 5.00 -28.09
C HIS A 456 31.43 5.98 -27.33
N ILE A 457 31.28 5.78 -26.03
CA ILE A 457 30.40 6.60 -25.20
C ILE A 457 31.17 7.05 -23.97
N SER A 458 31.03 8.33 -23.63
CA SER A 458 31.57 8.88 -22.39
C SER A 458 30.42 9.34 -21.51
N ILE A 459 30.31 8.74 -20.32
CA ILE A 459 29.22 9.08 -19.42
C ILE A 459 29.37 10.53 -18.99
N LYS A 460 28.24 11.25 -18.96
CA LYS A 460 28.28 12.70 -18.60
C LYS A 460 27.32 12.95 -17.42
N PRO A 461 27.51 14.03 -16.63
CA PRO A 461 26.66 14.29 -15.47
C PRO A 461 25.22 14.63 -15.87
N ASN A 462 25.01 15.11 -17.10
CA ASN A 462 23.67 15.50 -17.51
C ASN A 462 22.89 14.33 -18.10
N ASP A 463 23.45 13.14 -18.08
CA ASP A 463 22.80 11.99 -18.70
C ASP A 463 21.69 11.43 -17.81
N LEU A 464 20.74 10.76 -18.45
CA LEU A 464 19.66 10.06 -17.77
C LEU A 464 19.70 8.61 -18.22
N VAL A 465 19.96 7.69 -17.29
CA VAL A 465 20.18 6.28 -17.62
C VAL A 465 19.01 5.47 -17.08
N ILE A 466 18.37 4.71 -17.96
CA ILE A 466 17.27 3.82 -17.60
C ILE A 466 17.80 2.39 -17.63
N ILE A 467 17.65 1.71 -16.50
CA ILE A 467 18.23 0.40 -16.28
C ILE A 467 17.12 -0.62 -16.17
N SER A 468 17.12 -1.62 -17.04
CA SER A 468 16.25 -2.78 -16.91
C SER A 468 17.00 -4.01 -17.41
N ALA A 469 17.71 -4.67 -16.50
CA ALA A 469 18.32 -5.95 -16.81
C ALA A 469 17.40 -7.07 -16.34
N LYS A 470 17.72 -8.29 -16.75
CA LYS A 470 16.90 -9.42 -16.36
C LYS A 470 16.96 -9.61 -14.85
N ALA A 471 15.88 -9.21 -14.19
CA ALA A 471 15.87 -9.11 -12.73
C ALA A 471 15.70 -10.49 -12.10
N ILE A 472 16.73 -11.31 -12.21
CA ILE A 472 16.70 -12.63 -11.50
C ILE A 472 17.38 -12.42 -10.14
N PRO A 473 16.85 -12.96 -9.02
CA PRO A 473 17.42 -12.70 -7.69
C PRO A 473 18.93 -12.99 -7.61
N GLY A 474 19.68 -12.17 -6.87
CA GLY A 474 21.10 -12.39 -6.72
C GLY A 474 21.97 -11.45 -7.53
N ASN A 475 21.38 -10.62 -8.37
CA ASN A 475 22.12 -9.63 -9.14
C ASN A 475 22.10 -8.25 -8.49
N GLU A 476 21.53 -8.13 -7.29
CA GLU A 476 21.44 -6.82 -6.65
C GLU A 476 22.82 -6.24 -6.40
N ALA A 477 23.81 -7.09 -6.11
CA ALA A 477 25.15 -6.59 -5.83
C ALA A 477 25.73 -5.87 -7.04
N SER A 478 25.63 -6.48 -8.22
CA SER A 478 26.15 -5.85 -9.43
C SER A 478 25.42 -4.54 -9.71
N VAL A 479 24.09 -4.54 -9.57
CA VAL A 479 23.31 -3.34 -9.79
C VAL A 479 23.77 -2.23 -8.86
N SER A 480 23.95 -2.57 -7.57
CA SER A 480 24.40 -1.57 -6.61
C SER A 480 25.78 -1.03 -6.98
N ALA A 481 26.71 -1.92 -7.35
CA ALA A 481 28.05 -1.48 -7.70
C ALA A 481 28.01 -0.50 -8.86
N VAL A 482 27.33 -0.88 -9.95
CA VAL A 482 27.26 -0.01 -11.11
C VAL A 482 26.58 1.29 -10.74
N LEU A 483 25.56 1.23 -9.89
CA LEU A 483 24.83 2.44 -9.51
C LEU A 483 25.74 3.41 -8.75
N ASN A 484 26.52 2.89 -7.80
CA ASN A 484 27.46 3.76 -7.10
C ASN A 484 28.47 4.35 -8.06
N PHE A 485 29.02 3.53 -8.95
CA PHE A 485 30.01 4.05 -9.89
C PHE A 485 29.41 5.12 -10.80
N LEU A 486 28.14 4.98 -11.15
CA LEU A 486 27.48 5.99 -11.96
C LEU A 486 27.25 7.27 -11.17
N ILE A 487 26.82 7.16 -9.92
CA ILE A 487 26.65 8.38 -9.13
C ILE A 487 28.00 9.07 -8.95
N LYS A 488 29.09 8.30 -8.82
CA LYS A 488 30.41 8.93 -8.82
C LYS A 488 30.63 9.75 -10.07
N LYS A 489 29.97 9.36 -11.16
CA LYS A 489 29.96 10.16 -12.38
C LYS A 489 28.82 11.18 -12.40
N GLU A 490 28.01 11.22 -11.35
CA GLU A 490 26.96 12.23 -11.20
C GLU A 490 25.90 12.09 -12.29
N ALA A 491 25.36 10.89 -12.42
CA ALA A 491 24.38 10.55 -13.45
C ALA A 491 23.06 10.20 -12.82
N LYS A 492 21.97 10.75 -13.35
CA LYS A 492 20.65 10.40 -12.85
C LYS A 492 20.25 9.02 -13.37
N VAL A 493 19.73 8.20 -12.46
CA VAL A 493 19.44 6.80 -12.73
C VAL A 493 17.96 6.54 -12.48
N ALA A 494 17.33 5.76 -13.37
CA ALA A 494 15.97 5.31 -13.21
C ALA A 494 15.95 3.79 -13.33
N TYR A 495 15.56 3.13 -12.25
CA TYR A 495 15.48 1.67 -12.22
C TYR A 495 14.25 1.11 -11.53
N GLN A 496 13.44 1.94 -10.85
CA GLN A 496 12.36 1.41 -10.03
C GLN A 496 11.32 0.68 -10.85
N GLU A 497 10.94 1.24 -12.00
CA GLU A 497 9.73 0.80 -12.70
C GLU A 497 9.95 -0.39 -13.63
N PHE A 498 11.14 -0.94 -13.90
CA PHE A 498 11.26 -1.89 -14.99
C PHE A 498 11.74 -3.27 -14.52
N ASP A 499 12.14 -3.39 -13.27
CA ASP A 499 12.59 -4.67 -12.75
C ASP A 499 11.37 -5.49 -12.32
N ASN A 500 11.60 -6.65 -11.71
CA ASN A 500 10.49 -7.50 -11.30
C ASN A 500 9.64 -6.88 -10.19
N ILE A 501 10.15 -5.85 -9.51
CA ILE A 501 9.41 -5.27 -8.40
C ILE A 501 8.08 -4.69 -8.88
N HIS A 502 8.10 -3.96 -10.00
CA HIS A 502 6.86 -3.47 -10.59
C HIS A 502 6.27 -4.47 -11.57
N VAL A 503 7.01 -4.81 -12.62
CA VAL A 503 6.55 -5.68 -13.69
C VAL A 503 7.43 -6.92 -13.71
N SER A 504 6.94 -8.01 -13.13
CA SER A 504 7.65 -9.28 -13.18
C SER A 504 7.42 -10.04 -14.48
N GLY A 505 6.38 -9.70 -15.22
CA GLY A 505 6.15 -10.30 -16.51
C GLY A 505 5.47 -11.65 -16.44
N HIS A 506 5.20 -12.15 -15.23
CA HIS A 506 4.54 -13.43 -15.05
C HIS A 506 3.35 -13.29 -14.11
N ALA A 507 2.34 -14.12 -14.36
CA ALA A 507 1.04 -13.96 -13.72
C ALA A 507 1.16 -14.01 -12.21
N ALA A 508 0.29 -13.26 -11.54
CA ALA A 508 0.17 -13.31 -10.09
C ALA A 508 -0.93 -14.30 -9.71
N GLN A 509 -1.32 -14.32 -8.44
CA GLN A 509 -2.31 -15.27 -7.97
C GLN A 509 -3.65 -15.07 -8.67
N GLU A 510 -4.09 -13.81 -8.78
CA GLU A 510 -5.39 -13.55 -9.41
C GLU A 510 -5.42 -14.02 -10.85
N GLU A 511 -4.34 -13.75 -11.59
CA GLU A 511 -4.31 -14.14 -12.99
C GLU A 511 -4.32 -15.66 -13.14
N GLN A 512 -3.57 -16.35 -12.30
CA GLN A 512 -3.58 -17.81 -12.32
C GLN A 512 -4.98 -18.34 -12.03
N LYS A 513 -5.65 -17.77 -11.03
CA LYS A 513 -7.01 -18.21 -10.73
C LYS A 513 -7.93 -17.97 -11.92
N LEU A 514 -7.78 -16.82 -12.59
CA LEU A 514 -8.62 -16.53 -13.74
C LEU A 514 -8.41 -17.54 -14.84
N MET A 515 -7.14 -17.87 -15.14
CA MET A 515 -6.88 -18.93 -16.10
C MET A 515 -7.52 -20.23 -15.67
N LEU A 516 -7.33 -20.60 -14.41
CA LEU A 516 -7.85 -21.87 -13.91
C LEU A 516 -9.35 -21.97 -14.14
N ARG A 517 -10.08 -20.91 -13.80
CA ARG A 517 -11.52 -20.92 -14.05
C ARG A 517 -11.83 -20.97 -15.55
N LEU A 518 -11.08 -20.22 -16.36
CA LEU A 518 -11.30 -20.28 -17.80
C LEU A 518 -11.16 -21.70 -18.32
N ILE A 519 -10.32 -22.51 -17.69
CA ILE A 519 -10.00 -23.82 -18.22
C ILE A 519 -10.91 -24.91 -17.67
N LYS A 520 -11.15 -24.87 -16.36
CA LYS A 520 -11.95 -25.94 -15.71
C LYS A 520 -11.32 -27.27 -16.11
N PRO A 521 -10.00 -27.47 -15.92
CA PRO A 521 -9.32 -28.68 -16.38
C PRO A 521 -9.37 -29.83 -15.37
N LYS A 522 -9.13 -31.06 -15.83
CA LYS A 522 -9.11 -32.23 -14.96
C LYS A 522 -7.78 -32.39 -14.25
N PHE A 523 -6.68 -32.11 -14.94
CA PHE A 523 -5.35 -32.33 -14.41
C PHE A 523 -4.50 -31.08 -14.54
N PHE A 524 -4.02 -30.59 -13.39
CA PHE A 524 -3.23 -29.38 -13.31
C PHE A 524 -1.84 -29.72 -12.84
N LEU A 525 -0.83 -29.27 -13.60
CA LEU A 525 0.59 -29.55 -13.24
C LEU A 525 1.42 -28.29 -13.48
N PRO A 526 1.97 -27.64 -12.44
CA PRO A 526 2.70 -26.38 -12.61
C PRO A 526 4.10 -26.57 -13.21
N VAL A 527 4.54 -25.63 -14.04
CA VAL A 527 5.86 -25.69 -14.65
C VAL A 527 6.47 -24.30 -14.61
N HIS A 528 7.76 -24.21 -14.94
CA HIS A 528 8.47 -22.93 -15.07
C HIS A 528 8.53 -22.21 -13.73
N GLY A 529 9.15 -22.88 -12.77
CA GLY A 529 9.33 -22.32 -11.45
C GLY A 529 10.03 -23.29 -10.53
N GLU A 530 10.27 -22.82 -9.31
CA GLU A 530 10.92 -23.62 -8.29
C GLU A 530 9.87 -24.43 -7.53
N TYR A 531 10.31 -25.26 -6.60
CA TYR A 531 9.37 -26.15 -5.92
C TYR A 531 8.41 -25.33 -5.05
N ASN A 532 8.89 -24.29 -4.40
CA ASN A 532 8.01 -23.45 -3.59
C ASN A 532 6.94 -22.77 -4.43
N HIS A 533 7.33 -22.23 -5.59
CA HIS A 533 6.37 -21.52 -6.42
C HIS A 533 5.28 -22.45 -6.93
N VAL A 534 5.67 -23.64 -7.37
CA VAL A 534 4.67 -24.60 -7.81
C VAL A 534 3.80 -25.03 -6.63
N ALA A 535 4.39 -25.14 -5.43
CA ALA A 535 3.57 -25.47 -4.27
C ALA A 535 2.50 -24.41 -4.04
N ARG A 536 2.90 -23.14 -4.07
CA ARG A 536 1.92 -22.08 -3.84
C ARG A 536 0.87 -22.06 -4.94
N HIS A 537 1.28 -22.27 -6.19
CA HIS A 537 0.33 -22.30 -7.27
C HIS A 537 -0.67 -23.44 -7.07
N LYS A 538 -0.18 -24.60 -6.64
CA LYS A 538 -1.08 -25.73 -6.38
C LYS A 538 -2.05 -25.38 -5.26
N GLN A 539 -1.57 -24.69 -4.23
CA GLN A 539 -2.47 -24.24 -3.17
C GLN A 539 -3.57 -23.35 -3.74
N THR A 540 -3.18 -22.39 -4.57
CA THR A 540 -4.18 -21.52 -5.20
C THR A 540 -5.18 -22.35 -5.99
N ALA A 541 -4.69 -23.37 -6.69
CA ALA A 541 -5.61 -24.24 -7.44
C ALA A 541 -6.57 -24.94 -6.51
N ILE A 542 -6.08 -25.41 -5.36
CA ILE A 542 -6.98 -25.99 -4.37
C ILE A 542 -8.07 -24.99 -4.01
N SER A 543 -7.69 -23.74 -3.81
CA SER A 543 -8.69 -22.72 -3.49
C SER A 543 -9.72 -22.57 -4.59
N CYS A 544 -9.41 -23.00 -5.81
CA CYS A 544 -10.34 -22.91 -6.93
C CYS A 544 -11.22 -24.15 -7.05
N GLY A 545 -11.11 -25.10 -6.13
CA GLY A 545 -11.97 -26.26 -6.14
C GLY A 545 -11.45 -27.43 -6.95
N VAL A 546 -10.18 -27.38 -7.33
CA VAL A 546 -9.55 -28.52 -8.08
C VAL A 546 -9.23 -29.63 -7.08
N PRO A 547 -9.70 -30.88 -7.30
CA PRO A 547 -9.41 -32.00 -6.39
C PRO A 547 -7.89 -32.23 -6.31
N GLU A 548 -7.36 -32.40 -5.09
CA GLU A 548 -5.92 -32.57 -4.95
C GLU A 548 -5.38 -33.69 -5.83
N LYS A 549 -6.11 -34.80 -5.92
CA LYS A 549 -5.54 -35.99 -6.55
C LYS A 549 -5.30 -35.80 -8.04
N ASN A 550 -5.61 -34.64 -8.61
CA ASN A 550 -5.27 -34.32 -9.98
C ASN A 550 -4.23 -33.22 -10.10
N ILE A 551 -3.42 -33.01 -9.06
CA ILE A 551 -2.37 -32.00 -9.08
C ILE A 551 -1.09 -32.66 -8.62
N TYR A 552 -0.02 -32.48 -9.38
CA TYR A 552 1.29 -33.01 -9.06
C TYR A 552 2.34 -31.92 -9.14
N LEU A 553 3.39 -32.07 -8.34
CA LEU A 553 4.55 -31.17 -8.38
C LEU A 553 5.73 -32.00 -8.88
N MET A 554 6.30 -31.58 -10.00
CA MET A 554 7.34 -32.34 -10.66
C MET A 554 8.72 -31.96 -10.14
N GLU A 555 9.66 -32.90 -10.32
CA GLU A 555 11.08 -32.63 -10.16
C GLU A 555 11.76 -32.97 -11.46
N ASP A 556 12.72 -32.13 -11.85
CA ASP A 556 13.36 -32.29 -13.15
C ASP A 556 13.85 -33.72 -13.34
N GLY A 557 13.52 -34.31 -14.48
CA GLY A 557 13.95 -35.65 -14.80
C GLY A 557 12.86 -36.69 -14.57
N ASP A 558 11.79 -36.31 -13.89
CA ASP A 558 10.75 -37.26 -13.55
C ASP A 558 9.95 -37.68 -14.78
N GLN A 559 9.28 -38.82 -14.67
CA GLN A 559 8.30 -39.26 -15.64
C GLN A 559 6.95 -39.35 -14.95
N VAL A 560 5.90 -38.92 -15.62
CA VAL A 560 4.54 -39.06 -15.08
C VAL A 560 3.65 -39.62 -16.18
N GLU A 561 3.03 -40.77 -15.91
CA GLU A 561 2.05 -41.35 -16.81
C GLU A 561 0.69 -40.75 -16.52
N VAL A 562 0.05 -40.19 -17.54
CA VAL A 562 -1.23 -39.53 -17.39
C VAL A 562 -2.22 -40.17 -18.35
N GLY A 563 -3.38 -40.58 -17.83
CA GLY A 563 -4.41 -41.22 -18.68
C GLY A 563 -5.68 -40.40 -18.74
N PRO A 564 -6.82 -40.97 -19.18
CA PRO A 564 -8.09 -40.24 -19.19
C PRO A 564 -8.53 -39.89 -17.77
N ALA A 565 -8.39 -40.83 -16.83
CA ALA A 565 -8.77 -40.58 -15.42
C ALA A 565 -7.73 -41.21 -14.48
N PHE A 566 -6.46 -41.16 -14.87
CA PHE A 566 -5.37 -41.77 -14.04
C PHE A 566 -4.09 -40.93 -14.17
N ILE A 567 -3.31 -40.84 -13.10
CA ILE A 567 -2.06 -40.09 -13.13
C ILE A 567 -1.17 -40.60 -12.01
N LYS A 568 0.10 -40.85 -12.32
CA LYS A 568 1.01 -41.36 -11.29
C LYS A 568 2.45 -41.16 -11.74
N LYS A 569 3.36 -41.24 -10.77
CA LYS A 569 4.78 -41.24 -11.06
C LYS A 569 5.25 -42.66 -11.38
N VAL A 570 6.19 -42.76 -12.32
CA VAL A 570 6.69 -44.06 -12.76
C VAL A 570 8.19 -44.20 -12.60
N GLY A 571 8.94 -43.10 -12.55
CA GLY A 571 10.38 -43.19 -12.41
C GLY A 571 11.02 -41.85 -12.69
N THR A 572 12.35 -41.86 -12.73
CA THR A 572 13.13 -40.65 -12.91
C THR A 572 14.08 -40.85 -14.08
N ILE A 573 14.36 -39.75 -14.79
CA ILE A 573 15.32 -39.77 -15.89
C ILE A 573 16.41 -38.75 -15.61
N LYS A 574 17.57 -38.96 -16.20
CA LYS A 574 18.79 -38.24 -15.83
C LYS A 574 18.74 -36.84 -16.43
N SER A 575 18.63 -35.84 -15.56
CA SER A 575 18.60 -34.44 -15.96
C SER A 575 19.87 -33.75 -15.48
N GLY A 576 20.34 -32.80 -16.27
CA GLY A 576 21.59 -32.14 -15.96
C GLY A 576 21.78 -30.92 -16.81
N LYS A 577 22.82 -30.15 -16.49
CA LYS A 577 23.11 -28.89 -17.14
C LYS A 577 24.53 -28.92 -17.70
N SER A 578 24.78 -28.06 -18.67
CA SER A 578 26.10 -27.95 -19.28
C SER A 578 26.43 -26.47 -19.50
N TYR A 579 27.69 -26.11 -19.27
CA TYR A 579 28.12 -24.73 -19.48
C TYR A 579 28.41 -24.48 -20.95
N VAL A 580 28.34 -23.22 -21.34
CA VAL A 580 28.83 -22.76 -22.64
C VAL A 580 29.49 -21.42 -22.46
N ASP A 581 30.67 -21.25 -23.04
CA ASP A 581 31.41 -19.99 -22.97
C ASP A 581 30.92 -19.09 -24.10
N ASN A 582 30.54 -17.86 -23.75
CA ASN A 582 30.00 -16.93 -24.73
C ASN A 582 30.97 -16.60 -25.85
N GLN A 583 32.26 -16.83 -25.66
CA GLN A 583 33.23 -16.59 -26.71
C GLN A 583 33.38 -17.79 -27.64
N SER A 584 33.55 -18.99 -27.07
CA SER A 584 33.72 -20.19 -27.88
C SER A 584 32.40 -20.78 -28.34
N ASN A 585 31.35 -20.72 -27.52
CA ASN A 585 30.03 -21.22 -27.89
C ASN A 585 30.05 -22.75 -28.09
N LEU A 586 30.62 -23.44 -27.10
CA LEU A 586 30.67 -24.89 -27.11
C LEU A 586 30.14 -25.43 -25.79
N SER A 587 29.63 -26.66 -25.83
CA SER A 587 29.08 -27.30 -24.65
C SER A 587 30.19 -27.97 -23.85
N ILE A 588 30.24 -27.65 -22.56
CA ILE A 588 31.25 -28.19 -21.66
C ILE A 588 30.52 -28.82 -20.48
N ASP A 589 30.89 -30.06 -20.15
CA ASP A 589 30.32 -30.71 -18.99
C ASP A 589 30.65 -29.91 -17.74
N THR A 590 29.68 -29.85 -16.82
CA THR A 590 29.90 -29.13 -15.58
C THR A 590 30.97 -29.77 -14.71
N SER A 591 31.38 -31.00 -15.03
CA SER A 591 32.36 -31.70 -14.22
C SER A 591 33.70 -30.97 -14.19
N ILE A 592 34.12 -30.44 -15.34
CA ILE A 592 35.45 -29.82 -15.41
C ILE A 592 35.52 -28.62 -14.48
N VAL A 593 34.56 -27.70 -14.60
CA VAL A 593 34.57 -26.52 -13.73
C VAL A 593 34.27 -26.93 -12.29
N GLN A 594 33.45 -27.97 -12.11
CA GLN A 594 33.16 -28.44 -10.76
C GLN A 594 34.42 -28.84 -10.03
N GLN A 595 35.24 -29.69 -10.65
CA GLN A 595 36.50 -30.09 -10.04
C GLN A 595 37.46 -28.90 -9.94
N ARG A 596 37.45 -28.04 -10.96
CA ARG A 596 38.30 -26.85 -10.93
C ARG A 596 38.05 -26.03 -9.67
N GLU A 597 36.79 -25.76 -9.37
CA GLU A 597 36.43 -24.97 -8.21
C GLU A 597 36.53 -25.75 -6.91
N GLU A 598 36.27 -27.06 -6.94
CA GLU A 598 36.45 -27.88 -5.75
C GLU A 598 37.90 -27.87 -5.28
N VAL A 599 38.86 -28.00 -6.19
CA VAL A 599 40.26 -27.89 -5.84
C VAL A 599 40.70 -26.43 -5.69
N ALA A 600 39.90 -25.49 -6.22
CA ALA A 600 40.18 -24.09 -5.98
C ALA A 600 40.19 -23.78 -4.49
N SER A 601 39.32 -24.42 -3.72
CA SER A 601 39.40 -24.37 -2.27
C SER A 601 40.66 -25.10 -1.83
N ALA A 602 41.46 -24.45 -1.00
CA ALA A 602 42.79 -24.93 -0.63
C ALA A 602 43.75 -24.65 -1.78
N GLY A 603 45.04 -24.72 -1.51
CA GLY A 603 46.05 -24.40 -2.49
C GLY A 603 46.35 -25.54 -3.43
N VAL A 604 47.26 -25.30 -4.36
CA VAL A 604 47.74 -26.34 -5.27
C VAL A 604 49.25 -26.24 -5.34
N PHE A 605 49.96 -27.22 -4.76
CA PHE A 605 51.41 -27.24 -4.73
C PHE A 605 51.90 -28.51 -5.43
N ALA A 606 52.73 -28.34 -6.45
CA ALA A 606 53.32 -29.47 -7.14
C ALA A 606 54.84 -29.42 -7.02
N ALA A 607 55.46 -30.58 -7.11
CA ALA A 607 56.91 -30.68 -7.00
C ALA A 607 57.41 -31.82 -7.87
N THR A 608 58.65 -31.69 -8.33
CA THR A 608 59.31 -32.70 -9.13
C THR A 608 60.72 -32.89 -8.60
N ILE A 609 61.06 -34.12 -8.23
CA ILE A 609 62.36 -34.46 -7.67
C ILE A 609 63.01 -35.52 -8.55
N PHE A 610 64.22 -35.24 -9.01
CA PHE A 610 65.00 -36.19 -9.80
C PHE A 610 65.86 -36.99 -8.84
N VAL A 611 65.44 -38.22 -8.55
CA VAL A 611 66.11 -39.06 -7.57
C VAL A 611 66.67 -40.29 -8.28
N ASN A 612 67.72 -40.85 -7.68
CA ASN A 612 68.37 -42.05 -8.18
C ASN A 612 67.80 -43.24 -7.41
N LYS A 613 67.38 -44.27 -8.14
CA LYS A 613 66.82 -45.45 -7.50
C LYS A 613 67.83 -46.13 -6.58
N ASN A 614 69.13 -45.95 -6.83
CA ASN A 614 70.17 -46.53 -6.01
C ASN A 614 70.53 -45.69 -4.80
N LYS A 615 69.99 -44.46 -4.70
CA LYS A 615 70.27 -43.58 -3.58
C LYS A 615 69.07 -43.30 -2.69
N GLN A 616 67.85 -43.54 -3.17
CA GLN A 616 66.64 -43.32 -2.38
C GLN A 616 66.55 -41.87 -1.90
N ALA A 617 67.08 -40.97 -2.73
CA ALA A 617 67.04 -39.55 -2.42
C ALA A 617 67.19 -38.77 -3.71
N LEU A 618 66.80 -37.50 -3.67
CA LEU A 618 66.90 -36.64 -4.85
C LEU A 618 68.37 -36.46 -5.23
N LEU A 619 68.66 -36.70 -6.51
CA LEU A 619 70.01 -36.54 -7.04
C LEU A 619 70.19 -35.19 -7.72
N GLU A 620 69.09 -34.61 -8.22
CA GLU A 620 69.10 -33.29 -8.83
C GLU A 620 68.16 -32.39 -8.05
N SER A 621 68.44 -31.08 -8.12
CA SER A 621 67.62 -30.12 -7.39
C SER A 621 66.17 -30.24 -7.79
N SER A 622 65.29 -30.40 -6.80
CA SER A 622 63.87 -30.51 -7.06
C SER A 622 63.28 -29.14 -7.39
N GLN A 623 62.28 -29.13 -8.28
CA GLN A 623 61.59 -27.92 -8.68
C GLN A 623 60.19 -27.94 -8.11
N PHE A 624 59.79 -26.81 -7.51
CA PHE A 624 58.50 -26.72 -6.84
C PHE A 624 57.73 -25.52 -7.38
N SER A 625 56.40 -25.65 -7.37
CA SER A 625 55.51 -24.57 -7.76
C SER A 625 54.28 -24.63 -6.89
N SER A 626 53.68 -23.46 -6.66
CA SER A 626 52.49 -23.36 -5.82
C SER A 626 51.60 -22.23 -6.33
N LEU A 627 50.30 -22.46 -6.21
CA LEU A 627 49.30 -21.47 -6.58
C LEU A 627 48.21 -21.49 -5.51
N GLY A 628 47.95 -20.33 -4.92
CA GLY A 628 46.98 -20.21 -3.83
C GLY A 628 47.51 -20.59 -2.47
N LEU A 629 48.78 -20.98 -2.36
CA LEU A 629 49.30 -21.41 -1.06
C LEU A 629 49.61 -20.20 -0.18
N VAL A 630 50.54 -19.36 -0.60
CA VAL A 630 50.97 -18.21 0.19
C VAL A 630 51.65 -17.21 -0.73
N GLY A 631 51.75 -15.97 -0.26
CA GLY A 631 52.47 -14.96 -1.02
C GLY A 631 53.90 -15.39 -1.31
N PHE A 632 54.32 -15.18 -2.56
CA PHE A 632 55.62 -15.68 -2.99
C PHE A 632 56.74 -15.17 -2.10
N LYS A 633 56.77 -13.87 -1.82
CA LYS A 633 57.79 -13.32 -0.94
C LYS A 633 57.74 -13.95 0.44
N ASP A 634 56.55 -14.24 0.95
CA ASP A 634 56.39 -14.88 2.26
C ASP A 634 56.28 -16.40 2.17
N GLU A 635 56.03 -16.94 0.97
CA GLU A 635 55.96 -18.38 0.78
C GLU A 635 57.32 -19.02 0.49
N LYS A 636 58.26 -18.21 -0.02
CA LYS A 636 59.61 -18.73 -0.34
C LYS A 636 60.14 -19.53 0.86
N PRO A 637 60.14 -18.96 2.09
CA PRO A 637 60.58 -19.70 3.28
C PRO A 637 59.64 -20.87 3.62
N LEU A 638 58.36 -20.62 3.92
CA LEU A 638 57.46 -21.70 4.42
C LEU A 638 57.47 -22.95 3.55
N ILE A 639 57.14 -22.74 2.29
CA ILE A 639 57.15 -23.89 1.36
C ILE A 639 58.56 -24.47 1.43
N LYS A 640 59.59 -23.63 1.61
CA LYS A 640 61.00 -24.11 1.58
C LYS A 640 61.37 -24.92 2.82
N GLU A 641 60.79 -24.59 3.96
CA GLU A 641 60.82 -25.43 5.18
C GLU A 641 60.20 -26.79 4.87
N ILE A 642 58.98 -26.80 4.34
CA ILE A 642 58.46 -28.18 4.11
C ILE A 642 59.43 -28.83 3.12
N GLN A 643 60.06 -28.02 2.29
CA GLN A 643 60.95 -28.53 1.20
C GLN A 643 62.12 -29.27 1.82
N GLY A 644 62.80 -28.61 2.76
CA GLY A 644 63.92 -29.25 3.46
C GLY A 644 63.42 -30.51 4.15
N GLY A 645 62.29 -30.46 4.86
CA GLY A 645 61.88 -31.73 5.48
C GLY A 645 61.80 -32.83 4.43
N LEU A 646 61.14 -32.56 3.31
CA LEU A 646 60.94 -33.58 2.25
C LEU A 646 62.28 -34.07 1.67
N GLU A 647 63.22 -33.17 1.36
CA GLU A 647 64.49 -33.57 0.70
C GLU A 647 65.36 -34.31 1.72
N MET A 648 65.13 -34.07 3.03
CA MET A 648 65.85 -34.85 4.08
C MET A 648 65.28 -36.26 4.02
N LEU A 649 63.95 -36.36 4.12
CA LEU A 649 63.29 -37.69 4.01
C LEU A 649 63.96 -38.43 2.85
N LEU A 650 64.22 -37.71 1.74
CA LEU A 650 64.92 -38.33 0.60
C LEU A 650 66.29 -38.81 1.08
N LYS A 651 67.06 -37.93 1.72
CA LYS A 651 68.44 -38.31 2.16
C LYS A 651 68.38 -39.73 2.73
N SER A 652 67.33 -40.07 3.46
CA SER A 652 67.15 -41.45 3.99
C SER A 652 65.74 -41.96 3.66
N SER A 653 65.36 -41.93 2.38
CA SER A 653 64.00 -42.36 1.97
C SER A 653 63.98 -43.88 1.73
N ASN A 654 62.86 -44.40 1.24
CA ASN A 654 62.79 -45.85 0.88
C ASN A 654 63.08 -45.99 -0.62
N ALA A 655 64.13 -46.72 -0.99
CA ALA A 655 64.52 -46.82 -2.41
C ALA A 655 63.33 -47.28 -3.25
N GLU A 656 62.65 -48.34 -2.82
CA GLU A 656 61.49 -48.88 -3.59
C GLU A 656 60.41 -47.80 -3.68
N ILE A 657 60.10 -47.15 -2.56
CA ILE A 657 59.05 -46.08 -2.54
C ILE A 657 59.51 -44.94 -3.45
N LEU A 658 60.80 -44.59 -3.41
CA LEU A 658 61.33 -43.48 -4.23
C LEU A 658 61.30 -43.88 -5.71
N ASN A 659 61.68 -45.12 -6.03
CA ASN A 659 61.74 -45.55 -7.41
C ASN A 659 60.35 -45.73 -8.01
N ASN A 660 59.37 -46.02 -7.14
CA ASN A 660 57.96 -46.21 -7.60
C ASN A 660 57.20 -44.89 -7.46
N PRO A 661 56.87 -44.19 -8.55
CA PRO A 661 56.21 -42.88 -8.46
C PRO A 661 54.98 -42.93 -7.54
N LYS A 662 54.23 -44.03 -7.57
CA LYS A 662 53.00 -44.08 -6.77
C LYS A 662 53.27 -43.85 -5.29
N LYS A 663 54.32 -44.50 -4.76
CA LYS A 663 54.64 -44.32 -3.34
C LYS A 663 55.07 -42.88 -3.06
N LEU A 664 55.87 -42.29 -3.95
CA LEU A 664 56.28 -40.91 -3.78
C LEU A 664 55.08 -39.97 -3.79
N GLU A 665 54.15 -40.19 -4.71
CA GLU A 665 52.95 -39.35 -4.77
C GLU A 665 52.11 -39.49 -3.52
N ASP A 666 51.95 -40.73 -3.03
CA ASP A 666 51.17 -40.93 -1.81
C ASP A 666 51.82 -40.25 -0.62
N HIS A 667 53.14 -40.38 -0.49
CA HIS A 667 53.85 -39.74 0.62
C HIS A 667 53.75 -38.22 0.53
N THR A 668 53.89 -37.68 -0.67
CA THR A 668 53.77 -36.23 -0.85
C THR A 668 52.37 -35.76 -0.50
N ARG A 669 51.35 -36.52 -0.91
CA ARG A 669 49.98 -36.16 -0.57
C ARG A 669 49.75 -36.19 0.92
N ASN A 670 50.28 -37.20 1.61
CA ASN A 670 50.12 -37.26 3.06
C ASN A 670 50.82 -36.09 3.74
N PHE A 671 52.03 -35.76 3.29
CA PHE A 671 52.76 -34.64 3.87
C PHE A 671 52.02 -33.33 3.64
N ILE A 672 51.48 -33.14 2.43
CA ILE A 672 50.74 -31.93 2.13
C ILE A 672 49.48 -31.85 2.98
N ARG A 673 48.79 -32.97 3.15
CA ARG A 673 47.59 -32.99 3.99
C ARG A 673 47.93 -32.61 5.42
N LYS A 674 49.03 -33.16 5.96
CA LYS A 674 49.43 -32.82 7.32
C LYS A 674 49.78 -31.34 7.42
N ALA A 675 50.53 -30.81 6.45
CA ALA A 675 50.93 -29.41 6.50
C ALA A 675 49.72 -28.49 6.41
N LEU A 676 48.77 -28.80 5.53
CA LEU A 676 47.57 -27.98 5.39
C LEU A 676 46.68 -28.08 6.63
N PHE A 677 46.61 -29.26 7.23
CA PHE A 677 45.86 -29.39 8.48
C PHE A 677 46.49 -28.53 9.57
N LYS A 678 47.83 -28.52 9.64
CA LYS A 678 48.51 -27.69 10.63
C LYS A 678 48.30 -26.20 10.36
N LYS A 679 48.35 -25.79 9.09
CA LYS A 679 48.33 -24.37 8.76
C LYS A 679 46.92 -23.79 8.64
N PHE A 680 46.10 -24.32 7.72
CA PHE A 680 44.78 -23.77 7.46
C PHE A 680 43.65 -24.79 7.62
N ARG A 681 43.94 -26.01 8.04
CA ARG A 681 42.92 -27.03 8.26
C ARG A 681 42.30 -27.52 6.96
N LYS A 682 43.12 -27.67 5.91
CA LYS A 682 42.64 -28.09 4.61
C LYS A 682 43.47 -29.29 4.12
N TYR A 683 43.09 -29.81 2.96
CA TYR A 683 43.85 -30.92 2.33
C TYR A 683 43.99 -30.58 0.85
N PRO A 684 44.97 -29.75 0.44
CA PRO A 684 45.06 -29.29 -0.95
C PRO A 684 45.57 -30.32 -1.94
N ALA A 685 45.22 -30.18 -3.22
CA ALA A 685 45.69 -31.09 -4.24
C ALA A 685 47.21 -31.01 -4.36
N ILE A 686 47.85 -32.18 -4.31
CA ILE A 686 49.30 -32.29 -4.38
C ILE A 686 49.66 -33.12 -5.60
N ILE A 687 50.51 -32.57 -6.47
CA ILE A 687 50.99 -33.25 -7.67
C ILE A 687 52.46 -33.58 -7.46
N CYS A 688 52.80 -34.86 -7.61
CA CYS A 688 54.16 -35.33 -7.44
C CYS A 688 54.64 -36.00 -8.72
N HIS A 689 55.87 -35.66 -9.11
CA HIS A 689 56.49 -36.21 -10.30
C HIS A 689 57.84 -36.80 -9.92
N ALA A 690 58.05 -38.07 -10.29
CA ALA A 690 59.29 -38.76 -10.01
C ALA A 690 60.01 -39.06 -11.32
N HIS A 691 61.33 -38.88 -11.30
CA HIS A 691 62.15 -39.10 -12.48
C HIS A 691 63.34 -39.98 -12.12
N SER A 692 63.84 -40.71 -13.11
CA SER A 692 64.99 -41.60 -12.95
C SER A 692 66.05 -41.29 -13.99
N PHE A 693 66.28 -40.00 -14.26
CA PHE A 693 67.27 -39.58 -15.24
C PHE A 693 68.67 -39.77 -14.68
N SER B 141 -35.94 0.31 -42.18
CA SER B 141 -35.07 -0.47 -43.04
C SER B 141 -34.37 -1.57 -42.23
N LYS B 142 -33.13 -1.31 -41.81
CA LYS B 142 -32.42 -2.26 -40.97
C LYS B 142 -33.08 -2.37 -39.60
N ALA B 143 -32.96 -3.55 -39.00
CA ALA B 143 -33.52 -3.77 -37.68
C ALA B 143 -32.82 -2.86 -36.66
N SER B 144 -33.62 -2.34 -35.74
CA SER B 144 -33.10 -1.43 -34.72
C SER B 144 -34.02 -1.44 -33.53
N VAL B 145 -33.53 -0.88 -32.42
CA VAL B 145 -34.28 -0.85 -31.17
C VAL B 145 -34.15 0.55 -30.57
N LYS B 146 -35.00 0.81 -29.58
CA LYS B 146 -35.05 2.10 -28.90
C LYS B 146 -34.94 1.83 -27.40
N ILE B 147 -33.74 2.02 -26.82
CA ILE B 147 -33.50 1.72 -25.38
C ILE B 147 -33.40 3.07 -24.68
N THR B 148 -34.41 3.41 -23.87
CA THR B 148 -34.43 4.66 -23.08
C THR B 148 -34.61 4.21 -21.64
N PRO B 149 -33.77 4.64 -20.69
CA PRO B 149 -33.82 4.08 -19.35
C PRO B 149 -34.61 4.90 -18.34
N LEU B 150 -35.12 4.26 -17.32
CA LEU B 150 -35.99 4.89 -16.33
C LEU B 150 -35.32 5.09 -14.99
N GLY B 151 -34.22 4.40 -14.72
CA GLY B 151 -33.55 4.55 -13.44
C GLY B 151 -32.15 3.98 -13.41
N GLY B 152 -31.32 4.52 -12.53
CA GLY B 152 -29.94 4.11 -12.39
C GLY B 152 -28.92 5.14 -12.84
N LEU B 153 -29.31 6.05 -13.74
CA LEU B 153 -28.41 7.07 -14.26
C LEU B 153 -28.58 8.33 -13.40
N GLY B 154 -27.76 8.43 -12.37
CA GLY B 154 -27.77 9.62 -11.53
C GLY B 154 -27.79 9.32 -10.04
N GLU B 155 -27.72 8.04 -9.67
CA GLU B 155 -27.75 7.66 -8.27
C GLU B 155 -27.50 6.17 -8.15
N ILE B 156 -26.85 5.78 -7.05
CA ILE B 156 -26.66 4.38 -6.72
C ILE B 156 -28.02 3.80 -6.39
N GLY B 157 -28.43 2.80 -7.14
CA GLY B 157 -29.73 2.17 -6.94
C GLY B 157 -30.78 2.78 -7.85
N GLY B 158 -31.99 2.24 -7.71
CA GLY B 158 -33.09 2.70 -8.54
C GLY B 158 -32.84 2.45 -10.01
N ASN B 159 -32.29 1.30 -10.34
CA ASN B 159 -32.02 0.96 -11.73
C ASN B 159 -33.25 0.33 -12.38
N MET B 160 -33.56 0.77 -13.59
CA MET B 160 -34.70 0.23 -14.32
C MET B 160 -34.57 0.65 -15.78
N MET B 161 -34.50 -0.33 -16.68
CA MET B 161 -34.36 -0.07 -18.11
C MET B 161 -35.60 -0.57 -18.85
N VAL B 162 -35.88 0.06 -19.99
CA VAL B 162 -36.98 -0.32 -20.85
C VAL B 162 -36.47 -0.31 -22.29
N ILE B 163 -36.36 -1.49 -22.89
CA ILE B 163 -35.94 -1.62 -24.27
C ILE B 163 -37.20 -1.64 -25.12
N GLU B 164 -37.24 -0.79 -26.14
CA GLU B 164 -38.42 -0.59 -26.97
C GLU B 164 -38.03 -0.79 -28.43
N THR B 165 -38.53 -1.88 -29.02
CA THR B 165 -38.26 -2.17 -30.46
C THR B 165 -39.59 -2.09 -31.22
N PRO B 166 -39.62 -2.20 -32.56
CA PRO B 166 -40.87 -2.19 -33.31
C PRO B 166 -41.82 -3.29 -32.82
N LYS B 167 -43.03 -2.91 -32.39
CA LYS B 167 -44.01 -3.88 -31.87
C LYS B 167 -43.34 -4.79 -30.83
N SER B 168 -42.26 -4.30 -30.21
CA SER B 168 -41.53 -5.10 -29.19
C SER B 168 -41.21 -4.21 -27.97
N ALA B 169 -41.23 -4.79 -26.77
CA ALA B 169 -40.97 -4.00 -25.54
C ALA B 169 -40.63 -4.94 -24.37
N ILE B 170 -39.48 -4.73 -23.73
CA ILE B 170 -39.09 -5.52 -22.58
C ILE B 170 -38.63 -4.60 -21.46
N VAL B 171 -38.81 -5.07 -20.23
CA VAL B 171 -38.43 -4.34 -19.03
C VAL B 171 -37.28 -5.09 -18.38
N ILE B 172 -36.21 -4.37 -18.07
CA ILE B 172 -35.07 -4.91 -17.35
C ILE B 172 -35.03 -4.27 -15.97
N ASP B 173 -35.51 -5.01 -14.97
CA ASP B 173 -35.21 -4.73 -13.57
C ASP B 173 -35.88 -3.47 -13.06
N ALA B 174 -36.16 -3.43 -11.76
CA ALA B 174 -36.78 -2.25 -11.13
C ALA B 174 -36.31 -2.20 -9.67
N GLY B 175 -35.33 -1.35 -9.41
CA GLY B 175 -34.75 -1.22 -8.10
C GLY B 175 -35.26 0.01 -7.34
N MET B 176 -34.60 0.28 -6.22
CA MET B 176 -34.87 1.45 -5.40
C MET B 176 -33.57 2.23 -5.20
N SER B 177 -33.69 3.54 -5.08
CA SER B 177 -32.56 4.43 -4.93
C SER B 177 -32.50 4.98 -3.51
N PHE B 178 -31.34 4.87 -2.85
CA PHE B 178 -31.22 5.32 -1.45
C PHE B 178 -30.21 6.48 -1.37
N PRO B 179 -30.68 7.75 -1.41
CA PRO B 179 -29.79 8.91 -1.37
C PRO B 179 -29.11 9.09 0.00
N LYS B 180 -29.85 8.82 1.10
CA LYS B 180 -29.28 9.06 2.44
C LYS B 180 -29.62 7.88 3.38
N GLU B 181 -29.08 7.90 4.61
CA GLU B 181 -29.34 6.83 5.56
C GLU B 181 -29.06 7.36 6.96
N GLY B 182 -30.08 7.28 7.83
CA GLY B 182 -30.02 7.93 9.12
C GLY B 182 -30.12 7.01 10.32
N LEU B 183 -30.31 7.60 11.51
CA LEU B 183 -30.36 6.82 12.73
C LEU B 183 -31.65 6.02 12.87
N PHE B 184 -32.73 6.44 12.21
CA PHE B 184 -34.01 5.74 12.30
C PHE B 184 -34.40 5.00 11.04
N GLY B 185 -33.73 5.25 9.92
CA GLY B 185 -34.09 4.57 8.68
C GLY B 185 -33.40 5.18 7.50
N VAL B 186 -33.98 4.91 6.32
CA VAL B 186 -33.41 5.32 5.04
C VAL B 186 -34.44 6.15 4.29
N ASP B 187 -33.97 6.78 3.20
CA ASP B 187 -34.84 7.43 2.25
C ASP B 187 -35.41 6.39 1.29
N ILE B 188 -36.70 6.52 1.00
CA ILE B 188 -37.43 5.53 0.22
C ILE B 188 -37.83 6.17 -1.10
N LEU B 189 -37.33 5.62 -2.20
CA LEU B 189 -37.53 6.19 -3.52
C LEU B 189 -37.88 5.08 -4.50
N ILE B 190 -38.95 5.30 -5.28
CA ILE B 190 -39.35 4.31 -6.33
C ILE B 190 -39.44 5.05 -7.67
N PRO B 191 -38.96 4.45 -8.79
CA PRO B 191 -38.94 5.16 -10.07
C PRO B 191 -40.36 5.49 -10.58
N ASP B 192 -40.51 6.63 -11.26
CA ASP B 192 -41.83 7.03 -11.81
C ASP B 192 -42.33 5.94 -12.77
N PHE B 193 -43.64 5.86 -13.00
CA PHE B 193 -44.18 4.82 -13.86
C PHE B 193 -44.92 5.37 -15.08
N SER B 194 -44.83 6.68 -15.32
CA SER B 194 -45.68 7.31 -16.32
C SER B 194 -45.49 6.69 -17.70
N TYR B 195 -44.24 6.49 -18.10
CA TYR B 195 -43.98 5.97 -19.44
C TYR B 195 -44.58 4.60 -19.67
N LEU B 196 -44.52 3.71 -18.67
CA LEU B 196 -45.08 2.38 -18.83
C LEU B 196 -46.51 2.41 -19.34
N HIS B 197 -47.31 3.35 -18.82
CA HIS B 197 -48.72 3.40 -19.20
C HIS B 197 -48.89 3.82 -20.66
N GLN B 198 -47.87 4.40 -21.27
CA GLN B 198 -48.00 4.90 -22.63
C GLN B 198 -48.04 3.76 -23.65
N ILE B 199 -47.16 2.78 -23.51
CA ILE B 199 -47.02 1.70 -24.48
C ILE B 199 -47.39 0.36 -23.88
N LYS B 200 -48.39 0.34 -22.99
CA LYS B 200 -48.76 -0.87 -22.26
C LYS B 200 -48.95 -2.06 -23.19
N ASP B 201 -49.52 -1.83 -24.38
CA ASP B 201 -49.91 -2.90 -25.27
C ASP B 201 -48.73 -3.63 -25.91
N LYS B 202 -47.52 -3.11 -25.77
CA LYS B 202 -46.35 -3.71 -26.42
C LYS B 202 -45.46 -4.53 -25.49
N ILE B 203 -45.42 -4.20 -24.21
CA ILE B 203 -44.42 -4.80 -23.32
C ILE B 203 -44.73 -6.28 -23.15
N ALA B 204 -43.74 -7.12 -23.44
CA ALA B 204 -43.91 -8.56 -23.39
C ALA B 204 -43.57 -9.16 -22.04
N GLY B 205 -43.13 -8.37 -21.07
CA GLY B 205 -42.88 -8.91 -19.74
C GLY B 205 -41.82 -8.17 -18.96
N ILE B 206 -41.62 -8.60 -17.71
CA ILE B 206 -40.62 -8.02 -16.81
C ILE B 206 -39.46 -8.98 -16.71
N ILE B 207 -38.24 -8.46 -16.88
CA ILE B 207 -37.03 -9.33 -16.80
C ILE B 207 -36.22 -8.91 -15.57
N ILE B 208 -36.10 -9.76 -14.54
CA ILE B 208 -35.41 -9.37 -13.27
C ILE B 208 -34.03 -10.02 -13.13
N THR B 209 -32.97 -9.23 -12.92
CA THR B 209 -31.58 -9.73 -12.84
C THR B 209 -31.06 -9.70 -11.40
N HIS B 210 -31.84 -10.20 -10.48
CA HIS B 210 -31.35 -10.38 -9.12
C HIS B 210 -32.42 -11.03 -8.27
N ALA B 211 -31.99 -11.76 -7.26
CA ALA B 211 -32.82 -12.03 -6.08
C ALA B 211 -32.35 -11.11 -4.95
N HIS B 212 -32.70 -9.83 -5.08
CA HIS B 212 -32.10 -8.82 -4.22
C HIS B 212 -32.97 -7.57 -4.25
N GLU B 213 -33.14 -6.97 -3.07
CA GLU B 213 -34.09 -5.88 -2.91
C GLU B 213 -33.71 -4.63 -3.70
N ASP B 214 -32.42 -4.37 -3.86
CA ASP B 214 -31.99 -3.15 -4.53
C ASP B 214 -32.44 -3.10 -5.98
N HIS B 215 -32.87 -4.21 -6.56
CA HIS B 215 -33.14 -4.27 -7.99
C HIS B 215 -34.56 -4.69 -8.35
N ILE B 216 -35.37 -5.11 -7.38
CA ILE B 216 -36.72 -5.58 -7.65
C ILE B 216 -37.71 -4.76 -6.84
N GLY B 217 -37.24 -3.68 -6.22
CA GLY B 217 -38.03 -3.01 -5.21
C GLY B 217 -39.36 -2.46 -5.68
N ALA B 218 -39.38 -1.93 -6.91
CA ALA B 218 -40.60 -1.30 -7.44
C ALA B 218 -41.51 -2.36 -8.08
N THR B 219 -40.97 -3.53 -8.38
CA THR B 219 -41.76 -4.59 -9.07
C THR B 219 -43.10 -4.80 -8.35
N PRO B 220 -43.12 -5.05 -7.02
CA PRO B 220 -44.37 -5.32 -6.32
C PRO B 220 -45.34 -4.13 -6.39
N TYR B 221 -44.85 -2.92 -6.08
CA TYR B 221 -45.70 -1.72 -6.09
C TYR B 221 -46.17 -1.43 -7.54
N LEU B 222 -45.25 -1.59 -8.50
CA LEU B 222 -45.59 -1.31 -9.92
C LEU B 222 -46.87 -2.05 -10.31
N PHE B 223 -47.10 -3.23 -9.73
CA PHE B 223 -48.27 -4.01 -10.12
C PHE B 223 -49.57 -3.47 -9.56
N LYS B 224 -49.50 -2.51 -8.64
CA LYS B 224 -50.71 -1.80 -8.24
C LYS B 224 -51.22 -0.90 -9.37
N GLU B 225 -50.48 -0.79 -10.47
CA GLU B 225 -50.91 -0.04 -11.64
C GLU B 225 -51.03 -0.90 -12.90
N LEU B 226 -50.03 -1.71 -13.21
CA LEU B 226 -49.99 -2.44 -14.48
C LEU B 226 -49.56 -3.88 -14.21
N GLN B 227 -49.92 -4.77 -15.15
CA GLN B 227 -49.59 -6.21 -14.98
C GLN B 227 -48.85 -6.73 -16.22
N PHE B 228 -47.79 -7.53 -16.02
CA PHE B 228 -47.03 -8.11 -17.16
C PHE B 228 -46.33 -9.39 -16.70
N PRO B 229 -46.03 -10.30 -17.63
CA PRO B 229 -45.43 -11.54 -17.25
C PRO B 229 -44.12 -11.22 -16.56
N LEU B 230 -43.85 -11.95 -15.48
CA LEU B 230 -42.56 -11.80 -14.79
C LEU B 230 -41.69 -12.98 -15.23
N TYR B 231 -40.85 -12.82 -16.25
CA TYR B 231 -39.92 -13.93 -16.59
C TYR B 231 -38.65 -13.62 -15.79
N GLY B 232 -38.34 -14.43 -14.78
CA GLY B 232 -37.15 -14.16 -13.94
C GLY B 232 -36.43 -15.45 -13.56
N THR B 233 -35.75 -15.45 -12.40
CA THR B 233 -35.06 -16.68 -11.92
C THR B 233 -35.89 -17.29 -10.78
N PRO B 234 -35.90 -18.62 -10.59
CA PRO B 234 -36.74 -19.23 -9.56
C PRO B 234 -36.54 -18.56 -8.20
N LEU B 235 -35.30 -18.44 -7.75
CA LEU B 235 -35.00 -17.78 -6.45
C LEU B 235 -35.37 -16.30 -6.55
N SER B 236 -34.96 -15.64 -7.64
CA SER B 236 -35.25 -14.21 -7.83
C SER B 236 -36.77 -13.97 -7.84
N LEU B 237 -37.51 -14.86 -8.51
CA LEU B 237 -38.99 -14.71 -8.61
C LEU B 237 -39.62 -14.90 -7.22
N GLY B 238 -39.03 -15.76 -6.38
CA GLY B 238 -39.64 -16.03 -5.08
C GLY B 238 -39.67 -14.76 -4.28
N LEU B 239 -38.52 -14.33 -3.83
CA LEU B 239 -38.40 -13.08 -3.09
C LEU B 239 -39.26 -11.97 -3.70
N ILE B 240 -39.32 -11.89 -5.02
CA ILE B 240 -40.17 -10.89 -5.66
C ILE B 240 -41.63 -11.12 -5.29
N GLY B 241 -42.07 -12.38 -5.28
CA GLY B 241 -43.42 -12.68 -4.86
C GLY B 241 -43.68 -12.32 -3.41
N SER B 242 -42.68 -12.52 -2.54
CA SER B 242 -42.80 -12.06 -1.17
C SER B 242 -43.03 -10.55 -1.14
N LYS B 243 -42.22 -9.81 -1.91
CA LYS B 243 -42.40 -8.36 -1.95
C LYS B 243 -43.80 -8.00 -2.41
N PHE B 244 -44.30 -8.65 -3.45
CA PHE B 244 -45.62 -8.30 -3.97
C PHE B 244 -46.71 -8.61 -2.95
N ASP B 245 -46.64 -9.78 -2.32
CA ASP B 245 -47.63 -10.11 -1.29
C ASP B 245 -47.61 -9.07 -0.18
N GLU B 246 -46.42 -8.60 0.20
CA GLU B 246 -46.35 -7.50 1.15
C GLU B 246 -47.01 -6.25 0.59
N HIS B 247 -46.83 -5.99 -0.72
CA HIS B 247 -47.46 -4.89 -1.41
C HIS B 247 -48.91 -5.18 -1.79
N GLY B 248 -49.39 -6.39 -1.53
CA GLY B 248 -50.74 -6.75 -1.93
C GLY B 248 -50.94 -6.78 -3.42
N LEU B 249 -49.99 -7.35 -4.17
CA LEU B 249 -50.06 -7.41 -5.62
C LEU B 249 -50.03 -8.85 -6.11
N LYS B 250 -50.80 -9.74 -5.46
CA LYS B 250 -50.77 -11.14 -5.83
C LYS B 250 -51.16 -11.36 -7.29
N LYS B 251 -51.89 -10.41 -7.88
CA LYS B 251 -52.24 -10.55 -9.29
C LYS B 251 -51.01 -10.88 -10.12
N TYR B 252 -49.96 -10.10 -9.93
CA TYR B 252 -48.75 -10.21 -10.73
C TYR B 252 -47.98 -11.49 -10.45
N ARG B 253 -48.34 -12.19 -9.38
CA ARG B 253 -47.64 -13.45 -9.00
C ARG B 253 -47.89 -14.50 -10.09
N SER B 254 -49.09 -14.51 -10.66
CA SER B 254 -49.42 -15.48 -11.74
C SER B 254 -48.49 -15.25 -12.93
N TYR B 255 -48.01 -14.01 -13.10
CA TYR B 255 -47.12 -13.67 -14.24
C TYR B 255 -45.76 -14.32 -14.05
N PHE B 256 -45.51 -14.89 -12.86
CA PHE B 256 -44.18 -15.50 -12.57
C PHE B 256 -43.79 -16.45 -13.70
N LYS B 257 -42.61 -16.24 -14.33
CA LYS B 257 -42.14 -17.11 -15.44
CA LYS B 257 -42.14 -17.11 -15.45
C LYS B 257 -40.63 -17.41 -15.36
N ILE B 258 -40.46 -18.60 -14.79
CA ILE B 258 -39.10 -19.10 -14.43
C ILE B 258 -38.25 -19.21 -15.70
N VAL B 259 -37.12 -18.50 -15.76
CA VAL B 259 -36.17 -18.63 -16.91
C VAL B 259 -35.02 -19.52 -16.45
N GLU B 260 -34.57 -20.46 -17.30
CA GLU B 260 -33.52 -21.43 -16.86
C GLU B 260 -32.13 -20.85 -17.16
N LYS B 261 -31.20 -21.01 -16.22
CA LYS B 261 -29.81 -20.52 -16.38
C LYS B 261 -29.22 -21.23 -17.61
N ARG B 262 -28.37 -20.55 -18.40
CA ARG B 262 -27.73 -21.26 -19.54
C ARG B 262 -28.80 -21.77 -20.50
N CYS B 263 -30.08 -21.54 -20.18
CA CYS B 263 -31.18 -21.96 -21.09
C CYS B 263 -31.88 -20.72 -21.66
N PRO B 264 -32.00 -20.59 -22.99
CA PRO B 264 -32.62 -19.41 -23.61
C PRO B 264 -34.14 -19.40 -23.38
N ILE B 265 -34.76 -18.22 -23.42
CA ILE B 265 -36.23 -18.09 -23.19
C ILE B 265 -36.80 -17.14 -24.25
N SER B 266 -37.61 -17.67 -25.19
CA SER B 266 -38.15 -16.83 -26.29
C SER B 266 -39.20 -15.86 -25.76
N VAL B 267 -38.87 -14.56 -25.70
CA VAL B 267 -39.82 -13.53 -25.21
C VAL B 267 -40.29 -12.70 -26.41
N GLY B 268 -41.46 -13.04 -26.99
CA GLY B 268 -41.94 -12.33 -28.18
C GLY B 268 -40.88 -12.32 -29.28
N GLU B 269 -40.59 -11.15 -29.85
CA GLU B 269 -39.53 -11.04 -30.87
C GLU B 269 -38.17 -10.86 -30.19
N PHE B 270 -37.78 -11.81 -29.34
CA PHE B 270 -36.49 -11.72 -28.60
C PHE B 270 -36.18 -13.05 -27.93
N ILE B 271 -34.89 -13.30 -27.64
CA ILE B 271 -34.49 -14.54 -26.98
C ILE B 271 -33.64 -14.13 -25.79
N ILE B 272 -33.93 -14.68 -24.62
CA ILE B 272 -33.34 -14.23 -23.37
C ILE B 272 -32.60 -15.40 -22.74
N GLU B 273 -31.42 -15.14 -22.13
CA GLU B 273 -30.59 -16.15 -21.41
C GLU B 273 -30.05 -15.62 -20.08
N TRP B 274 -30.19 -16.36 -18.97
CA TRP B 274 -29.69 -15.92 -17.64
C TRP B 274 -28.30 -16.51 -17.36
N ILE B 275 -27.19 -15.78 -17.61
CA ILE B 275 -25.78 -16.29 -17.48
C ILE B 275 -25.28 -16.18 -16.05
N HIS B 276 -25.22 -17.28 -15.33
CA HIS B 276 -24.71 -17.11 -13.98
C HIS B 276 -23.48 -16.23 -14.01
N ILE B 277 -23.33 -15.40 -12.98
CA ILE B 277 -22.18 -14.52 -12.85
C ILE B 277 -21.99 -14.17 -11.38
N THR B 278 -20.75 -14.27 -10.93
CA THR B 278 -20.46 -14.18 -9.50
C THR B 278 -20.81 -12.80 -8.98
N HIS B 279 -21.23 -12.77 -7.71
CA HIS B 279 -21.48 -11.52 -7.01
C HIS B 279 -21.72 -11.87 -5.55
N SER B 280 -21.67 -10.84 -4.71
CA SER B 280 -22.06 -11.00 -3.31
C SER B 280 -23.29 -11.89 -3.15
N ILE B 281 -24.34 -11.64 -3.94
CA ILE B 281 -25.64 -12.25 -3.72
C ILE B 281 -25.55 -13.76 -3.96
N ILE B 282 -26.31 -14.54 -3.18
CA ILE B 282 -26.27 -15.99 -3.35
C ILE B 282 -26.58 -16.37 -4.78
N ASP B 283 -27.60 -15.76 -5.36
CA ASP B 283 -27.93 -15.98 -6.76
C ASP B 283 -27.74 -14.67 -7.50
N SER B 284 -27.62 -14.74 -8.82
CA SER B 284 -27.50 -13.58 -9.67
C SER B 284 -27.58 -14.04 -11.11
N SER B 285 -27.42 -13.11 -12.04
CA SER B 285 -27.38 -13.48 -13.44
C SER B 285 -27.16 -12.24 -14.30
N ALA B 286 -26.75 -12.47 -15.54
CA ALA B 286 -26.78 -11.44 -16.56
C ALA B 286 -27.65 -11.89 -17.72
N LEU B 287 -28.09 -10.91 -18.51
CA LEU B 287 -29.01 -11.11 -19.61
C LEU B 287 -28.28 -11.06 -20.93
N ALA B 288 -28.47 -12.11 -21.74
CA ALA B 288 -28.08 -12.10 -23.13
C ALA B 288 -29.35 -12.08 -23.96
N ILE B 289 -29.47 -11.12 -24.87
CA ILE B 289 -30.66 -10.91 -25.67
C ILE B 289 -30.26 -11.15 -27.10
N GLN B 290 -30.87 -12.13 -27.76
CA GLN B 290 -30.73 -12.27 -29.20
C GLN B 290 -31.96 -11.70 -29.90
N THR B 291 -31.73 -11.02 -31.02
CA THR B 291 -32.74 -10.36 -31.81
C THR B 291 -32.30 -10.37 -33.26
N LYS B 292 -33.25 -10.20 -34.18
CA LYS B 292 -32.87 -10.06 -35.57
C LYS B 292 -32.03 -8.82 -35.82
N ALA B 293 -32.02 -7.87 -34.88
CA ALA B 293 -31.15 -6.71 -34.97
C ALA B 293 -29.76 -6.95 -34.42
N GLY B 294 -29.54 -8.04 -33.69
CA GLY B 294 -28.26 -8.30 -33.07
C GLY B 294 -28.41 -8.78 -31.64
N THR B 295 -27.36 -8.71 -30.85
CA THR B 295 -27.40 -9.22 -29.48
C THR B 295 -27.07 -8.10 -28.50
N ILE B 296 -27.71 -8.15 -27.34
CA ILE B 296 -27.58 -7.14 -26.30
C ILE B 296 -27.18 -7.83 -25.01
N ILE B 297 -26.27 -7.22 -24.26
CA ILE B 297 -25.77 -7.79 -23.01
C ILE B 297 -26.05 -6.83 -21.88
N HIS B 298 -26.67 -7.34 -20.81
CA HIS B 298 -26.85 -6.58 -19.57
C HIS B 298 -26.26 -7.40 -18.43
N THR B 299 -25.11 -6.96 -17.91
CA THR B 299 -24.55 -7.59 -16.74
C THR B 299 -25.03 -6.88 -15.48
N GLY B 300 -24.75 -5.59 -15.37
CA GLY B 300 -25.33 -4.77 -14.33
C GLY B 300 -24.66 -4.87 -12.99
N ASP B 301 -24.89 -5.97 -12.27
CA ASP B 301 -24.32 -6.16 -10.95
C ASP B 301 -23.44 -7.40 -11.01
N PHE B 302 -22.13 -7.20 -10.92
CA PHE B 302 -21.21 -8.32 -11.01
C PHE B 302 -19.84 -7.89 -10.50
N LYS B 303 -19.32 -8.70 -9.58
CA LYS B 303 -17.89 -8.71 -9.28
C LYS B 303 -17.38 -10.10 -9.59
N ILE B 304 -16.28 -10.17 -10.31
CA ILE B 304 -15.77 -11.43 -10.81
C ILE B 304 -14.96 -12.05 -9.68
N ASP B 305 -15.67 -12.74 -8.77
CA ASP B 305 -14.98 -13.40 -7.62
C ASP B 305 -14.41 -14.74 -8.10
N HIS B 306 -13.09 -14.86 -8.18
CA HIS B 306 -12.44 -16.12 -8.65
C HIS B 306 -12.82 -17.27 -7.72
N THR B 307 -12.87 -17.02 -6.41
CA THR B 307 -13.20 -18.09 -5.43
C THR B 307 -14.36 -17.63 -4.54
N PRO B 308 -15.63 -17.67 -5.01
CA PRO B 308 -16.77 -17.31 -4.18
C PRO B 308 -17.09 -18.44 -3.17
N VAL B 309 -17.60 -18.08 -1.99
CA VAL B 309 -17.96 -19.09 -1.01
C VAL B 309 -18.81 -20.18 -1.65
N ASP B 310 -19.67 -19.81 -2.60
CA ASP B 310 -20.55 -20.77 -3.26
C ASP B 310 -19.85 -21.55 -4.37
N ASN B 311 -18.56 -21.27 -4.61
CA ASN B 311 -17.74 -21.96 -5.62
C ASN B 311 -18.56 -22.34 -6.86
N LEU B 312 -19.33 -21.38 -7.37
CA LEU B 312 -20.08 -21.60 -8.63
C LEU B 312 -19.54 -20.54 -9.61
N PRO B 313 -18.29 -20.67 -10.12
CA PRO B 313 -17.68 -19.62 -10.95
C PRO B 313 -18.51 -19.22 -12.18
N THR B 314 -18.43 -17.94 -12.56
CA THR B 314 -19.16 -17.44 -13.76
C THR B 314 -18.88 -18.39 -14.95
N ASP B 315 -19.88 -18.59 -15.82
CA ASP B 315 -19.72 -19.50 -16.95
C ASP B 315 -19.25 -18.68 -18.14
N LEU B 316 -17.97 -18.29 -18.09
CA LEU B 316 -17.47 -17.32 -19.06
C LEU B 316 -17.66 -17.80 -20.49
N TYR B 317 -17.71 -19.12 -20.70
CA TYR B 317 -17.76 -19.62 -22.07
C TYR B 317 -18.88 -18.95 -22.85
N ARG B 318 -20.06 -18.83 -22.25
CA ARG B 318 -21.18 -18.26 -22.99
C ARG B 318 -20.90 -16.81 -23.36
N LEU B 319 -20.35 -16.04 -22.42
CA LEU B 319 -20.05 -14.64 -22.73
C LEU B 319 -19.05 -14.55 -23.87
N ALA B 320 -18.01 -15.39 -23.82
CA ALA B 320 -17.03 -15.39 -24.90
C ALA B 320 -17.66 -15.80 -26.21
N HIS B 321 -18.56 -16.78 -26.18
CA HIS B 321 -19.24 -17.24 -27.39
C HIS B 321 -20.05 -16.10 -28.01
N TYR B 322 -20.79 -15.38 -27.17
CA TYR B 322 -21.54 -14.24 -27.67
C TYR B 322 -20.61 -13.20 -28.26
N GLY B 323 -19.48 -12.94 -27.61
CA GLY B 323 -18.49 -12.06 -28.20
C GLY B 323 -18.02 -12.57 -29.55
N GLU B 324 -17.84 -13.88 -29.67
CA GLU B 324 -17.33 -14.46 -30.89
C GLU B 324 -18.32 -14.28 -32.04
N LYS B 325 -19.60 -14.50 -31.76
CA LYS B 325 -20.61 -14.33 -32.81
C LYS B 325 -20.76 -12.87 -33.20
N GLY B 326 -20.53 -11.96 -32.26
CA GLY B 326 -20.68 -10.54 -32.52
C GLY B 326 -21.79 -9.94 -31.67
N VAL B 327 -21.42 -9.11 -30.69
CA VAL B 327 -22.35 -8.57 -29.71
C VAL B 327 -22.60 -7.11 -30.03
N MET B 328 -23.88 -6.74 -30.17
CA MET B 328 -24.24 -5.38 -30.53
C MET B 328 -24.14 -4.44 -29.34
N LEU B 329 -24.93 -4.69 -28.30
CA LEU B 329 -25.13 -3.74 -27.21
C LEU B 329 -24.68 -4.35 -25.89
N LEU B 330 -24.02 -3.54 -25.08
CA LEU B 330 -23.47 -3.97 -23.80
C LEU B 330 -23.86 -3.00 -22.71
N LEU B 331 -24.47 -3.52 -21.65
CA LEU B 331 -24.78 -2.75 -20.46
C LEU B 331 -24.02 -3.36 -19.28
N SER B 332 -23.16 -2.56 -18.66
CA SER B 332 -22.22 -3.08 -17.68
C SER B 332 -22.20 -2.21 -16.43
N ASP B 333 -21.87 -2.83 -15.31
CA ASP B 333 -21.70 -2.09 -14.07
C ASP B 333 -20.67 -1.00 -14.25
N SER B 334 -20.88 0.12 -13.56
CA SER B 334 -19.97 1.24 -13.63
C SER B 334 -19.76 1.89 -12.26
N THR B 335 -20.17 1.23 -11.18
CA THR B 335 -20.18 1.89 -9.88
C THR B 335 -18.79 2.31 -9.46
N ASN B 336 -17.83 1.39 -9.48
CA ASN B 336 -16.53 1.61 -8.86
C ASN B 336 -15.47 2.02 -9.87
N SER B 337 -15.87 2.73 -10.93
CA SER B 337 -14.91 3.09 -11.97
C SER B 337 -13.79 3.98 -11.46
N HIS B 338 -13.93 4.54 -10.27
CA HIS B 338 -12.92 5.41 -9.69
C HIS B 338 -11.78 4.65 -9.01
N LYS B 339 -11.93 3.35 -8.78
CA LYS B 339 -10.97 2.58 -8.00
C LYS B 339 -10.06 1.80 -8.94
N SER B 340 -8.87 1.45 -8.45
CA SER B 340 -7.94 0.62 -9.17
C SER B 340 -7.68 -0.67 -8.40
N GLY B 341 -7.17 -1.68 -9.12
CA GLY B 341 -6.99 -2.98 -8.54
C GLY B 341 -8.35 -3.67 -8.42
N THR B 342 -8.34 -4.99 -8.62
CA THR B 342 -9.61 -5.77 -8.56
C THR B 342 -10.11 -5.82 -7.11
N THR B 343 -11.43 -5.82 -6.92
CA THR B 343 -12.02 -5.88 -5.55
C THR B 343 -11.68 -7.24 -4.91
N PRO B 344 -11.43 -7.31 -3.59
CA PRO B 344 -11.07 -8.57 -2.94
C PRO B 344 -12.24 -9.56 -2.94
N SER B 345 -11.95 -10.85 -3.07
CA SER B 345 -13.02 -11.89 -3.09
C SER B 345 -13.58 -12.07 -1.67
N GLU B 346 -14.89 -12.28 -1.56
CA GLU B 346 -15.52 -12.50 -0.26
C GLU B 346 -14.71 -13.46 0.60
N SER B 347 -14.00 -14.40 -0.02
CA SER B 347 -13.22 -15.34 0.75
C SER B 347 -12.15 -14.65 1.60
N THR B 348 -11.72 -13.46 1.20
CA THR B 348 -10.82 -12.68 2.04
C THR B 348 -11.44 -12.37 3.38
N ILE B 349 -12.77 -12.41 3.46
CA ILE B 349 -13.47 -12.11 4.70
C ILE B 349 -13.45 -13.28 5.67
N ALA B 350 -13.47 -14.50 5.13
CA ALA B 350 -13.50 -15.72 6.00
C ALA B 350 -12.53 -15.55 7.17
N PRO B 351 -11.22 -15.30 6.94
CA PRO B 351 -10.25 -15.20 8.03
C PRO B 351 -10.77 -14.26 9.13
N ALA B 352 -11.40 -13.15 8.72
CA ALA B 352 -11.88 -12.19 9.72
C ALA B 352 -12.83 -12.86 10.69
N PHE B 353 -13.87 -13.51 10.18
CA PHE B 353 -14.79 -14.22 11.07
C PHE B 353 -14.05 -15.26 11.90
N ASP B 354 -13.19 -16.05 11.27
CA ASP B 354 -12.54 -17.12 12.02
C ASP B 354 -11.76 -16.54 13.21
N THR B 355 -10.89 -15.57 12.95
CA THR B 355 -10.06 -15.02 14.01
C THR B 355 -10.90 -14.32 15.06
N LEU B 356 -11.86 -13.50 14.65
CA LEU B 356 -12.67 -12.79 15.63
C LEU B 356 -13.44 -13.76 16.50
N PHE B 357 -13.95 -14.85 15.92
CA PHE B 357 -14.78 -15.77 16.68
C PHE B 357 -13.95 -16.64 17.61
N LYS B 358 -12.70 -16.94 17.23
CA LYS B 358 -11.84 -17.70 18.15
C LYS B 358 -11.58 -16.91 19.43
N GLU B 359 -11.42 -15.59 19.31
CA GLU B 359 -11.07 -14.74 20.44
C GLU B 359 -12.29 -14.20 21.18
N ALA B 360 -13.48 -14.29 20.60
CA ALA B 360 -14.67 -13.75 21.23
C ALA B 360 -14.94 -14.47 22.54
N GLN B 361 -15.17 -13.71 23.60
CA GLN B 361 -15.49 -14.28 24.91
C GLN B 361 -16.94 -14.07 25.32
N GLY B 362 -17.68 -13.20 24.63
CA GLY B 362 -19.03 -12.87 25.01
C GLY B 362 -19.99 -13.02 23.83
N ARG B 363 -21.08 -12.27 23.91
CA ARG B 363 -22.07 -12.30 22.85
C ARG B 363 -21.54 -11.61 21.60
N VAL B 364 -21.98 -12.10 20.44
CA VAL B 364 -21.61 -11.55 19.15
C VAL B 364 -22.87 -10.97 18.53
N ILE B 365 -22.80 -9.73 18.07
CA ILE B 365 -23.90 -9.07 17.39
C ILE B 365 -23.48 -8.85 15.95
N MET B 366 -24.43 -8.94 15.02
CA MET B 366 -24.19 -8.68 13.60
C MET B 366 -25.31 -7.82 13.07
N SER B 367 -24.95 -6.74 12.38
CA SER B 367 -25.94 -5.82 11.81
C SER B 367 -25.75 -5.66 10.31
N THR B 368 -26.79 -5.95 9.55
CA THR B 368 -26.79 -5.83 8.10
C THR B 368 -28.23 -5.59 7.64
N PHE B 369 -28.45 -5.71 6.33
CA PHE B 369 -29.74 -5.51 5.71
C PHE B 369 -30.31 -6.84 5.24
N SER B 370 -31.58 -6.80 4.81
CA SER B 370 -32.34 -8.03 4.63
C SER B 370 -31.84 -8.88 3.46
N SER B 371 -30.97 -8.35 2.61
CA SER B 371 -30.63 -9.03 1.36
C SER B 371 -29.14 -9.33 1.21
N ASN B 372 -28.37 -9.31 2.29
CA ASN B 372 -26.97 -9.73 2.24
C ASN B 372 -26.85 -11.18 2.69
N ILE B 373 -27.45 -12.07 1.90
CA ILE B 373 -27.62 -13.45 2.32
C ILE B 373 -26.29 -14.16 2.47
N HIS B 374 -25.35 -13.91 1.57
CA HIS B 374 -24.07 -14.60 1.62
C HIS B 374 -23.35 -14.31 2.93
N ARG B 375 -23.35 -13.05 3.36
CA ARG B 375 -22.63 -12.66 4.56
C ARG B 375 -23.22 -13.36 5.78
N VAL B 376 -24.53 -13.33 5.92
CA VAL B 376 -25.16 -14.00 7.04
C VAL B 376 -24.91 -15.50 6.96
N TYR B 377 -24.84 -16.06 5.75
CA TYR B 377 -24.54 -17.48 5.63
C TYR B 377 -23.16 -17.79 6.19
N GLN B 378 -22.15 -17.02 5.78
CA GLN B 378 -20.83 -17.19 6.36
C GLN B 378 -20.87 -17.06 7.87
N ALA B 379 -21.59 -16.06 8.37
CA ALA B 379 -21.63 -15.81 9.80
C ALA B 379 -22.22 -16.99 10.56
N ILE B 380 -23.36 -17.51 10.09
CA ILE B 380 -24.01 -18.61 10.79
C ILE B 380 -23.18 -19.87 10.68
N GLN B 381 -22.55 -20.10 9.53
CA GLN B 381 -21.69 -21.27 9.38
C GLN B 381 -20.55 -21.21 10.38
N TYR B 382 -19.92 -20.05 10.53
CA TYR B 382 -18.88 -19.92 11.53
C TYR B 382 -19.43 -20.09 12.94
N GLY B 383 -20.59 -19.50 13.22
CA GLY B 383 -21.16 -19.59 14.55
C GLY B 383 -21.41 -21.01 14.97
N ILE B 384 -22.00 -21.81 14.08
CA ILE B 384 -22.14 -23.24 14.38
C ILE B 384 -20.77 -23.88 14.48
N LYS B 385 -19.83 -23.49 13.62
CA LYS B 385 -18.46 -23.93 13.79
C LYS B 385 -17.90 -23.54 15.15
N TYR B 386 -18.40 -22.44 15.72
CA TYR B 386 -18.01 -21.99 17.04
C TYR B 386 -19.15 -22.16 18.05
N ASN B 387 -20.14 -22.99 17.70
CA ASN B 387 -21.18 -23.41 18.64
C ASN B 387 -21.94 -22.20 19.20
N ARG B 388 -22.23 -21.25 18.32
CA ARG B 388 -23.05 -20.09 18.67
C ARG B 388 -24.42 -20.22 18.03
N LYS B 389 -25.46 -20.27 18.86
CA LYS B 389 -26.83 -20.30 18.36
C LYS B 389 -27.13 -18.97 17.67
N ILE B 390 -27.99 -19.03 16.66
CA ILE B 390 -28.29 -17.86 15.83
C ILE B 390 -29.66 -17.33 16.21
N ALA B 391 -29.72 -16.03 16.50
CA ALA B 391 -30.97 -15.33 16.75
C ALA B 391 -31.22 -14.37 15.59
N VAL B 392 -32.27 -14.64 14.82
CA VAL B 392 -32.60 -13.84 13.65
C VAL B 392 -33.68 -12.84 14.04
N ILE B 393 -33.36 -11.56 13.90
CA ILE B 393 -34.24 -10.46 14.29
C ILE B 393 -34.56 -9.64 13.06
N GLY B 394 -35.85 -9.46 12.78
CA GLY B 394 -36.30 -8.85 11.56
C GLY B 394 -36.96 -9.87 10.67
N ARG B 395 -38.28 -9.77 10.51
CA ARG B 395 -39.01 -10.82 9.80
C ARG B 395 -38.51 -10.99 8.37
N SER B 396 -37.88 -9.96 7.81
CA SER B 396 -37.29 -10.10 6.48
C SER B 396 -36.21 -11.17 6.46
N MET B 397 -35.32 -11.15 7.45
CA MET B 397 -34.36 -12.24 7.58
C MET B 397 -35.04 -13.59 7.69
N GLU B 398 -36.08 -13.69 8.52
CA GLU B 398 -36.71 -14.99 8.72
C GLU B 398 -37.31 -15.51 7.42
N LYS B 399 -37.98 -14.64 6.67
CA LYS B 399 -38.60 -15.08 5.42
C LYS B 399 -37.54 -15.44 4.38
N ASN B 400 -36.47 -14.65 4.29
CA ASN B 400 -35.40 -14.99 3.37
C ASN B 400 -34.79 -16.34 3.73
N LEU B 401 -34.51 -16.56 5.01
CA LEU B 401 -33.95 -17.83 5.45
C LEU B 401 -34.86 -18.99 5.10
N ASP B 402 -36.15 -18.87 5.41
CA ASP B 402 -37.07 -19.96 5.14
C ASP B 402 -37.18 -20.23 3.64
N ILE B 403 -37.27 -19.17 2.83
CA ILE B 403 -37.38 -19.36 1.39
C ILE B 403 -36.15 -20.06 0.85
N ALA B 404 -34.96 -19.55 1.17
CA ALA B 404 -33.74 -20.16 0.66
C ALA B 404 -33.57 -21.58 1.15
N ARG B 405 -33.76 -21.83 2.45
CA ARG B 405 -33.58 -23.18 2.99
C ARG B 405 -34.57 -24.15 2.36
N GLU B 406 -35.82 -23.75 2.18
CA GLU B 406 -36.76 -24.59 1.46
C GLU B 406 -36.32 -24.80 0.03
N LEU B 407 -35.78 -23.76 -0.61
CA LEU B 407 -35.23 -23.89 -1.95
C LEU B 407 -33.94 -24.71 -1.99
N GLY B 408 -33.37 -25.03 -0.84
CA GLY B 408 -32.21 -25.90 -0.80
C GLY B 408 -30.89 -25.26 -1.18
N TYR B 409 -30.85 -23.94 -1.34
CA TYR B 409 -29.59 -23.26 -1.63
C TYR B 409 -28.57 -23.46 -0.51
N ILE B 410 -29.03 -23.72 0.72
CA ILE B 410 -28.15 -23.89 1.86
C ILE B 410 -28.73 -24.96 2.77
N HIS B 411 -27.92 -25.39 3.75
CA HIS B 411 -28.32 -26.41 4.71
C HIS B 411 -28.28 -25.80 6.10
N LEU B 412 -29.37 -25.94 6.86
CA LEU B 412 -29.41 -25.27 8.19
C LEU B 412 -30.26 -26.07 9.18
N PRO B 413 -29.72 -26.46 10.36
CA PRO B 413 -30.52 -27.14 11.38
C PRO B 413 -31.43 -26.12 12.07
N TYR B 414 -32.74 -26.23 11.88
CA TYR B 414 -33.66 -25.25 12.43
C TYR B 414 -33.48 -25.10 13.93
N GLN B 415 -33.19 -26.21 14.62
CA GLN B 415 -33.03 -26.16 16.07
C GLN B 415 -31.89 -25.24 16.49
N SER B 416 -30.94 -24.97 15.59
CA SER B 416 -29.84 -24.07 15.90
C SER B 416 -30.26 -22.60 15.95
N PHE B 417 -31.46 -22.27 15.50
CA PHE B 417 -31.93 -20.90 15.47
C PHE B 417 -32.77 -20.60 16.71
N ILE B 418 -32.63 -19.38 17.22
CA ILE B 418 -33.16 -18.99 18.52
C ILE B 418 -33.80 -17.61 18.38
N GLU B 419 -34.59 -17.24 19.38
CA GLU B 419 -35.17 -15.91 19.45
C GLU B 419 -34.36 -15.02 20.39
N ALA B 420 -34.47 -13.72 20.19
CA ALA B 420 -33.75 -12.78 21.05
C ALA B 420 -34.22 -12.90 22.50
N ASN B 421 -35.52 -13.08 22.70
CA ASN B 421 -36.05 -13.17 24.05
C ASN B 421 -35.44 -14.33 24.83
N GLU B 422 -34.89 -15.34 24.14
CA GLU B 422 -34.28 -16.48 24.80
C GLU B 422 -32.79 -16.30 25.04
N VAL B 423 -32.19 -15.19 24.60
CA VAL B 423 -30.75 -15.01 24.74
C VAL B 423 -30.34 -15.05 26.21
N ALA B 424 -31.16 -14.47 27.09
CA ALA B 424 -30.81 -14.48 28.51
C ALA B 424 -30.71 -15.88 29.07
N LYS B 425 -31.26 -16.88 28.39
CA LYS B 425 -31.15 -18.27 28.85
C LYS B 425 -29.85 -18.92 28.44
N TYR B 426 -29.10 -18.29 27.52
CA TYR B 426 -27.88 -18.95 26.99
C TYR B 426 -26.61 -18.22 27.44
N PRO B 427 -25.44 -18.88 27.47
CA PRO B 427 -24.19 -18.22 27.83
C PRO B 427 -23.82 -17.19 26.74
N ASP B 428 -23.07 -16.15 27.11
CA ASP B 428 -22.75 -15.10 26.15
C ASP B 428 -21.98 -15.66 24.96
N ASN B 429 -21.00 -16.50 25.20
CA ASN B 429 -20.17 -17.05 24.13
C ASN B 429 -20.92 -18.00 23.21
N GLU B 430 -22.14 -18.41 23.55
CA GLU B 430 -22.96 -19.23 22.67
C GLU B 430 -24.02 -18.41 21.94
N VAL B 431 -23.91 -17.09 21.99
CA VAL B 431 -24.97 -16.20 21.52
C VAL B 431 -24.44 -15.37 20.36
N LEU B 432 -25.05 -15.55 19.19
CA LEU B 432 -24.79 -14.72 18.02
C LEU B 432 -26.12 -14.22 17.50
N ILE B 433 -26.27 -12.91 17.39
CA ILE B 433 -27.52 -12.27 17.03
C ILE B 433 -27.39 -11.65 15.66
N VAL B 434 -28.47 -11.75 14.88
CA VAL B 434 -28.56 -11.18 13.54
C VAL B 434 -29.63 -10.10 13.59
N THR B 435 -29.31 -8.92 13.05
CA THR B 435 -30.18 -7.76 13.21
C THR B 435 -30.43 -7.06 11.87
N THR B 436 -31.69 -6.78 11.61
CA THR B 436 -32.11 -5.98 10.48
C THR B 436 -33.52 -5.46 10.73
N GLY B 437 -33.80 -4.26 10.21
CA GLY B 437 -35.10 -3.66 10.39
C GLY B 437 -36.00 -3.90 9.19
N SER B 438 -36.74 -2.87 8.78
CA SER B 438 -37.55 -2.97 7.58
C SER B 438 -36.64 -2.99 6.35
N GLN B 439 -37.27 -3.02 5.18
CA GLN B 439 -36.50 -3.00 3.94
C GLN B 439 -35.61 -1.76 3.91
N GLY B 440 -34.30 -1.98 3.96
CA GLY B 440 -33.34 -0.91 3.94
C GLY B 440 -32.92 -0.38 5.30
N GLU B 441 -33.54 -0.84 6.38
CA GLU B 441 -33.23 -0.35 7.71
C GLU B 441 -32.31 -1.31 8.45
N THR B 442 -31.18 -0.80 8.93
CA THR B 442 -30.20 -1.62 9.64
C THR B 442 -29.82 -1.06 11.00
N MET B 443 -29.62 0.25 11.12
CA MET B 443 -29.12 0.84 12.35
C MET B 443 -30.17 1.58 13.16
N SER B 444 -31.44 1.55 12.73
CA SER B 444 -32.50 1.93 13.66
C SER B 444 -32.50 0.98 14.85
N ALA B 445 -32.36 -0.32 14.55
CA ALA B 445 -32.20 -1.31 15.62
C ALA B 445 -30.97 -0.99 16.46
N LEU B 446 -29.84 -0.69 15.82
CA LEU B 446 -28.63 -0.39 16.58
C LEU B 446 -28.85 0.80 17.50
N TYR B 447 -29.44 1.87 16.98
CA TYR B 447 -29.62 3.07 17.79
C TYR B 447 -30.53 2.81 18.97
N ARG B 448 -31.63 2.07 18.76
CA ARG B 448 -32.49 1.75 19.88
C ARG B 448 -31.79 0.81 20.87
N MET B 449 -30.83 0.01 20.39
CA MET B 449 -30.05 -0.81 21.29
C MET B 449 -29.10 0.03 22.14
N ALA B 450 -28.53 1.07 21.55
CA ALA B 450 -27.76 2.03 22.34
C ALA B 450 -28.64 2.88 23.24
N THR B 451 -29.90 3.10 22.87
CA THR B 451 -30.86 3.80 23.71
C THR B 451 -31.61 2.85 24.62
N ASP B 452 -31.46 1.53 24.42
CA ASP B 452 -31.84 0.51 25.39
C ASP B 452 -33.35 0.27 25.44
N GLU B 453 -34.08 0.52 24.36
CA GLU B 453 -35.50 0.20 24.30
C GLU B 453 -35.79 -1.02 23.43
N HIS B 454 -34.76 -1.77 23.05
CA HIS B 454 -34.98 -2.94 22.21
C HIS B 454 -35.78 -4.01 22.95
N ARG B 455 -35.78 -3.95 24.28
CA ARG B 455 -36.54 -4.81 25.19
C ARG B 455 -36.40 -6.29 24.85
N HIS B 456 -35.36 -6.67 24.11
CA HIS B 456 -34.96 -8.06 23.94
C HIS B 456 -33.47 -8.26 24.18
N ILE B 457 -32.66 -7.24 23.93
CA ILE B 457 -31.21 -7.33 24.02
C ILE B 457 -30.70 -6.18 24.87
N SER B 458 -29.78 -6.48 25.77
CA SER B 458 -29.07 -5.47 26.55
C SER B 458 -27.59 -5.52 26.19
N ILE B 459 -27.08 -4.40 25.68
CA ILE B 459 -25.68 -4.35 25.25
C ILE B 459 -24.80 -4.52 26.48
N LYS B 460 -23.74 -5.32 26.33
CA LYS B 460 -22.83 -5.58 27.48
C LYS B 460 -21.40 -5.22 27.08
N PRO B 461 -20.49 -4.94 28.04
CA PRO B 461 -19.12 -4.54 27.72
C PRO B 461 -18.32 -5.68 27.07
N ASN B 462 -18.71 -6.93 27.31
CA ASN B 462 -17.95 -8.05 26.76
C ASN B 462 -18.41 -8.42 25.36
N ASP B 463 -19.33 -7.67 24.78
CA ASP B 463 -19.88 -8.01 23.48
C ASP B 463 -18.93 -7.62 22.36
N LEU B 464 -19.06 -8.32 21.23
CA LEU B 464 -18.33 -8.02 20.01
C LEU B 464 -19.35 -7.78 18.90
N VAL B 465 -19.37 -6.56 18.36
CA VAL B 465 -20.39 -6.16 17.40
C VAL B 465 -19.74 -5.98 16.04
N ILE B 466 -20.27 -6.69 15.04
CA ILE B 466 -19.80 -6.57 13.66
C ILE B 466 -20.85 -5.77 12.88
N ILE B 467 -20.39 -4.69 12.26
CA ILE B 467 -21.25 -3.71 11.62
C ILE B 467 -20.99 -3.76 10.13
N SER B 468 -22.03 -4.05 9.34
CA SER B 468 -21.98 -3.91 7.89
C SER B 468 -23.36 -3.45 7.41
N ALA B 469 -23.56 -2.15 7.35
CA ALA B 469 -24.74 -1.59 6.72
C ALA B 469 -24.44 -1.22 5.28
N LYS B 470 -25.48 -0.90 4.54
CA LYS B 470 -25.30 -0.54 3.14
C LYS B 470 -24.48 0.74 3.05
N ALA B 471 -23.21 0.58 2.69
CA ALA B 471 -22.25 1.68 2.75
C ALA B 471 -22.43 2.64 1.59
N ILE B 472 -23.54 3.39 1.59
CA ILE B 472 -23.73 4.44 0.56
C ILE B 472 -23.20 5.74 1.16
N PRO B 473 -22.44 6.59 0.41
CA PRO B 473 -21.83 7.80 0.99
C PRO B 473 -22.85 8.70 1.71
N GLY B 474 -22.44 9.32 2.83
CA GLY B 474 -23.33 10.19 3.55
C GLY B 474 -23.91 9.61 4.81
N ASN B 475 -23.67 8.33 5.09
CA ASN B 475 -24.11 7.70 6.32
C ASN B 475 -23.02 7.65 7.39
N GLU B 476 -21.86 8.27 7.12
CA GLU B 476 -20.77 8.22 8.09
C GLU B 476 -21.17 8.84 9.42
N ALA B 477 -22.02 9.88 9.38
CA ALA B 477 -22.42 10.54 10.61
C ALA B 477 -23.18 9.59 11.53
N SER B 478 -24.14 8.85 10.98
CA SER B 478 -24.90 7.91 11.80
C SER B 478 -23.99 6.82 12.35
N VAL B 479 -23.09 6.30 11.52
CA VAL B 479 -22.16 5.28 11.96
C VAL B 479 -21.33 5.80 13.11
N SER B 480 -20.80 7.02 12.97
CA SER B 480 -20.00 7.60 14.04
C SER B 480 -20.80 7.75 15.32
N ALA B 481 -22.03 8.25 15.20
CA ALA B 481 -22.86 8.45 16.40
C ALA B 481 -23.08 7.13 17.12
N VAL B 482 -23.52 6.10 16.39
CA VAL B 482 -23.77 4.82 17.02
C VAL B 482 -22.48 4.27 17.61
N LEU B 483 -21.36 4.47 16.92
CA LEU B 483 -20.10 3.94 17.41
C LEU B 483 -19.70 4.59 18.73
N ASN B 484 -19.85 5.91 18.84
CA ASN B 484 -19.56 6.57 20.09
C ASN B 484 -20.49 6.06 21.20
N PHE B 485 -21.79 5.95 20.89
CA PHE B 485 -22.71 5.49 21.91
C PHE B 485 -22.39 4.07 22.35
N LEU B 486 -21.89 3.23 21.45
CA LEU B 486 -21.49 1.88 21.81
C LEU B 486 -20.24 1.88 22.67
N ILE B 487 -19.25 2.70 22.33
CA ILE B 487 -18.06 2.77 23.18
C ILE B 487 -18.44 3.27 24.56
N LYS B 488 -19.40 4.19 24.65
CA LYS B 488 -19.90 4.59 25.97
C LYS B 488 -20.42 3.38 26.73
N LYS B 489 -20.88 2.37 26.00
CA LYS B 489 -21.24 1.09 26.60
C LYS B 489 -20.05 0.13 26.69
N GLU B 490 -18.88 0.55 26.21
CA GLU B 490 -17.65 -0.24 26.34
C GLU B 490 -17.76 -1.54 25.56
N ALA B 491 -18.09 -1.43 24.28
CA ALA B 491 -18.29 -2.57 23.41
C ALA B 491 -17.27 -2.57 22.30
N LYS B 492 -16.66 -3.72 22.04
CA LYS B 492 -15.72 -3.83 20.93
C LYS B 492 -16.47 -3.88 19.61
N VAL B 493 -15.99 -3.10 18.64
CA VAL B 493 -16.66 -2.89 17.38
C VAL B 493 -15.73 -3.29 16.25
N ALA B 494 -16.27 -3.98 15.25
CA ALA B 494 -15.55 -4.34 14.03
C ALA B 494 -16.36 -3.85 12.84
N TYR B 495 -15.78 -2.91 12.09
CA TYR B 495 -16.43 -2.35 10.91
C TYR B 495 -15.51 -2.18 9.71
N GLN B 496 -14.20 -2.37 9.83
CA GLN B 496 -13.27 -2.03 8.76
C GLN B 496 -13.51 -2.90 7.53
N GLU B 497 -13.71 -4.19 7.72
CA GLU B 497 -13.63 -5.14 6.61
C GLU B 497 -14.91 -5.29 5.81
N PHE B 498 -16.09 -4.73 6.13
CA PHE B 498 -17.31 -5.15 5.46
C PHE B 498 -17.98 -4.01 4.69
N ASP B 499 -17.51 -2.78 4.86
CA ASP B 499 -18.09 -1.65 4.15
C ASP B 499 -17.47 -1.58 2.75
N ASN B 500 -17.79 -0.53 2.00
CA ASN B 500 -17.28 -0.41 0.64
C ASN B 500 -15.77 -0.18 0.61
N ILE B 501 -15.16 0.19 1.73
CA ILE B 501 -13.73 0.48 1.72
C ILE B 501 -12.94 -0.77 1.34
N HIS B 502 -13.28 -1.93 1.91
CA HIS B 502 -12.64 -3.17 1.50
C HIS B 502 -13.38 -3.83 0.34
N VAL B 503 -14.66 -4.18 0.55
CA VAL B 503 -15.46 -4.88 -0.45
C VAL B 503 -16.62 -3.99 -0.84
N SER B 504 -16.50 -3.34 -2.01
CA SER B 504 -17.58 -2.53 -2.54
C SER B 504 -18.62 -3.36 -3.29
N GLY B 505 -18.28 -4.58 -3.69
CA GLY B 505 -19.23 -5.46 -4.31
C GLY B 505 -19.42 -5.20 -5.78
N HIS B 506 -18.76 -4.19 -6.32
CA HIS B 506 -18.87 -3.85 -7.74
C HIS B 506 -17.49 -3.74 -8.37
N ALA B 507 -17.43 -4.09 -9.65
CA ALA B 507 -16.17 -4.27 -10.34
C ALA B 507 -15.32 -3.00 -10.28
N ALA B 508 -14.01 -3.20 -10.25
CA ALA B 508 -13.05 -2.11 -10.35
C ALA B 508 -12.63 -1.94 -11.81
N GLN B 509 -11.60 -1.12 -12.05
CA GLN B 509 -11.18 -0.86 -13.43
C GLN B 509 -10.68 -2.13 -14.11
N GLU B 510 -9.87 -2.92 -13.42
CA GLU B 510 -9.34 -4.13 -14.03
C GLU B 510 -10.45 -5.09 -14.42
N GLU B 511 -11.43 -5.27 -13.54
CA GLU B 511 -12.51 -6.20 -13.84
C GLU B 511 -13.34 -5.72 -15.02
N GLN B 512 -13.62 -4.42 -15.08
CA GLN B 512 -14.34 -3.87 -16.22
C GLN B 512 -13.57 -4.10 -17.52
N LYS B 513 -12.25 -3.87 -17.49
CA LYS B 513 -11.45 -4.11 -18.68
C LYS B 513 -11.50 -5.57 -19.08
N LEU B 514 -11.45 -6.47 -18.10
CA LEU B 514 -11.50 -7.90 -18.41
C LEU B 514 -12.82 -8.27 -19.07
N MET B 515 -13.94 -7.76 -18.54
CA MET B 515 -15.22 -7.97 -19.20
C MET B 515 -15.20 -7.42 -20.61
N LEU B 516 -14.69 -6.20 -20.77
CA LEU B 516 -14.71 -5.56 -22.08
C LEU B 516 -13.97 -6.40 -23.11
N ARG B 517 -12.79 -6.92 -22.74
CA ARG B 517 -12.08 -7.80 -23.65
C ARG B 517 -12.84 -9.09 -23.89
N LEU B 518 -13.44 -9.67 -22.85
CA LEU B 518 -14.23 -10.88 -23.04
C LEU B 518 -15.33 -10.66 -24.07
N ILE B 519 -15.84 -9.45 -24.16
CA ILE B 519 -17.01 -9.19 -24.98
C ILE B 519 -16.64 -8.76 -26.40
N LYS B 520 -15.66 -7.87 -26.51
CA LYS B 520 -15.30 -7.33 -27.84
C LYS B 520 -16.59 -6.81 -28.49
N PRO B 521 -17.38 -5.94 -27.80
CA PRO B 521 -18.67 -5.50 -28.32
C PRO B 521 -18.57 -4.28 -29.24
N LYS B 522 -19.61 -4.04 -30.04
CA LYS B 522 -19.64 -2.89 -30.94
C LYS B 522 -20.10 -1.64 -30.21
N PHE B 523 -21.07 -1.76 -29.30
CA PHE B 523 -21.66 -0.60 -28.65
C PHE B 523 -21.65 -0.80 -27.14
N PHE B 524 -20.99 0.13 -26.46
CA PHE B 524 -20.83 0.09 -25.02
C PHE B 524 -21.56 1.26 -24.39
N LEU B 525 -22.43 0.98 -23.42
CA LEU B 525 -23.21 2.05 -22.74
C LEU B 525 -23.25 1.74 -21.24
N PRO B 526 -22.62 2.58 -20.38
CA PRO B 526 -22.56 2.31 -18.94
C PRO B 526 -23.89 2.57 -18.21
N VAL B 527 -24.21 1.76 -17.21
CA VAL B 527 -25.43 1.94 -16.43
C VAL B 527 -25.09 1.72 -14.97
N HIS B 528 -26.05 2.04 -14.09
CA HIS B 528 -25.94 1.77 -12.66
C HIS B 528 -24.79 2.57 -12.04
N GLY B 529 -24.91 3.89 -12.17
CA GLY B 529 -23.91 4.79 -11.61
C GLY B 529 -24.25 6.23 -11.92
N GLU B 530 -23.41 7.11 -11.39
CA GLU B 530 -23.56 8.54 -11.59
C GLU B 530 -22.84 8.94 -12.88
N TYR B 531 -22.95 10.22 -13.24
CA TYR B 531 -22.37 10.65 -14.51
C TYR B 531 -20.85 10.54 -14.49
N ASN B 532 -20.23 10.87 -13.36
CA ASN B 532 -18.78 10.77 -13.26
C ASN B 532 -18.32 9.32 -13.41
N HIS B 533 -19.00 8.39 -12.76
CA HIS B 533 -18.59 6.99 -12.81
C HIS B 533 -18.69 6.45 -14.22
N VAL B 534 -19.79 6.75 -14.91
CA VAL B 534 -19.91 6.30 -16.29
C VAL B 534 -18.86 6.99 -17.15
N ALA B 535 -18.53 8.24 -16.86
CA ALA B 535 -17.48 8.90 -17.62
C ALA B 535 -16.15 8.16 -17.47
N ARG B 536 -15.80 7.82 -16.24
CA ARG B 536 -14.54 7.10 -16.01
C ARG B 536 -14.57 5.74 -16.68
N HIS B 537 -15.70 5.03 -16.58
CA HIS B 537 -15.80 3.73 -17.23
C HIS B 537 -15.63 3.86 -18.73
N LYS B 538 -16.22 4.89 -19.33
CA LYS B 538 -16.05 5.11 -20.77
C LYS B 538 -14.60 5.40 -21.10
N GLN B 539 -13.91 6.15 -20.24
CA GLN B 539 -12.49 6.38 -20.46
C GLN B 539 -11.73 5.06 -20.46
N THR B 540 -12.01 4.20 -19.48
CA THR B 540 -11.38 2.89 -19.43
C THR B 540 -11.65 2.12 -20.71
N ALA B 541 -12.88 2.21 -21.21
CA ALA B 541 -13.22 1.52 -22.46
C ALA B 541 -12.39 2.07 -23.61
N ILE B 542 -12.20 3.39 -23.66
CA ILE B 542 -11.32 3.98 -24.67
C ILE B 542 -9.95 3.33 -24.57
N SER B 543 -9.44 3.19 -23.36
CA SER B 543 -8.13 2.55 -23.19
C SER B 543 -8.11 1.14 -23.73
N CYS B 544 -9.27 0.50 -23.88
CA CYS B 544 -9.35 -0.86 -24.41
C CYS B 544 -9.49 -0.89 -25.92
N GLY B 545 -9.46 0.26 -26.58
CA GLY B 545 -9.50 0.29 -28.02
C GLY B 545 -10.89 0.37 -28.61
N VAL B 546 -11.89 0.66 -27.78
CA VAL B 546 -13.29 0.82 -28.28
C VAL B 546 -13.41 2.21 -28.93
N PRO B 547 -13.88 2.30 -30.20
CA PRO B 547 -14.04 3.59 -30.87
C PRO B 547 -15.03 4.48 -30.11
N GLU B 548 -14.69 5.75 -29.89
CA GLU B 548 -15.55 6.63 -29.12
C GLU B 548 -16.98 6.64 -29.66
N LYS B 549 -17.13 6.65 -30.98
CA LYS B 549 -18.45 6.90 -31.55
C LYS B 549 -19.44 5.78 -31.26
N ASN B 550 -19.02 4.73 -30.56
CA ASN B 550 -19.94 3.68 -30.11
C ASN B 550 -20.11 3.65 -28.60
N ILE B 551 -19.86 4.77 -27.92
CA ILE B 551 -20.02 4.86 -26.48
C ILE B 551 -20.84 6.11 -26.18
N TYR B 552 -21.88 5.94 -25.37
CA TYR B 552 -22.74 7.03 -24.95
C TYR B 552 -22.89 7.04 -23.44
N LEU B 553 -23.11 8.22 -22.90
CA LEU B 553 -23.41 8.39 -21.48
C LEU B 553 -24.84 8.89 -21.38
N MET B 554 -25.69 8.12 -20.71
CA MET B 554 -27.11 8.40 -20.64
C MET B 554 -27.45 9.32 -19.48
N GLU B 555 -28.58 10.01 -19.62
CA GLU B 555 -29.23 10.70 -18.51
C GLU B 555 -30.63 10.15 -18.36
N ASP B 556 -31.05 9.96 -17.11
CA ASP B 556 -32.31 9.31 -16.85
C ASP B 556 -33.43 9.97 -17.64
N GLY B 557 -34.23 9.14 -18.32
CA GLY B 557 -35.34 9.64 -19.10
C GLY B 557 -35.05 9.70 -20.59
N ASP B 558 -33.78 9.58 -20.95
CA ASP B 558 -33.40 9.72 -22.35
C ASP B 558 -33.88 8.54 -23.18
N GLN B 559 -33.96 8.75 -24.50
CA GLN B 559 -34.18 7.69 -25.47
C GLN B 559 -32.96 7.63 -26.38
N VAL B 560 -32.52 6.43 -26.70
CA VAL B 560 -31.43 6.25 -27.66
C VAL B 560 -31.84 5.19 -28.67
N GLU B 561 -31.85 5.56 -29.94
CA GLU B 561 -32.10 4.62 -31.02
C GLU B 561 -30.78 3.95 -31.41
N VAL B 562 -30.76 2.63 -31.39
CA VAL B 562 -29.55 1.87 -31.68
C VAL B 562 -29.86 0.90 -32.80
N GLY B 563 -29.02 0.91 -33.84
CA GLY B 563 -29.23 0.01 -35.00
C GLY B 563 -28.09 -0.98 -35.16
N PRO B 564 -27.94 -1.64 -36.32
CA PRO B 564 -26.82 -2.55 -36.56
C PRO B 564 -25.49 -1.78 -36.55
N ALA B 565 -25.46 -0.61 -37.19
CA ALA B 565 -24.22 0.21 -37.22
C ALA B 565 -24.59 1.69 -37.05
N PHE B 566 -25.59 1.99 -36.21
CA PHE B 566 -26.03 3.38 -35.99
C PHE B 566 -26.49 3.57 -34.54
N ILE B 567 -26.26 4.76 -33.97
CA ILE B 567 -26.68 5.03 -32.60
C ILE B 567 -26.77 6.54 -32.42
N LYS B 568 -27.86 7.00 -31.83
CA LYS B 568 -28.04 8.44 -31.65
C LYS B 568 -29.10 8.70 -30.59
N LYS B 569 -29.09 9.93 -30.08
CA LYS B 569 -30.14 10.39 -29.17
C LYS B 569 -31.32 10.92 -29.98
N VAL B 570 -32.53 10.68 -29.49
CA VAL B 570 -33.75 11.08 -30.18
C VAL B 570 -34.64 11.99 -29.35
N GLY B 571 -34.53 11.94 -28.02
CA GLY B 571 -35.37 12.76 -27.19
C GLY B 571 -35.28 12.33 -25.75
N THR B 572 -36.11 12.95 -24.91
CA THR B 572 -36.12 12.69 -23.49
C THR B 572 -37.53 12.32 -23.04
N ILE B 573 -37.60 11.47 -22.02
CA ILE B 573 -38.88 11.06 -21.44
C ILE B 573 -38.87 11.40 -19.97
N LYS B 574 -40.05 11.58 -19.40
CA LYS B 574 -40.22 12.17 -18.07
C LYS B 574 -39.87 11.12 -17.02
N SER B 575 -38.78 11.36 -16.30
CA SER B 575 -38.33 10.48 -15.23
C SER B 575 -38.46 11.19 -13.90
N GLY B 576 -38.78 10.42 -12.87
CA GLY B 576 -39.03 11.00 -11.57
C GLY B 576 -39.07 9.93 -10.50
N LYS B 577 -39.14 10.39 -9.25
CA LYS B 577 -39.11 9.51 -8.09
C LYS B 577 -40.34 9.77 -7.23
N SER B 578 -40.68 8.78 -6.40
CA SER B 578 -41.81 8.89 -5.49
C SER B 578 -41.42 8.30 -4.15
N TYR B 579 -41.88 8.94 -3.08
CA TYR B 579 -41.60 8.45 -1.73
C TYR B 579 -42.56 7.33 -1.36
N VAL B 580 -42.14 6.49 -0.42
CA VAL B 580 -43.02 5.52 0.22
C VAL B 580 -42.66 5.45 1.69
N ASP B 581 -43.66 5.49 2.55
CA ASP B 581 -43.45 5.40 3.99
C ASP B 581 -43.42 3.93 4.38
N ASN B 582 -42.37 3.53 5.10
CA ASN B 582 -42.18 2.14 5.48
C ASN B 582 -43.31 1.59 6.32
N GLN B 583 -44.10 2.46 6.97
CA GLN B 583 -45.23 2.01 7.76
C GLN B 583 -46.48 1.82 6.92
N SER B 584 -46.82 2.82 6.09
CA SER B 584 -48.01 2.74 5.25
C SER B 584 -47.79 1.98 3.96
N ASN B 585 -46.61 2.09 3.36
CA ASN B 585 -46.26 1.38 2.13
C ASN B 585 -47.14 1.83 0.96
N LEU B 586 -47.22 3.15 0.79
CA LEU B 586 -47.97 3.74 -0.32
C LEU B 586 -47.09 4.73 -1.05
N SER B 587 -47.40 4.95 -2.32
CA SER B 587 -46.65 5.86 -3.16
C SER B 587 -47.16 7.28 -2.97
N ILE B 588 -46.24 8.19 -2.69
CA ILE B 588 -46.55 9.60 -2.46
C ILE B 588 -45.69 10.42 -3.40
N ASP B 589 -46.32 11.34 -4.13
CA ASP B 589 -45.56 12.24 -4.99
C ASP B 589 -44.59 13.06 -4.15
N THR B 590 -43.40 13.29 -4.71
CA THR B 590 -42.40 14.09 -4.01
C THR B 590 -42.84 15.53 -3.83
N SER B 591 -43.90 15.96 -4.52
CA SER B 591 -44.33 17.35 -4.45
C SER B 591 -44.78 17.72 -3.03
N ILE B 592 -45.49 16.81 -2.36
CA ILE B 592 -46.04 17.14 -1.04
C ILE B 592 -44.92 17.44 -0.06
N VAL B 593 -43.96 16.52 0.06
CA VAL B 593 -42.85 16.74 0.98
C VAL B 593 -41.98 17.88 0.48
N GLN B 594 -41.87 18.04 -0.83
CA GLN B 594 -41.07 19.14 -1.37
C GLN B 594 -41.60 20.48 -0.89
N GLN B 595 -42.90 20.72 -1.05
CA GLN B 595 -43.48 21.97 -0.56
C GLN B 595 -43.43 22.02 0.97
N ARG B 596 -43.64 20.89 1.64
CA ARG B 596 -43.56 20.86 3.09
C ARG B 596 -42.23 21.39 3.58
N GLU B 597 -41.12 20.92 3.00
CA GLU B 597 -39.80 21.35 3.40
C GLU B 597 -39.44 22.72 2.85
N GLU B 598 -39.95 23.09 1.68
CA GLU B 598 -39.72 24.44 1.17
C GLU B 598 -40.31 25.50 2.09
N VAL B 599 -41.51 25.29 2.59
CA VAL B 599 -42.12 26.19 3.56
C VAL B 599 -41.56 25.95 4.96
N ALA B 600 -40.95 24.77 5.18
CA ALA B 600 -40.28 24.54 6.46
C ALA B 600 -39.21 25.59 6.72
N SER B 601 -38.52 26.03 5.68
CA SER B 601 -37.63 27.18 5.78
C SER B 601 -38.49 28.41 6.00
N ALA B 602 -38.15 29.20 7.03
CA ALA B 602 -38.97 30.31 7.48
C ALA B 602 -40.13 29.77 8.30
N GLY B 603 -40.80 30.62 9.05
CA GLY B 603 -41.86 30.21 9.94
C GLY B 603 -43.18 30.07 9.23
N VAL B 604 -44.21 29.68 9.99
CA VAL B 604 -45.57 29.61 9.47
C VAL B 604 -46.51 30.23 10.49
N PHE B 605 -47.05 31.41 10.18
CA PHE B 605 -47.93 32.13 11.08
C PHE B 605 -49.28 32.33 10.40
N ALA B 606 -50.34 31.86 11.05
CA ALA B 606 -51.69 32.04 10.53
C ALA B 606 -52.52 32.85 11.52
N ALA B 607 -53.52 33.55 11.00
CA ALA B 607 -54.39 34.36 11.85
C ALA B 607 -55.80 34.35 11.27
N THR B 608 -56.77 34.55 12.15
CA THR B 608 -58.17 34.64 11.76
C THR B 608 -58.80 35.80 12.51
N ILE B 609 -59.38 36.74 11.77
CA ILE B 609 -59.99 37.94 12.33
C ILE B 609 -61.45 37.98 11.90
N PHE B 610 -62.35 38.08 12.88
CA PHE B 610 -63.78 38.21 12.63
C PHE B 610 -64.09 39.70 12.56
N VAL B 611 -64.27 40.20 11.34
CA VAL B 611 -64.48 41.63 11.11
C VAL B 611 -65.87 41.82 10.50
N ASN B 612 -66.41 43.02 10.73
CA ASN B 612 -67.71 43.42 10.21
C ASN B 612 -67.46 44.21 8.93
N LYS B 613 -68.15 43.84 7.85
CA LYS B 613 -68.00 44.56 6.59
C LYS B 613 -68.37 46.02 6.70
N ASN B 614 -69.23 46.37 7.66
CA ASN B 614 -69.66 47.75 7.87
C ASN B 614 -68.70 48.53 8.76
N LYS B 615 -67.71 47.88 9.37
CA LYS B 615 -66.76 48.53 10.25
C LYS B 615 -65.33 48.55 9.71
N GLN B 616 -65.00 47.68 8.75
CA GLN B 616 -63.66 47.64 8.17
C GLN B 616 -62.60 47.39 9.25
N ALA B 617 -63.00 46.64 10.28
CA ALA B 617 -62.08 46.30 11.36
C ALA B 617 -62.61 45.05 12.06
N LEU B 618 -61.71 44.40 12.79
CA LEU B 618 -62.09 43.19 13.51
C LEU B 618 -63.13 43.51 14.57
N LEU B 619 -64.23 42.75 14.56
CA LEU B 619 -65.31 42.92 15.53
C LEU B 619 -65.17 41.93 16.68
N GLU B 620 -64.53 40.79 16.44
CA GLU B 620 -64.27 39.79 17.46
C GLU B 620 -62.77 39.59 17.59
N SER B 621 -62.33 39.16 18.77
CA SER B 621 -60.92 38.97 19.02
C SER B 621 -60.33 37.99 18.00
N SER B 622 -59.26 38.41 17.34
CA SER B 622 -58.61 37.57 16.36
C SER B 622 -57.78 36.49 17.05
N GLN B 623 -57.72 35.32 16.41
CA GLN B 623 -56.95 34.19 16.92
C GLN B 623 -55.74 33.97 16.03
N PHE B 624 -54.57 33.81 16.66
CA PHE B 624 -53.32 33.68 15.93
C PHE B 624 -52.61 32.41 16.36
N SER B 625 -51.85 31.85 15.43
CA SER B 625 -51.03 30.67 15.71
C SER B 625 -49.75 30.79 14.90
N SER B 626 -48.67 30.22 15.44
CA SER B 626 -47.37 30.27 14.78
C SER B 626 -46.59 29.00 15.08
N LEU B 627 -45.83 28.56 14.08
CA LEU B 627 -44.96 27.41 14.22
C LEU B 627 -43.64 27.73 13.53
N GLY B 628 -42.54 27.62 14.28
CA GLY B 628 -41.23 27.94 13.77
C GLY B 628 -40.88 29.42 13.81
N LEU B 629 -41.78 30.27 14.30
CA LEU B 629 -41.51 31.70 14.33
C LEU B 629 -40.55 32.07 15.46
N VAL B 630 -40.98 31.86 16.70
CA VAL B 630 -40.18 32.22 17.87
C VAL B 630 -40.68 31.43 19.06
N GLY B 631 -39.85 31.36 20.09
CA GLY B 631 -40.27 30.70 21.32
C GLY B 631 -41.53 31.33 21.88
N PHE B 632 -42.45 30.47 22.31
CA PHE B 632 -43.77 30.95 22.73
C PHE B 632 -43.65 31.99 23.84
N LYS B 633 -42.85 31.71 24.87
CA LYS B 633 -42.67 32.67 25.94
C LYS B 633 -42.08 33.98 25.44
N ASP B 634 -41.18 33.92 24.46
CA ASP B 634 -40.60 35.13 23.88
C ASP B 634 -41.33 35.59 22.63
N GLU B 635 -42.19 34.76 22.04
CA GLU B 635 -42.96 35.14 20.87
C GLU B 635 -44.28 35.82 21.23
N LYS B 636 -44.79 35.55 22.43
CA LYS B 636 -46.06 36.16 22.89
C LYS B 636 -46.02 37.66 22.61
N PRO B 637 -44.99 38.40 23.05
CA PRO B 637 -44.88 39.83 22.78
C PRO B 637 -44.67 40.11 21.28
N LEU B 638 -43.58 39.64 20.67
CA LEU B 638 -43.23 40.03 19.26
C LEU B 638 -44.40 39.85 18.29
N ILE B 639 -44.88 38.62 18.23
CA ILE B 639 -46.02 38.35 17.34
C ILE B 639 -47.12 39.30 17.78
N LYS B 640 -47.23 39.61 19.07
CA LYS B 640 -48.35 40.44 19.60
C LYS B 640 -48.21 41.92 19.20
N GLU B 641 -46.97 42.41 19.11
CA GLU B 641 -46.65 43.71 18.48
C GLU B 641 -47.14 43.71 17.03
N ILE B 642 -46.71 42.70 16.25
CA ILE B 642 -47.21 42.83 14.85
C ILE B 642 -48.74 42.76 14.94
N GLN B 643 -49.26 42.09 15.97
CA GLN B 643 -50.72 41.87 16.12
C GLN B 643 -51.41 43.21 16.30
N GLY B 644 -50.93 44.01 17.24
CA GLY B 644 -51.48 45.35 17.44
C GLY B 644 -51.38 46.14 16.17
N GLY B 645 -50.21 46.14 15.50
CA GLY B 645 -50.20 46.93 14.25
C GLY B 645 -51.34 46.52 13.34
N LEU B 646 -51.50 45.21 13.13
CA LEU B 646 -52.54 44.69 12.20
C LEU B 646 -53.95 45.06 12.65
N GLU B 647 -54.28 44.92 13.94
CA GLU B 647 -55.66 45.17 14.43
C GLU B 647 -55.92 46.68 14.41
N MET B 648 -54.86 47.49 14.45
CA MET B 648 -55.03 48.97 14.31
C MET B 648 -55.41 49.21 12.86
N LEU B 649 -54.58 48.69 11.94
CA LEU B 649 -54.89 48.82 10.49
C LEU B 649 -56.38 48.52 10.33
N LEU B 650 -56.88 47.48 11.04
CA LEU B 650 -58.32 47.17 11.00
C LEU B 650 -59.10 48.40 11.49
N LYS B 651 -58.75 48.93 12.66
CA LYS B 651 -59.50 50.08 13.23
C LYS B 651 -59.81 51.06 12.10
N SER B 652 -58.86 51.25 11.18
CA SER B 652 -59.11 52.13 10.01
C SER B 652 -58.70 51.40 8.72
N SER B 653 -59.25 50.20 8.48
CA SER B 653 -58.88 49.40 7.29
C SER B 653 -59.76 49.80 6.10
N ASN B 654 -59.63 49.09 4.97
CA ASN B 654 -60.52 49.35 3.81
C ASN B 654 -61.69 48.36 3.88
N ALA B 655 -62.92 48.87 3.97
CA ALA B 655 -64.10 47.98 4.12
C ALA B 655 -64.12 46.93 3.01
N GLU B 656 -63.95 47.36 1.76
CA GLU B 656 -63.98 46.42 0.60
C GLU B 656 -62.84 45.40 0.77
N ILE B 657 -61.64 45.88 1.08
CA ILE B 657 -60.47 44.97 1.26
C ILE B 657 -60.76 44.02 2.42
N LEU B 658 -61.35 44.54 3.50
CA LEU B 658 -61.64 43.71 4.70
C LEU B 658 -62.74 42.69 4.36
N ASN B 659 -63.77 43.12 3.63
CA ASN B 659 -64.87 42.22 3.32
C ASN B 659 -64.48 41.16 2.30
N ASN B 660 -63.49 41.49 1.47
CA ASN B 660 -63.01 40.53 0.43
C ASN B 660 -61.80 39.76 0.98
N PRO B 661 -61.93 38.46 1.32
CA PRO B 661 -60.83 37.70 1.91
C PRO B 661 -59.53 37.84 1.10
N LYS B 662 -59.62 37.90 -0.22
CA LYS B 662 -58.41 37.95 -1.04
C LYS B 662 -57.55 39.16 -0.66
N LYS B 663 -58.17 40.34 -0.51
CA LYS B 663 -57.40 41.53 -0.15
C LYS B 663 -56.78 41.38 1.24
N LEU B 664 -57.54 40.83 2.19
CA LEU B 664 -57.00 40.63 3.53
C LEU B 664 -55.82 39.67 3.50
N GLU B 665 -55.92 38.58 2.73
CA GLU B 665 -54.83 37.63 2.64
C GLU B 665 -53.60 38.27 2.00
N ASP B 666 -53.80 39.06 0.94
CA ASP B 666 -52.67 39.73 0.30
C ASP B 666 -52.00 40.71 1.26
N HIS B 667 -52.78 41.49 1.99
CA HIS B 667 -52.21 42.45 2.94
C HIS B 667 -51.47 41.73 4.06
N THR B 668 -52.04 40.64 4.56
CA THR B 668 -51.36 39.87 5.61
C THR B 668 -50.06 39.28 5.09
N ARG B 669 -50.05 38.78 3.85
CA ARG B 669 -48.84 38.24 3.27
C ARG B 669 -47.78 39.32 3.13
N ASN B 670 -48.16 40.51 2.67
CA ASN B 670 -47.20 41.60 2.54
C ASN B 670 -46.64 42.00 3.89
N PHE B 671 -47.50 42.10 4.91
CA PHE B 671 -47.04 42.46 6.25
C PHE B 671 -46.08 41.41 6.79
N ILE B 672 -46.41 40.12 6.60
CA ILE B 672 -45.55 39.05 7.08
C ILE B 672 -44.21 39.08 6.35
N ARG B 673 -44.24 39.35 5.04
CA ARG B 673 -43.00 39.43 4.29
C ARG B 673 -42.12 40.56 4.80
N LYS B 674 -42.73 41.72 5.06
CA LYS B 674 -41.96 42.85 5.59
C LYS B 674 -41.38 42.50 6.97
N ALA B 675 -42.19 41.90 7.84
CA ALA B 675 -41.72 41.57 9.18
C ALA B 675 -40.58 40.56 9.13
N LEU B 676 -40.71 39.54 8.28
CA LEU B 676 -39.66 38.54 8.17
C LEU B 676 -38.39 39.11 7.55
N PHE B 677 -38.54 40.02 6.57
CA PHE B 677 -37.38 40.69 6.02
C PHE B 677 -36.67 41.50 7.10
N LYS B 678 -37.43 42.20 7.94
CA LYS B 678 -36.83 42.97 9.03
C LYS B 678 -36.14 42.07 10.04
N LYS B 679 -36.76 40.93 10.39
CA LYS B 679 -36.26 40.11 11.48
C LYS B 679 -35.19 39.12 11.04
N PHE B 680 -35.52 38.21 10.11
CA PHE B 680 -34.60 37.15 9.70
C PHE B 680 -34.31 37.14 8.21
N ARG B 681 -34.83 38.10 7.44
CA ARG B 681 -34.56 38.18 6.00
C ARG B 681 -35.23 37.05 5.22
N LYS B 682 -36.45 36.69 5.62
CA LYS B 682 -37.18 35.60 4.97
C LYS B 682 -38.56 36.09 4.57
N TYR B 683 -39.31 35.19 3.91
CA TYR B 683 -40.71 35.52 3.52
C TYR B 683 -41.55 34.28 3.86
N PRO B 684 -42.00 34.10 5.12
CA PRO B 684 -42.69 32.87 5.53
C PRO B 684 -44.13 32.75 5.03
N ALA B 685 -44.64 31.52 4.92
CA ALA B 685 -46.01 31.30 4.49
C ALA B 685 -46.97 31.91 5.50
N ILE B 686 -47.90 32.72 5.01
CA ILE B 686 -48.89 33.41 5.83
C ILE B 686 -50.28 32.94 5.40
N ILE B 687 -51.07 32.46 6.36
CA ILE B 687 -52.43 32.02 6.12
C ILE B 687 -53.36 33.01 6.78
N CYS B 688 -54.29 33.57 6.01
CA CYS B 688 -55.25 34.54 6.50
C CYS B 688 -56.67 34.02 6.27
N HIS B 689 -57.49 34.17 7.30
CA HIS B 689 -58.89 33.74 7.25
C HIS B 689 -59.76 34.92 7.64
N ALA B 690 -60.74 35.24 6.80
CA ALA B 690 -61.68 36.33 7.03
C ALA B 690 -63.07 35.77 7.24
N HIS B 691 -63.78 36.34 8.21
CA HIS B 691 -65.12 35.90 8.56
C HIS B 691 -66.06 37.10 8.62
N SER B 692 -67.34 36.85 8.36
CA SER B 692 -68.37 37.87 8.39
C SER B 692 -69.51 37.44 9.29
N PHE B 693 -69.19 36.83 10.43
CA PHE B 693 -70.19 36.38 11.38
C PHE B 693 -70.81 37.56 12.12
N SER C 141 -4.83 21.66 50.65
CA SER C 141 -3.48 21.25 51.05
C SER C 141 -2.51 21.46 49.89
N LYS C 142 -2.22 20.39 49.16
CA LYS C 142 -1.35 20.50 47.99
C LYS C 142 -2.03 21.32 46.90
N ALA C 143 -1.21 22.00 46.11
CA ALA C 143 -1.72 22.80 45.01
C ALA C 143 -2.42 21.91 43.99
N SER C 144 -3.53 22.39 43.46
CA SER C 144 -4.32 21.62 42.50
C SER C 144 -5.15 22.58 41.68
N VAL C 145 -5.69 22.06 40.58
CA VAL C 145 -6.49 22.84 39.65
C VAL C 145 -7.74 22.05 39.29
N LYS C 146 -8.68 22.75 38.67
CA LYS C 146 -9.97 22.17 38.26
C LYS C 146 -10.16 22.50 36.78
N ILE C 147 -9.89 21.52 35.89
CA ILE C 147 -9.98 21.73 34.42
C ILE C 147 -11.23 21.02 33.95
N THR C 148 -12.27 21.76 33.59
CA THR C 148 -13.52 21.21 33.05
C THR C 148 -13.71 21.85 31.69
N PRO C 149 -13.92 21.08 30.60
CA PRO C 149 -13.92 21.67 29.27
C PRO C 149 -15.30 22.01 28.72
N LEU C 150 -15.37 22.95 27.81
CA LEU C 150 -16.61 23.47 27.26
C LEU C 150 -16.86 23.04 25.83
N GLY C 151 -15.83 22.60 25.12
CA GLY C 151 -16.01 22.19 23.75
C GLY C 151 -14.86 21.40 23.19
N GLY C 152 -15.14 20.56 22.19
CA GLY C 152 -14.16 19.71 21.55
C GLY C 152 -14.33 18.24 21.83
N LEU C 153 -14.98 17.88 22.94
CA LEU C 153 -15.19 16.48 23.31
C LEU C 153 -16.56 16.05 22.78
N GLY C 154 -16.56 15.51 21.56
CA GLY C 154 -17.77 14.98 20.98
C GLY C 154 -18.00 15.42 19.55
N GLU C 155 -17.05 16.16 18.96
CA GLU C 155 -17.20 16.63 17.60
C GLU C 155 -15.91 17.30 17.15
N ILE C 156 -15.62 17.18 15.87
CA ILE C 156 -14.50 17.88 15.26
C ILE C 156 -14.83 19.37 15.29
N GLY C 157 -13.99 20.16 15.96
CA GLY C 157 -14.19 21.58 16.08
C GLY C 157 -14.94 21.93 17.36
N GLY C 158 -15.16 23.23 17.52
CA GLY C 158 -15.83 23.71 18.71
C GLY C 158 -15.04 23.40 19.97
N ASN C 159 -13.72 23.56 19.92
CA ASN C 159 -12.88 23.30 21.07
C ASN C 159 -12.80 24.53 21.96
N MET C 160 -12.92 24.32 23.27
CA MET C 160 -12.84 25.43 24.21
C MET C 160 -12.66 24.84 25.60
N MET C 161 -11.55 25.19 26.28
CA MET C 161 -11.25 24.69 27.61
C MET C 161 -11.23 25.84 28.60
N VAL C 162 -11.53 25.51 29.85
CA VAL C 162 -11.51 26.47 30.95
C VAL C 162 -10.81 25.81 32.13
N ILE C 163 -9.61 26.30 32.45
CA ILE C 163 -8.86 25.80 33.60
C ILE C 163 -9.22 26.68 34.79
N GLU C 164 -9.60 26.04 35.89
CA GLU C 164 -10.10 26.74 37.07
C GLU C 164 -9.29 26.30 38.28
N THR C 165 -8.48 27.22 38.82
CA THR C 165 -7.66 26.92 40.02
C THR C 165 -8.16 27.82 41.17
N PRO C 166 -7.67 27.66 42.41
CA PRO C 166 -8.07 28.55 43.50
C PRO C 166 -7.82 30.03 43.17
N LYS C 167 -8.88 30.84 43.21
CA LYS C 167 -8.75 32.29 42.86
C LYS C 167 -8.00 32.43 41.53
N SER C 168 -8.04 31.40 40.69
CA SER C 168 -7.35 31.43 39.37
C SER C 168 -8.29 30.88 38.28
N ALA C 169 -8.21 31.44 37.07
CA ALA C 169 -9.09 30.98 35.97
C ALA C 169 -8.53 31.44 34.62
N ILE C 170 -8.33 30.50 33.69
CA ILE C 170 -7.83 30.84 32.36
C ILE C 170 -8.71 30.14 31.32
N VAL C 171 -8.80 30.75 30.15
CA VAL C 171 -9.57 30.23 29.03
C VAL C 171 -8.60 29.85 27.93
N ILE C 172 -8.73 28.63 27.43
CA ILE C 172 -7.94 28.14 26.31
C ILE C 172 -8.87 27.99 25.11
N ASP C 173 -8.82 28.96 24.21
CA ASP C 173 -9.33 28.79 22.85
C ASP C 173 -10.85 28.70 22.79
N ALA C 174 -11.44 29.12 21.67
CA ALA C 174 -12.89 29.06 21.47
C ALA C 174 -13.14 28.90 19.98
N GLY C 175 -13.42 27.67 19.56
CA GLY C 175 -13.64 27.36 18.17
C GLY C 175 -15.12 27.20 17.83
N MET C 176 -15.37 26.70 16.62
CA MET C 176 -16.70 26.38 16.13
C MET C 176 -16.73 24.93 15.67
N SER C 177 -17.89 24.30 15.80
CA SER C 177 -18.07 22.90 15.45
C SER C 177 -18.94 22.80 14.20
N PHE C 178 -18.45 22.03 13.20
CA PHE C 178 -19.19 21.91 11.92
C PHE C 178 -19.65 20.45 11.73
N PRO C 179 -20.90 20.11 12.13
CA PRO C 179 -21.39 18.73 12.00
C PRO C 179 -21.62 18.32 10.53
N LYS C 180 -22.12 19.24 9.70
CA LYS C 180 -22.45 18.89 8.30
C LYS C 180 -21.96 19.98 7.34
N GLU C 181 -22.09 19.75 6.03
CA GLU C 181 -21.66 20.73 5.04
C GLU C 181 -22.38 20.45 3.74
N GLY C 182 -23.10 21.45 3.22
CA GLY C 182 -24.00 21.25 2.11
C GLY C 182 -23.69 22.05 0.87
N LEU C 183 -24.63 22.08 -0.08
CA LEU C 183 -24.41 22.77 -1.34
C LEU C 183 -24.46 24.28 -1.19
N PHE C 184 -25.14 24.81 -0.17
CA PHE C 184 -25.25 26.25 0.03
C PHE C 184 -24.44 26.77 1.21
N GLY C 185 -23.97 25.90 2.09
CA GLY C 185 -23.22 26.37 3.24
C GLY C 185 -22.99 25.25 4.23
N VAL C 186 -22.69 25.68 5.47
CA VAL C 186 -22.34 24.78 6.55
C VAL C 186 -23.29 25.00 7.73
N ASP C 187 -23.22 24.08 8.69
CA ASP C 187 -23.88 24.24 9.96
C ASP C 187 -23.04 25.14 10.87
N ILE C 188 -23.70 26.05 11.56
CA ILE C 188 -23.03 27.07 12.36
C ILE C 188 -23.33 26.81 13.83
N LEU C 189 -22.30 26.52 14.60
CA LEU C 189 -22.43 26.13 16.00
C LEU C 189 -21.42 26.88 16.84
N ILE C 190 -21.89 27.48 17.94
CA ILE C 190 -20.97 28.20 18.87
C ILE C 190 -21.19 27.62 20.28
N PRO C 191 -20.13 27.38 21.08
CA PRO C 191 -20.28 26.75 22.40
C PRO C 191 -21.10 27.61 23.37
N ASP C 192 -21.89 26.97 24.24
CA ASP C 192 -22.69 27.72 25.24
C ASP C 192 -21.77 28.57 26.10
N PHE C 193 -22.30 29.62 26.74
CA PHE C 193 -21.46 30.51 27.53
C PHE C 193 -21.90 30.59 28.99
N SER C 194 -22.83 29.72 29.40
CA SER C 194 -23.46 29.88 30.71
C SER C 194 -22.42 29.85 31.84
N TYR C 195 -21.50 28.88 31.79
CA TYR C 195 -20.54 28.75 32.88
C TYR C 195 -19.67 29.98 33.04
N LEU C 196 -19.24 30.60 31.95
CA LEU C 196 -18.39 31.79 32.05
C LEU C 196 -18.99 32.82 32.98
N HIS C 197 -20.30 33.03 32.91
CA HIS C 197 -20.94 34.06 33.71
C HIS C 197 -20.91 33.72 35.19
N GLN C 198 -20.68 32.46 35.54
CA GLN C 198 -20.71 32.05 36.94
C GLN C 198 -19.50 32.56 37.71
N ILE C 199 -18.31 32.44 37.15
CA ILE C 199 -17.07 32.77 37.84
C ILE C 199 -16.36 33.94 37.16
N LYS C 200 -17.13 34.91 36.65
CA LYS C 200 -16.57 36.01 35.88
C LYS C 200 -15.42 36.69 36.62
N ASP C 201 -15.52 36.81 37.93
CA ASP C 201 -14.58 37.59 38.72
C ASP C 201 -13.19 36.94 38.82
N LYS C 202 -13.04 35.68 38.40
CA LYS C 202 -11.77 34.99 38.53
C LYS C 202 -10.96 34.89 37.26
N ILE C 203 -11.59 34.89 36.09
CA ILE C 203 -10.89 34.59 34.86
C ILE C 203 -9.90 35.71 34.55
N ALA C 204 -8.64 35.34 34.36
CA ALA C 204 -7.57 36.31 34.13
C ALA C 204 -7.34 36.61 32.67
N GLY C 205 -8.06 35.96 31.74
CA GLY C 205 -7.92 36.30 30.35
C GLY C 205 -8.22 35.16 29.39
N ILE C 206 -8.16 35.44 28.10
CA ILE C 206 -8.41 34.47 27.04
C ILE C 206 -7.08 34.10 26.42
N ILE C 207 -6.83 32.80 26.27
CA ILE C 207 -5.56 32.33 25.69
C ILE C 207 -5.86 31.65 24.34
N ILE C 208 -5.44 32.22 23.20
CA ILE C 208 -5.80 31.65 21.86
C ILE C 208 -4.63 30.93 21.20
N THR C 209 -4.80 29.68 20.79
CA THR C 209 -3.71 28.85 20.20
C THR C 209 -3.92 28.67 18.70
N HIS C 210 -4.21 29.73 18.00
CA HIS C 210 -4.24 29.67 16.54
C HIS C 210 -4.53 31.04 15.98
N ALA C 211 -4.03 31.29 14.77
CA ALA C 211 -4.60 32.31 13.89
C ALA C 211 -5.45 31.59 12.85
N HIS C 212 -6.62 31.13 13.28
CA HIS C 212 -7.40 30.22 12.45
C HIS C 212 -8.84 30.18 12.96
N GLU C 213 -9.77 30.19 12.02
CA GLU C 213 -11.19 30.37 12.35
C GLU C 213 -11.75 29.22 13.17
N ASP C 214 -11.26 28.00 12.96
CA ASP C 214 -11.81 26.84 13.65
C ASP C 214 -11.63 26.91 15.16
N HIS C 215 -10.76 27.80 15.65
CA HIS C 215 -10.41 27.81 17.06
C HIS C 215 -10.69 29.13 17.77
N ILE C 216 -11.05 30.19 17.05
CA ILE C 216 -11.27 31.49 17.65
C ILE C 216 -12.69 31.97 17.34
N GLY C 217 -13.50 31.08 16.79
CA GLY C 217 -14.76 31.50 16.20
C GLY C 217 -15.73 32.16 17.16
N ALA C 218 -15.78 31.68 18.40
CA ALA C 218 -16.75 32.21 19.39
C ALA C 218 -16.15 33.43 20.10
N THR C 219 -14.83 33.61 20.01
CA THR C 219 -14.17 34.73 20.74
C THR C 219 -14.90 36.06 20.44
N PRO C 220 -15.13 36.44 19.17
CA PRO C 220 -15.75 37.74 18.86
C PRO C 220 -17.18 37.82 19.43
N TYR C 221 -18.00 36.79 19.18
CA TYR C 221 -19.40 36.78 19.67
C TYR C 221 -19.41 36.74 21.19
N LEU C 222 -18.53 35.94 21.79
CA LEU C 222 -18.48 35.81 23.27
C LEU C 222 -18.40 37.19 23.92
N PHE C 223 -17.75 38.15 23.25
CA PHE C 223 -17.58 39.47 23.85
C PHE C 223 -18.86 40.29 23.83
N LYS C 224 -19.88 39.85 23.10
CA LYS C 224 -21.19 40.49 23.23
C LYS C 224 -21.82 40.20 24.59
N GLU C 225 -21.18 39.35 25.41
CA GLU C 225 -21.64 39.07 26.77
C GLU C 225 -20.63 39.44 27.84
N LEU C 226 -19.36 39.04 27.67
CA LEU C 226 -18.35 39.21 28.73
C LEU C 226 -17.06 39.74 28.11
N GLN C 227 -16.23 40.38 28.94
CA GLN C 227 -14.96 40.96 28.44
C GLN C 227 -13.79 40.44 29.29
N PHE C 228 -12.68 40.09 28.64
CA PHE C 228 -11.47 39.61 29.37
C PHE C 228 -10.23 39.87 28.51
N PRO C 229 -9.05 39.98 29.14
CA PRO C 229 -7.88 40.28 28.38
C PRO C 229 -7.67 39.15 27.37
N LEU C 230 -7.30 39.53 26.16
CA LEU C 230 -6.98 38.52 25.13
C LEU C 230 -5.46 38.43 25.08
N TYR C 231 -4.83 37.49 25.79
CA TYR C 231 -3.38 37.31 25.63
C TYR C 231 -3.24 36.25 24.54
N GLY C 232 -2.75 36.63 23.36
CA GLY C 232 -2.61 35.67 22.25
C GLY C 232 -1.33 35.88 21.45
N THR C 233 -1.35 35.55 20.16
CA THR C 233 -0.16 35.76 19.28
C THR C 233 -0.45 36.97 18.38
N PRO C 234 0.56 37.77 17.98
CA PRO C 234 0.30 38.98 17.19
C PRO C 234 -0.56 38.67 15.97
N LEU C 235 -0.17 37.67 15.17
CA LEU C 235 -0.96 37.28 13.97
C LEU C 235 -2.31 36.70 14.43
N SER C 236 -2.29 35.82 15.43
CA SER C 236 -3.54 35.21 15.93
C SER C 236 -4.48 36.29 16.45
N LEU C 237 -3.94 37.28 17.17
CA LEU C 237 -4.77 38.36 17.75
C LEU C 237 -5.37 39.21 16.62
N GLY C 238 -4.64 39.38 15.51
CA GLY C 238 -5.14 40.25 14.44
C GLY C 238 -6.44 39.68 13.92
N LEU C 239 -6.33 38.58 13.20
CA LEU C 239 -7.51 37.89 12.68
C LEU C 239 -8.64 37.85 13.70
N ILE C 240 -8.32 37.63 14.97
CA ILE C 240 -9.36 37.64 15.99
C ILE C 240 -10.03 39.00 16.06
N GLY C 241 -9.24 40.08 16.00
CA GLY C 241 -9.82 41.41 15.97
C GLY C 241 -10.68 41.65 14.77
N SER C 242 -10.28 41.11 13.60
CA SER C 242 -11.15 41.18 12.43
C SER C 242 -12.49 40.50 12.72
N LYS C 243 -12.44 39.31 13.31
CA LYS C 243 -13.68 38.61 13.66
C LYS C 243 -14.55 39.45 14.59
N PHE C 244 -13.93 40.06 15.61
CA PHE C 244 -14.72 40.82 16.57
C PHE C 244 -15.35 42.05 15.90
N ASP C 245 -14.57 42.77 15.10
CA ASP C 245 -15.11 43.92 14.40
C ASP C 245 -16.29 43.51 13.52
N GLU C 246 -16.18 42.35 12.87
CA GLU C 246 -17.34 41.82 12.14
C GLU C 246 -18.51 41.54 13.08
N HIS C 247 -18.21 41.03 14.28
CA HIS C 247 -19.20 40.79 15.32
C HIS C 247 -19.57 42.06 16.08
N GLY C 248 -18.93 43.19 15.79
CA GLY C 248 -19.19 44.41 16.52
C GLY C 248 -18.80 44.33 17.98
N LEU C 249 -17.63 43.77 18.28
CA LEU C 249 -17.16 43.61 19.65
C LEU C 249 -15.84 44.32 19.86
N LYS C 250 -15.72 45.56 19.35
CA LYS C 250 -14.45 46.28 19.45
C LYS C 250 -14.03 46.46 20.90
N LYS C 251 -14.97 46.40 21.84
CA LYS C 251 -14.60 46.53 23.25
C LYS C 251 -13.45 45.59 23.57
N TYR C 252 -13.60 44.33 23.19
CA TYR C 252 -12.66 43.28 23.55
C TYR C 252 -11.32 43.44 22.83
N ARG C 253 -11.28 44.31 21.83
CA ARG C 253 -10.03 44.53 21.05
C ARG C 253 -8.97 45.14 21.97
N SER C 254 -9.38 46.03 22.88
CA SER C 254 -8.43 46.66 23.83
C SER C 254 -7.78 45.57 24.69
N TYR C 255 -8.49 44.46 24.91
CA TYR C 255 -7.96 43.36 25.74
C TYR C 255 -6.80 42.65 25.03
N PHE C 256 -6.58 42.98 23.75
CA PHE C 256 -5.52 42.31 22.95
C PHE C 256 -4.20 42.35 23.73
N LYS C 257 -3.58 41.19 23.98
CA LYS C 257 -2.29 41.10 24.74
CA LYS C 257 -2.30 41.10 24.74
C LYS C 257 -1.32 40.08 24.13
N ILE C 258 -0.45 40.72 23.34
CA ILE C 258 0.52 39.97 22.50
C ILE C 258 1.44 39.13 23.40
N VAL C 259 1.46 37.81 23.21
CA VAL C 259 2.40 36.93 23.97
C VAL C 259 3.57 36.58 23.03
N GLU C 260 4.81 36.62 23.52
CA GLU C 260 5.97 36.40 22.62
C GLU C 260 6.31 34.90 22.56
N LYS C 261 6.61 34.40 21.36
CA LYS C 261 6.97 32.97 21.16
C LYS C 261 8.21 32.71 22.01
N ARG C 262 8.34 31.50 22.59
CA ARG C 262 9.60 31.20 23.33
C ARG C 262 9.77 32.19 24.49
N CYS C 263 8.85 33.14 24.63
CA CYS C 263 8.91 34.12 25.76
C CYS C 263 7.74 33.86 26.71
N PRO C 264 7.98 33.66 28.02
CA PRO C 264 6.92 33.39 28.99
C PRO C 264 6.06 34.64 29.24
N ILE C 265 4.81 34.45 29.68
CA ILE C 265 3.91 35.60 29.95
C ILE C 265 3.18 35.34 31.28
N SER C 266 3.49 36.13 32.31
CA SER C 266 2.89 35.89 33.66
C SER C 266 1.40 36.28 33.65
N VAL C 267 0.52 35.29 33.71
CA VAL C 267 -0.95 35.56 33.73
C VAL C 267 -1.47 35.25 35.13
N GLY C 268 -1.61 36.28 35.98
CA GLY C 268 -2.05 36.06 37.37
C GLY C 268 -1.19 35.02 38.06
N GLU C 269 -1.81 34.02 38.69
CA GLU C 269 -1.03 32.93 39.34
C GLU C 269 -0.71 31.85 38.30
N PHE C 270 -0.01 32.23 37.22
CA PHE C 270 0.33 31.26 36.15
C PHE C 270 1.35 31.88 35.19
N ILE C 271 2.12 31.04 34.48
CA ILE C 271 3.11 31.53 33.54
C ILE C 271 2.83 30.82 32.22
N ILE C 272 2.77 31.56 31.13
CA ILE C 272 2.31 31.05 29.85
C ILE C 272 3.43 31.23 28.83
N GLU C 273 3.62 30.23 27.93
CA GLU C 273 4.63 30.27 26.83
C GLU C 273 4.06 29.75 25.51
N TRP C 274 4.23 30.48 24.39
CA TRP C 274 3.72 30.05 23.06
C TRP C 274 4.81 29.32 22.26
N ILE C 275 4.86 27.97 22.26
CA ILE C 275 5.94 27.14 21.62
C ILE C 275 5.66 26.93 20.15
N HIS C 276 6.36 27.63 19.27
CA HIS C 276 6.06 27.35 17.87
C HIS C 276 5.97 25.85 17.66
N ILE C 277 5.06 25.43 16.79
CA ILE C 277 4.89 24.02 16.46
C ILE C 277 4.25 23.93 15.09
N THR C 278 4.81 23.06 14.25
CA THR C 278 4.43 23.02 12.85
C THR C 278 2.98 22.60 12.69
N HIS C 279 2.35 23.14 11.65
CA HIS C 279 0.99 22.75 11.27
C HIS C 279 0.72 23.38 9.92
N SER C 280 -0.36 22.90 9.28
CA SER C 280 -0.87 23.54 8.09
C SER C 280 -0.82 25.06 8.17
N ILE C 281 -1.31 25.63 9.28
CA ILE C 281 -1.53 27.06 9.39
C ILE C 281 -0.20 27.81 9.33
N ILE C 282 -0.20 29.00 8.72
CA ILE C 282 1.04 29.76 8.62
C ILE C 282 1.64 29.99 10.00
N ASP C 283 0.82 30.36 10.97
CA ASP C 283 1.26 30.52 12.34
C ASP C 283 0.52 29.49 13.18
N SER C 284 1.06 29.21 14.36
CA SER C 284 0.45 28.31 15.32
C SER C 284 1.23 28.40 16.61
N SER C 285 0.85 27.58 17.58
CA SER C 285 1.62 27.51 18.81
C SER C 285 1.00 26.48 19.74
N ALA C 286 1.78 26.08 20.75
CA ALA C 286 1.24 25.33 21.88
C ALA C 286 1.53 26.09 23.17
N LEU C 287 0.77 25.75 24.20
CA LEU C 287 0.81 26.43 25.49
C LEU C 287 1.56 25.59 26.51
N ALA C 288 2.54 26.20 27.14
CA ALA C 288 3.18 25.64 28.32
C ALA C 288 2.78 26.52 29.50
N ILE C 289 2.23 25.91 30.54
CA ILE C 289 1.71 26.61 31.70
C ILE C 289 2.56 26.18 32.88
N GLN C 290 3.24 27.12 33.52
CA GLN C 290 3.87 26.84 34.81
C GLN C 290 3.01 27.38 35.94
N THR C 291 2.94 26.62 37.02
CA THR C 291 2.14 26.93 38.19
C THR C 291 2.82 26.33 39.41
N LYS C 292 2.49 26.84 40.59
CA LYS C 292 3.00 26.22 41.80
C LYS C 292 2.51 24.79 41.96
N ALA C 293 1.45 24.40 41.24
CA ALA C 293 0.99 23.03 41.25
C ALA C 293 1.72 22.14 40.26
N GLY C 294 2.47 22.71 39.32
CA GLY C 294 3.13 21.94 38.29
C GLY C 294 3.00 22.58 36.93
N THR C 295 3.24 21.83 35.86
CA THR C 295 3.19 22.37 34.52
C THR C 295 2.14 21.64 33.68
N ILE C 296 1.50 22.38 32.80
CA ILE C 296 0.43 21.88 31.95
C ILE C 296 0.79 22.16 30.50
N ILE C 297 0.51 21.21 29.61
CA ILE C 297 0.84 21.34 28.20
C ILE C 297 -0.44 21.22 27.38
N HIS C 298 -0.67 22.19 26.49
CA HIS C 298 -1.75 22.11 25.53
C HIS C 298 -1.15 22.29 24.13
N THR C 299 -1.09 21.21 23.36
CA THR C 299 -0.67 21.33 21.98
C THR C 299 -1.87 21.52 21.07
N GLY C 300 -2.80 20.57 21.10
CA GLY C 300 -4.09 20.75 20.46
C GLY C 300 -4.08 20.49 18.97
N ASP C 301 -3.54 21.43 18.19
CA ASP C 301 -3.51 21.31 16.74
C ASP C 301 -2.05 21.28 16.31
N PHE C 302 -1.57 20.14 15.85
CA PHE C 302 -0.19 20.02 15.45
C PHE C 302 0.02 18.77 14.63
N LYS C 303 0.63 18.96 13.46
CA LYS C 303 1.26 17.87 12.74
C LYS C 303 2.74 18.20 12.63
N ILE C 304 3.57 17.23 12.95
CA ILE C 304 5.00 17.46 13.05
C ILE C 304 5.56 17.35 11.63
N ASP C 305 5.47 18.46 10.88
CA ASP C 305 5.99 18.48 9.49
C ASP C 305 7.51 18.72 9.53
N HIS C 306 8.30 17.70 9.17
CA HIS C 306 9.78 17.82 9.20
C HIS C 306 10.22 18.94 8.27
N THR C 307 9.59 19.06 7.09
CA THR C 307 9.97 20.10 6.10
C THR C 307 8.74 20.92 5.71
N PRO C 308 8.29 21.89 6.54
CA PRO C 308 7.15 22.74 6.18
C PRO C 308 7.58 23.80 5.17
N VAL C 309 6.68 24.22 4.28
CA VAL C 309 7.00 25.26 3.30
C VAL C 309 7.64 26.45 3.99
N ASP C 310 7.21 26.77 5.21
CA ASP C 310 7.75 27.90 5.94
C ASP C 310 9.07 27.59 6.63
N ASN C 311 9.57 26.37 6.50
CA ASN C 311 10.85 25.93 7.07
C ASN C 311 11.14 26.60 8.42
N LEU C 312 10.13 26.57 9.30
CA LEU C 312 10.32 27.08 10.67
C LEU C 312 10.06 25.89 11.60
N PRO C 313 10.95 24.88 11.66
CA PRO C 313 10.68 23.64 12.43
C PRO C 313 10.32 23.87 13.90
N THR C 314 9.45 23.00 14.44
CA THR C 314 9.06 23.11 15.87
C THR C 314 10.32 23.23 16.74
N ASP C 315 10.26 23.99 17.82
CA ASP C 315 11.42 24.20 18.68
C ASP C 315 11.37 23.14 19.78
N LEU C 316 11.69 21.90 19.40
CA LEU C 316 11.46 20.78 20.31
C LEU C 316 12.20 20.96 21.63
N TYR C 317 13.30 21.73 21.63
CA TYR C 317 14.11 21.80 22.84
C TYR C 317 13.25 22.21 24.03
N ARG C 318 12.37 23.19 23.87
CA ARG C 318 11.57 23.63 25.00
C ARG C 318 10.66 22.52 25.49
N LEU C 319 10.02 21.79 24.57
CA LEU C 319 9.15 20.71 24.99
C LEU C 319 9.94 19.66 25.76
N ALA C 320 11.13 19.31 25.25
CA ALA C 320 11.96 18.34 25.94
C ALA C 320 12.38 18.86 27.32
N HIS C 321 12.70 20.15 27.41
CA HIS C 321 13.10 20.75 28.67
C HIS C 321 11.97 20.65 29.69
N TYR C 322 10.76 20.97 29.26
CA TYR C 322 9.61 20.83 30.15
C TYR C 322 9.44 19.40 30.59
N GLY C 323 9.59 18.45 29.66
CA GLY C 323 9.57 17.05 30.05
C GLY C 323 10.64 16.74 31.08
N GLU C 324 11.82 17.33 30.91
CA GLU C 324 12.93 17.03 31.81
C GLU C 324 12.65 17.53 33.22
N LYS C 325 12.08 18.73 33.32
CA LYS C 325 11.77 19.28 34.65
C LYS C 325 10.64 18.49 35.31
N GLY C 326 9.73 17.94 34.50
CA GLY C 326 8.59 17.21 35.03
C GLY C 326 7.28 17.91 34.68
N VAL C 327 6.50 17.30 33.79
CA VAL C 327 5.29 17.91 33.25
C VAL C 327 4.08 17.23 33.87
N MET C 328 3.19 18.03 34.46
CA MET C 328 2.03 17.46 35.14
C MET C 328 0.95 17.05 34.14
N LEU C 329 0.42 18.02 33.39
CA LEU C 329 -0.78 17.81 32.59
C LEU C 329 -0.48 18.03 31.11
N LEU C 330 -1.05 17.17 30.29
CA LEU C 330 -0.82 17.19 28.85
C LEU C 330 -2.14 17.13 28.10
N LEU C 331 -2.37 18.10 27.23
CA LEU C 331 -3.52 18.12 26.33
C LEU C 331 -3.01 18.05 24.90
N SER C 332 -3.41 17.02 24.17
CA SER C 332 -2.83 16.72 22.88
C SER C 332 -3.91 16.42 21.85
N ASP C 333 -3.59 16.69 20.59
CA ASP C 333 -4.49 16.35 19.50
C ASP C 333 -4.80 14.87 19.54
N SER C 334 -6.02 14.52 19.15
CA SER C 334 -6.43 13.12 19.09
C SER C 334 -7.28 12.82 17.86
N THR C 335 -7.28 13.71 16.87
CA THR C 335 -8.22 13.57 15.77
C THR C 335 -8.01 12.28 15.01
N ASN C 336 -6.78 12.03 14.57
CA ASN C 336 -6.49 10.96 13.62
C ASN C 336 -5.97 9.70 14.30
N SER C 337 -6.41 9.44 15.54
CA SER C 337 -5.87 8.30 16.26
C SER C 337 -6.18 6.97 15.57
N HIS C 338 -7.09 6.97 14.60
CA HIS C 338 -7.45 5.75 13.89
C HIS C 338 -6.49 5.40 12.77
N LYS C 339 -5.59 6.29 12.39
CA LYS C 339 -4.73 6.09 11.23
C LYS C 339 -3.35 5.64 11.68
N SER C 340 -2.63 4.97 10.79
CA SER C 340 -1.25 4.57 11.05
C SER C 340 -0.32 5.23 10.03
N GLY C 341 0.96 5.27 10.37
CA GLY C 341 1.93 5.98 9.56
C GLY C 341 1.76 7.47 9.76
N THR C 342 2.89 8.19 9.73
CA THR C 342 2.86 9.67 9.94
C THR C 342 2.19 10.33 8.73
N THR C 343 1.46 11.42 8.97
CA THR C 343 0.79 12.16 7.87
C THR C 343 1.85 12.77 6.94
N PRO C 344 1.62 12.85 5.61
CA PRO C 344 2.62 13.38 4.68
C PRO C 344 2.82 14.89 4.88
N SER C 345 4.05 15.37 4.71
CA SER C 345 4.35 16.82 4.88
C SER C 345 3.76 17.61 3.71
N GLU C 346 3.24 18.81 3.98
CA GLU C 346 2.69 19.65 2.93
C GLU C 346 3.60 19.70 1.71
N SER C 347 4.91 19.57 1.91
CA SER C 347 5.83 19.60 0.78
C SER C 347 5.54 18.50 -0.22
N THR C 348 4.93 17.39 0.20
CA THR C 348 4.49 16.37 -0.73
C THR C 348 3.50 16.92 -1.74
N ILE C 349 2.84 18.02 -1.40
CA ILE C 349 1.87 18.62 -2.28
C ILE C 349 2.51 19.44 -3.40
N ALA C 350 3.65 20.06 -3.10
CA ALA C 350 4.34 20.93 -4.09
C ALA C 350 4.33 20.25 -5.47
N PRO C 351 4.87 19.01 -5.62
CA PRO C 351 4.94 18.36 -6.93
C PRO C 351 3.56 18.43 -7.63
N ALA C 352 2.48 18.23 -6.87
CA ALA C 352 1.16 18.25 -7.49
C ALA C 352 0.90 19.55 -8.22
N PHE C 353 1.07 20.68 -7.51
CA PHE C 353 0.90 21.97 -8.18
C PHE C 353 1.85 22.11 -9.36
N ASP C 354 3.12 21.77 -9.17
CA ASP C 354 4.07 21.97 -10.26
C ASP C 354 3.63 21.23 -11.51
N THR C 355 3.38 19.92 -11.38
CA THR C 355 3.02 19.12 -12.55
C THR C 355 1.70 19.58 -13.15
N LEU C 356 0.68 19.81 -12.33
CA LEU C 356 -0.61 20.22 -12.86
C LEU C 356 -0.48 21.55 -13.61
N PHE C 357 0.31 22.48 -13.08
CA PHE C 357 0.40 23.80 -13.68
C PHE C 357 1.23 23.78 -14.95
N LYS C 358 2.22 22.88 -15.05
CA LYS C 358 2.97 22.78 -16.30
C LYS C 358 2.06 22.35 -17.44
N GLU C 359 1.13 21.44 -17.17
CA GLU C 359 0.27 20.87 -18.20
C GLU C 359 -1.01 21.67 -18.41
N ALA C 360 -1.36 22.57 -17.51
CA ALA C 360 -2.60 23.33 -17.63
C ALA C 360 -2.56 24.18 -18.89
N GLN C 361 -3.62 24.12 -19.69
CA GLN C 361 -3.73 24.91 -20.90
C GLN C 361 -4.76 26.03 -20.80
N GLY C 362 -5.62 26.01 -19.78
CA GLY C 362 -6.68 26.98 -19.64
C GLY C 362 -6.68 27.62 -18.27
N ARG C 363 -7.86 28.10 -17.87
CA ARG C 363 -8.00 28.73 -16.57
C ARG C 363 -7.90 27.70 -15.46
N VAL C 364 -7.37 28.14 -14.33
CA VAL C 364 -7.22 27.31 -13.14
C VAL C 364 -8.13 27.89 -12.07
N ILE C 365 -8.93 27.03 -11.45
CA ILE C 365 -9.81 27.42 -10.36
C ILE C 365 -9.33 26.72 -9.11
N MET C 366 -9.45 27.37 -7.96
CA MET C 366 -9.08 26.80 -6.67
C MET C 366 -10.19 27.12 -5.67
N SER C 367 -10.66 26.10 -4.96
CA SER C 367 -11.72 26.27 -3.98
C SER C 367 -11.27 25.77 -2.61
N THR C 368 -11.34 26.65 -1.61
CA THR C 368 -10.98 26.34 -0.24
C THR C 368 -11.76 27.27 0.69
N PHE C 369 -11.36 27.30 1.96
CA PHE C 369 -11.99 28.11 2.99
C PHE C 369 -11.05 29.25 3.39
N SER C 370 -11.59 30.18 4.18
CA SER C 370 -10.92 31.46 4.40
C SER C 370 -9.63 31.34 5.18
N SER C 371 -9.33 30.19 5.80
CA SER C 371 -8.24 30.10 6.74
C SER C 371 -7.20 29.05 6.36
N ASN C 372 -7.16 28.59 5.11
CA ASN C 372 -6.10 27.70 4.65
C ASN C 372 -5.00 28.51 3.94
N ILE C 373 -4.35 29.36 4.73
CA ILE C 373 -3.46 30.37 4.17
C ILE C 373 -2.27 29.72 3.48
N HIS C 374 -1.71 28.67 4.08
CA HIS C 374 -0.52 28.04 3.51
C HIS C 374 -0.80 27.52 2.11
N ARG C 375 -1.95 26.87 1.92
CA ARG C 375 -2.28 26.29 0.63
C ARG C 375 -2.39 27.35 -0.43
N VAL C 376 -3.12 28.42 -0.15
CA VAL C 376 -3.25 29.51 -1.11
C VAL C 376 -1.90 30.15 -1.36
N TYR C 377 -1.03 30.20 -0.34
CA TYR C 377 0.30 30.74 -0.55
C TYR C 377 1.07 29.91 -1.57
N GLN C 378 1.08 28.59 -1.39
CA GLN C 378 1.71 27.71 -2.37
C GLN C 378 1.12 27.94 -3.75
N ALA C 379 -0.21 28.03 -3.82
CA ALA C 379 -0.88 28.16 -5.11
C ALA C 379 -0.46 29.44 -5.81
N ILE C 380 -0.47 30.57 -5.11
CA ILE C 380 -0.14 31.83 -5.74
C ILE C 380 1.34 31.88 -6.10
N GLN C 381 2.20 31.30 -5.26
CA GLN C 381 3.61 31.25 -5.60
C GLN C 381 3.83 30.48 -6.88
N TYR C 382 3.17 29.32 -7.02
CA TYR C 382 3.28 28.59 -8.27
C TYR C 382 2.69 29.36 -9.44
N GLY C 383 1.54 30.01 -9.23
CA GLY C 383 0.92 30.74 -10.31
C GLY C 383 1.80 31.83 -10.86
N ILE C 384 2.43 32.61 -9.98
CA ILE C 384 3.40 33.58 -10.45
C ILE C 384 4.59 32.88 -11.08
N LYS C 385 5.02 31.74 -10.51
CA LYS C 385 6.02 30.92 -11.17
C LYS C 385 5.55 30.48 -12.55
N TYR C 386 4.25 30.35 -12.74
CA TYR C 386 3.66 30.00 -14.04
C TYR C 386 2.91 31.18 -14.65
N ASN C 387 3.18 32.39 -14.15
CA ASN C 387 2.70 33.63 -14.76
C ASN C 387 1.17 33.65 -14.84
N ARG C 388 0.53 33.19 -13.78
CA ARG C 388 -0.92 33.26 -13.65
C ARG C 388 -1.31 34.32 -12.64
N LYS C 389 -2.05 35.32 -13.11
CA LYS C 389 -2.57 36.35 -12.21
C LYS C 389 -3.57 35.73 -11.25
N ILE C 390 -3.65 36.27 -10.04
CA ILE C 390 -4.47 35.71 -8.98
C ILE C 390 -5.72 36.56 -8.81
N ALA C 391 -6.88 35.92 -8.85
CA ALA C 391 -8.15 36.58 -8.57
C ALA C 391 -8.68 36.03 -7.26
N VAL C 392 -8.76 36.89 -6.25
CA VAL C 392 -9.20 36.50 -4.92
C VAL C 392 -10.67 36.87 -4.79
N ILE C 393 -11.50 35.86 -4.55
CA ILE C 393 -12.95 36.01 -4.45
C ILE C 393 -13.38 35.59 -3.05
N GLY C 394 -14.09 36.47 -2.36
CA GLY C 394 -14.43 36.28 -0.97
C GLY C 394 -13.66 37.25 -0.10
N ARG C 395 -14.36 38.22 0.48
CA ARG C 395 -13.67 39.29 1.19
C ARG C 395 -12.83 38.74 2.35
N SER C 396 -13.16 37.55 2.84
CA SER C 396 -12.34 36.94 3.88
C SER C 396 -10.93 36.68 3.38
N MET C 397 -10.80 36.11 2.18
CA MET C 397 -9.48 35.98 1.58
C MET C 397 -8.78 37.32 1.46
N GLU C 398 -9.48 38.35 1.00
CA GLU C 398 -8.81 39.63 0.79
C GLU C 398 -8.29 40.19 2.11
N LYS C 399 -9.09 40.11 3.17
CA LYS C 399 -8.65 40.64 4.45
C LYS C 399 -7.51 39.81 5.03
N ASN C 400 -7.58 38.49 4.91
CA ASN C 400 -6.47 37.67 5.38
C ASN C 400 -5.19 38.01 4.63
N LEU C 401 -5.28 38.13 3.31
CA LEU C 401 -4.11 38.48 2.51
C LEU C 401 -3.52 39.81 2.94
N ASP C 402 -4.38 40.84 3.06
CA ASP C 402 -3.87 42.15 3.42
C ASP C 402 -3.24 42.14 4.82
N ILE C 403 -3.89 41.47 5.78
CA ILE C 403 -3.34 41.42 7.13
C ILE C 403 -1.99 40.74 7.13
N ALA C 404 -1.90 39.55 6.53
CA ALA C 404 -0.63 38.82 6.53
C ALA C 404 0.46 39.58 5.78
N ARG C 405 0.15 40.10 4.59
CA ARG C 405 1.14 40.81 3.81
C ARG C 405 1.64 42.06 4.54
N GLU C 406 0.73 42.80 5.18
CA GLU C 406 1.16 43.92 6.00
C GLU C 406 1.99 43.44 7.17
N LEU C 407 1.64 42.30 7.76
CA LEU C 407 2.44 41.71 8.82
C LEU C 407 3.76 41.13 8.32
N GLY C 408 3.95 41.05 7.00
CA GLY C 408 5.22 40.62 6.46
C GLY C 408 5.49 39.13 6.50
N TYR C 409 4.49 38.32 6.87
CA TYR C 409 4.67 36.88 6.85
C TYR C 409 5.00 36.36 5.46
N ILE C 410 4.59 37.08 4.41
CA ILE C 410 4.82 36.66 3.03
C ILE C 410 5.10 37.90 2.19
N HIS C 411 5.54 37.66 0.96
CA HIS C 411 5.87 38.72 0.01
C HIS C 411 4.96 38.58 -1.21
N LEU C 412 4.29 39.66 -1.59
CA LEU C 412 3.31 39.54 -2.71
C LEU C 412 3.22 40.85 -3.51
N PRO C 413 3.43 40.83 -4.84
CA PRO C 413 3.26 42.03 -5.67
C PRO C 413 1.77 42.29 -5.84
N TYR C 414 1.26 43.39 -5.27
CA TYR C 414 -0.17 43.65 -5.34
C TYR C 414 -0.67 43.68 -6.78
N GLN C 415 0.15 44.21 -7.69
CA GLN C 415 -0.25 44.28 -9.09
C GLN C 415 -0.56 42.92 -9.68
N SER C 416 -0.02 41.85 -9.10
CA SER C 416 -0.29 40.50 -9.59
C SER C 416 -1.69 40.01 -9.25
N PHE C 417 -2.42 40.71 -8.40
CA PHE C 417 -3.75 40.30 -8.00
C PHE C 417 -4.80 41.02 -8.84
N ILE C 418 -5.87 40.30 -9.16
CA ILE C 418 -6.86 40.72 -10.15
C ILE C 418 -8.24 40.42 -9.59
N GLU C 419 -9.26 41.01 -10.21
CA GLU C 419 -10.64 40.73 -9.87
C GLU C 419 -11.24 39.74 -10.86
N ALA C 420 -12.29 39.04 -10.42
CA ALA C 420 -12.95 38.08 -11.29
C ALA C 420 -13.55 38.77 -12.52
N ASN C 421 -14.12 39.96 -12.34
CA ASN C 421 -14.73 40.67 -13.45
C ASN C 421 -13.74 40.98 -14.56
N GLU C 422 -12.44 40.98 -14.26
CA GLU C 422 -11.41 41.25 -15.25
C GLU C 422 -10.88 39.99 -15.91
N VAL C 423 -11.34 38.81 -15.50
CA VAL C 423 -10.80 37.56 -16.06
C VAL C 423 -11.01 37.50 -17.56
N ALA C 424 -12.16 37.99 -18.05
CA ALA C 424 -12.44 37.96 -19.48
C ALA C 424 -11.42 38.76 -20.27
N LYS C 425 -10.69 39.67 -19.62
CA LYS C 425 -9.66 40.45 -20.31
C LYS C 425 -8.35 39.70 -20.45
N TYR C 426 -8.19 38.59 -19.72
CA TYR C 426 -6.88 37.89 -19.72
C TYR C 426 -6.97 36.53 -20.42
N PRO C 427 -5.85 35.97 -20.93
CA PRO C 427 -5.86 34.64 -21.54
C PRO C 427 -6.17 33.59 -20.48
N ASP C 428 -6.73 32.45 -20.88
CA ASP C 428 -7.12 31.43 -19.91
C ASP C 428 -5.91 30.93 -19.12
N ASN C 429 -4.81 30.66 -19.81
CA ASN C 429 -3.61 30.12 -19.16
C ASN C 429 -2.94 31.11 -18.23
N GLU C 430 -3.34 32.38 -18.22
CA GLU C 430 -2.81 33.37 -17.28
C GLU C 430 -3.78 33.63 -16.13
N VAL C 431 -4.81 32.79 -15.98
CA VAL C 431 -5.91 33.06 -15.08
C VAL C 431 -5.95 31.96 -14.02
N LEU C 432 -5.75 32.35 -12.76
CA LEU C 432 -5.92 31.46 -11.62
C LEU C 432 -6.83 32.17 -10.62
N ILE C 433 -7.92 31.51 -10.26
CA ILE C 433 -8.95 32.11 -9.43
C ILE C 433 -8.97 31.42 -8.07
N VAL C 434 -9.18 32.20 -7.02
CA VAL C 434 -9.26 31.73 -5.65
C VAL C 434 -10.68 31.98 -5.18
N THR C 435 -11.31 30.96 -4.58
CA THR C 435 -12.73 31.01 -4.26
C THR C 435 -13.00 30.59 -2.83
N THR C 436 -13.79 31.41 -2.13
CA THR C 436 -14.29 31.09 -0.81
C THR C 436 -15.50 31.98 -0.52
N GLY C 437 -16.44 31.44 0.25
CA GLY C 437 -17.64 32.16 0.61
C GLY C 437 -17.53 32.82 1.97
N SER C 438 -18.60 32.76 2.75
CA SER C 438 -18.55 33.26 4.11
C SER C 438 -17.69 32.34 4.97
N GLN C 439 -17.61 32.65 6.26
CA GLN C 439 -16.86 31.82 7.18
C GLN C 439 -17.40 30.39 7.14
N GLY C 440 -16.57 29.47 6.64
CA GLY C 440 -16.94 28.07 6.52
C GLY C 440 -17.58 27.68 5.21
N GLU C 441 -17.86 28.63 4.32
CA GLU C 441 -18.51 28.31 3.06
C GLU C 441 -17.51 28.26 1.93
N THR C 442 -17.50 27.13 1.21
CA THR C 442 -16.57 26.94 0.10
C THR C 442 -17.25 26.54 -1.20
N MET C 443 -18.24 25.65 -1.16
CA MET C 443 -18.85 25.12 -2.37
C MET C 443 -20.22 25.69 -2.67
N SER C 444 -20.72 26.65 -1.87
CA SER C 444 -21.84 27.44 -2.35
C SER C 444 -21.44 28.18 -3.61
N ALA C 445 -20.24 28.76 -3.61
CA ALA C 445 -19.71 29.37 -4.81
C ALA C 445 -19.59 28.36 -5.93
N LEU C 446 -19.07 27.16 -5.64
CA LEU C 446 -18.93 26.14 -6.68
C LEU C 446 -20.29 25.80 -7.28
N TYR C 447 -21.30 25.58 -6.44
CA TYR C 447 -22.59 25.17 -6.93
C TYR C 447 -23.21 26.26 -7.79
N ARG C 448 -23.11 27.52 -7.37
CA ARG C 448 -23.64 28.59 -8.21
C ARG C 448 -22.83 28.73 -9.50
N MET C 449 -21.56 28.34 -9.49
CA MET C 449 -20.78 28.33 -10.71
C MET C 449 -21.24 27.23 -11.65
N ALA C 450 -21.62 26.07 -11.12
CA ALA C 450 -22.24 25.04 -11.93
C ALA C 450 -23.66 25.41 -12.36
N THR C 451 -24.35 26.24 -11.58
CA THR C 451 -25.66 26.75 -11.94
C THR C 451 -25.55 28.06 -12.73
N ASP C 452 -24.36 28.65 -12.80
CA ASP C 452 -24.04 29.71 -13.76
C ASP C 452 -24.61 31.07 -13.37
N GLU C 453 -24.85 31.33 -12.09
CA GLU C 453 -25.29 32.64 -11.63
C GLU C 453 -24.19 33.42 -10.94
N HIS C 454 -22.94 32.95 -11.02
CA HIS C 454 -21.85 33.66 -10.36
C HIS C 454 -21.62 35.03 -10.98
N ARG C 455 -22.09 35.22 -12.21
CA ARG C 455 -22.06 36.48 -12.96
C ARG C 455 -20.70 37.15 -12.94
N HIS C 456 -19.63 36.42 -12.63
CA HIS C 456 -18.26 36.85 -12.84
C HIS C 456 -17.42 35.81 -13.55
N ILE C 457 -17.76 34.54 -13.41
CA ILE C 457 -16.98 33.44 -13.97
C ILE C 457 -17.91 32.51 -14.73
N SER C 458 -17.49 32.10 -15.92
CA SER C 458 -18.18 31.09 -16.71
C SER C 458 -17.29 29.86 -16.84
N ILE C 459 -17.77 28.74 -16.33
CA ILE C 459 -16.97 27.50 -16.37
C ILE C 459 -16.77 27.09 -17.83
N LYS C 460 -15.55 26.68 -18.15
CA LYS C 460 -15.24 26.29 -19.55
C LYS C 460 -14.68 24.87 -19.56
N PRO C 461 -14.75 24.14 -20.71
CA PRO C 461 -14.28 22.76 -20.77
C PRO C 461 -12.76 22.65 -20.60
N ASN C 462 -12.02 23.72 -20.91
CA ASN C 462 -10.56 23.66 -20.82
C ASN C 462 -10.05 24.00 -19.43
N ASP C 463 -10.95 24.22 -18.47
CA ASP C 463 -10.55 24.63 -17.14
C ASP C 463 -10.02 23.45 -16.33
N LEU C 464 -9.18 23.77 -15.35
CA LEU C 464 -8.67 22.79 -14.39
C LEU C 464 -9.03 23.29 -13.00
N VAL C 465 -9.85 22.53 -12.29
CA VAL C 465 -10.38 22.96 -11.00
C VAL C 465 -9.79 22.10 -9.90
N ILE C 466 -9.17 22.75 -8.91
CA ILE C 466 -8.60 22.09 -7.75
C ILE C 466 -9.53 22.33 -6.57
N ILE C 467 -9.97 21.24 -5.95
CA ILE C 467 -10.99 21.27 -4.91
C ILE C 467 -10.35 20.84 -3.60
N SER C 468 -10.39 21.71 -2.60
CA SER C 468 -10.04 21.33 -1.24
C SER C 468 -10.94 22.11 -0.27
N ALA C 469 -12.08 21.50 0.06
CA ALA C 469 -12.93 22.03 1.10
C ALA C 469 -12.62 21.33 2.42
N LYS C 470 -13.18 21.87 3.50
CA LYS C 470 -12.93 21.27 4.81
C LYS C 470 -13.52 19.86 4.85
N ALA C 471 -12.64 18.87 4.77
CA ALA C 471 -13.06 17.49 4.58
C ALA C 471 -13.56 16.89 5.88
N ILE C 472 -14.71 17.36 6.35
CA ILE C 472 -15.34 16.73 7.55
C ILE C 472 -16.31 15.66 7.05
N PRO C 473 -16.37 14.45 7.64
CA PRO C 473 -17.22 13.37 7.11
C PRO C 473 -18.68 13.80 6.90
N GLY C 474 -19.32 13.31 5.84
CA GLY C 474 -20.71 13.64 5.59
C GLY C 474 -20.93 14.65 4.48
N ASN C 475 -19.86 15.23 3.94
CA ASN C 475 -19.96 16.16 2.83
C ASN C 475 -19.70 15.49 1.48
N GLU C 476 -19.53 14.17 1.47
CA GLU C 476 -19.24 13.48 0.21
C GLU C 476 -20.37 13.68 -0.80
N ALA C 477 -21.62 13.75 -0.33
CA ALA C 477 -22.73 13.91 -1.24
C ALA C 477 -22.64 15.22 -2.02
N SER C 478 -22.36 16.32 -1.33
CA SER C 478 -22.23 17.60 -2.01
C SER C 478 -21.07 17.58 -2.99
N VAL C 479 -19.94 17.01 -2.58
CA VAL C 479 -18.79 16.93 -3.46
C VAL C 479 -19.14 16.16 -4.71
N SER C 480 -19.82 15.02 -4.55
CA SER C 480 -20.21 14.23 -5.70
C SER C 480 -21.14 15.00 -6.62
N ALA C 481 -22.13 15.68 -6.03
CA ALA C 481 -23.07 16.43 -6.86
C ALA C 481 -22.35 17.49 -7.68
N VAL C 482 -21.52 18.30 -7.03
CA VAL C 482 -20.81 19.34 -7.76
C VAL C 482 -19.89 18.73 -8.80
N LEU C 483 -19.29 17.59 -8.48
CA LEU C 483 -18.38 16.96 -9.43
C LEU C 483 -19.11 16.50 -10.67
N ASN C 484 -20.28 15.88 -10.51
CA ASN C 484 -21.06 15.49 -11.67
C ASN C 484 -21.46 16.71 -12.48
N PHE C 485 -21.93 17.76 -11.81
CA PHE C 485 -22.34 18.95 -12.56
C PHE C 485 -21.17 19.56 -13.30
N LEU C 486 -19.97 19.49 -12.74
CA LEU C 486 -18.80 20.00 -13.44
C LEU C 486 -18.44 19.13 -14.64
N ILE C 487 -18.49 17.81 -14.50
CA ILE C 487 -18.20 16.97 -15.64
C ILE C 487 -19.23 17.21 -16.73
N LYS C 488 -20.49 17.48 -16.36
CA LYS C 488 -21.47 17.88 -17.37
C LYS C 488 -21.01 19.11 -18.12
N LYS C 489 -20.19 19.95 -17.47
CA LYS C 489 -19.53 21.06 -18.13
C LYS C 489 -18.19 20.67 -18.74
N GLU C 490 -17.78 19.41 -18.59
CA GLU C 490 -16.57 18.89 -19.24
C GLU C 490 -15.33 19.59 -18.69
N ALA C 491 -15.19 19.57 -17.36
CA ALA C 491 -14.10 20.25 -16.67
C ALA C 491 -13.23 19.22 -15.96
N LYS C 492 -11.92 19.35 -16.11
CA LYS C 492 -11.01 18.47 -15.38
C LYS C 492 -10.94 18.87 -13.92
N VAL C 493 -11.02 17.88 -13.04
CA VAL C 493 -11.13 18.08 -11.60
C VAL C 493 -9.98 17.37 -10.91
N ALA C 494 -9.39 18.04 -9.92
CA ALA C 494 -8.36 17.46 -9.08
C ALA C 494 -8.80 17.62 -7.62
N TYR C 495 -9.01 16.49 -6.95
CA TYR C 495 -9.42 16.49 -5.54
C TYR C 495 -8.73 15.46 -4.68
N GLN C 496 -7.95 14.53 -5.25
CA GLN C 496 -7.42 13.41 -4.47
C GLN C 496 -6.46 13.89 -3.39
N GLU C 497 -5.57 14.82 -3.72
CA GLU C 497 -4.43 15.11 -2.88
C GLU C 497 -4.70 16.09 -1.75
N PHE C 498 -5.85 16.76 -1.58
CA PHE C 498 -5.92 17.87 -0.63
C PHE C 498 -6.94 17.63 0.48
N ASP C 499 -7.74 16.58 0.38
CA ASP C 499 -8.72 16.28 1.42
C ASP C 499 -8.02 15.51 2.53
N ASN C 500 -8.79 15.05 3.52
CA ASN C 500 -8.21 14.32 4.64
C ASN C 500 -7.62 12.99 4.24
N ILE C 501 -7.96 12.47 3.06
CA ILE C 501 -7.46 11.15 2.66
C ILE C 501 -5.94 11.16 2.56
N HIS C 502 -5.37 12.21 1.95
CA HIS C 502 -3.91 12.32 1.92
C HIS C 502 -3.40 13.10 3.13
N VAL C 503 -3.82 14.35 3.28
CA VAL C 503 -3.35 15.23 4.34
C VAL C 503 -4.53 15.59 5.23
N SER C 504 -4.63 14.92 6.38
CA SER C 504 -5.66 15.24 7.36
C SER C 504 -5.28 16.42 8.24
N GLY C 505 -4.00 16.77 8.30
CA GLY C 505 -3.58 17.94 9.04
C GLY C 505 -3.43 17.69 10.53
N HIS C 506 -3.74 16.49 10.99
CA HIS C 506 -3.62 16.15 12.41
C HIS C 506 -2.81 14.87 12.58
N ALA C 507 -2.10 14.81 13.70
CA ALA C 507 -1.10 13.77 13.91
C ALA C 507 -1.71 12.38 13.81
N ALA C 508 -0.90 11.44 13.33
CA ALA C 508 -1.28 10.03 13.31
C ALA C 508 -0.74 9.36 14.56
N GLN C 509 -0.80 8.02 14.61
CA GLN C 509 -0.36 7.29 15.79
C GLN C 509 1.11 7.50 16.07
N GLU C 510 1.95 7.43 15.03
CA GLU C 510 3.38 7.57 15.23
C GLU C 510 3.72 8.96 15.79
N GLU C 511 3.09 9.99 15.25
CA GLU C 511 3.39 11.35 15.71
C GLU C 511 2.95 11.53 17.17
N GLN C 512 1.78 11.01 17.52
CA GLN C 512 1.33 11.08 18.90
C GLN C 512 2.31 10.37 19.83
N LYS C 513 2.78 9.18 19.43
CA LYS C 513 3.75 8.47 20.25
C LYS C 513 5.03 9.29 20.40
N LEU C 514 5.47 9.93 19.32
CA LEU C 514 6.69 10.72 19.39
C LEU C 514 6.53 11.88 20.36
N MET C 515 5.40 12.57 20.30
CA MET C 515 5.12 13.62 21.27
C MET C 515 5.13 13.05 22.68
N LEU C 516 4.44 11.93 22.88
CA LEU C 516 4.34 11.34 24.22
C LEU C 516 5.72 11.06 24.80
N ARG C 517 6.60 10.46 24.00
CA ARG C 517 7.96 10.24 24.48
C ARG C 517 8.69 11.55 24.74
N LEU C 518 8.53 12.54 23.85
CA LEU C 518 9.16 13.84 24.08
C LEU C 518 8.75 14.42 25.42
N ILE C 519 7.54 14.12 25.87
CA ILE C 519 7.00 14.77 27.05
C ILE C 519 7.29 14.00 28.33
N LYS C 520 7.09 12.68 28.27
CA LYS C 520 7.26 11.84 29.50
C LYS C 520 6.39 12.49 30.59
N PRO C 521 5.08 12.74 30.34
CA PRO C 521 4.24 13.43 31.30
C PRO C 521 3.60 12.50 32.34
N LYS C 522 3.12 13.07 33.45
CA LYS C 522 2.46 12.29 34.48
C LYS C 522 1.00 12.07 34.16
N PHE C 523 0.33 13.06 33.60
CA PHE C 523 -1.10 13.00 33.36
C PHE C 523 -1.41 13.35 31.91
N PHE C 524 -2.04 12.40 31.22
CA PHE C 524 -2.38 12.54 29.82
C PHE C 524 -3.89 12.57 29.67
N LEU C 525 -4.40 13.60 28.98
CA LEU C 525 -5.86 13.73 28.77
C LEU C 525 -6.12 14.18 27.33
N PRO C 526 -6.74 13.35 26.47
CA PRO C 526 -6.94 13.71 25.06
C PRO C 526 -8.05 14.75 24.84
N VAL C 527 -7.88 15.64 23.87
CA VAL C 527 -8.88 16.64 23.55
C VAL C 527 -8.99 16.75 22.04
N HIS C 528 -10.00 17.48 21.57
CA HIS C 528 -10.18 17.79 20.16
C HIS C 528 -10.43 16.51 19.35
N GLY C 529 -11.51 15.83 19.73
CA GLY C 529 -11.91 14.62 19.04
C GLY C 529 -13.14 14.02 19.66
N GLU C 530 -13.59 12.93 19.05
CA GLU C 530 -14.76 12.21 19.53
C GLU C 530 -14.32 11.18 20.58
N TYR C 531 -15.28 10.47 21.16
CA TYR C 531 -14.94 9.55 22.24
C TYR C 531 -14.09 8.39 21.72
N ASN C 532 -14.40 7.89 20.52
CA ASN C 532 -13.61 6.81 19.95
C ASN C 532 -12.17 7.23 19.71
N HIS C 533 -11.97 8.43 19.16
CA HIS C 533 -10.62 8.88 18.85
C HIS C 533 -9.79 9.03 20.11
N VAL C 534 -10.37 9.62 21.15
CA VAL C 534 -9.64 9.74 22.40
C VAL C 534 -9.40 8.36 22.99
N ALA C 535 -10.33 7.43 22.83
CA ALA C 535 -10.09 6.08 23.32
C ALA C 535 -8.87 5.47 22.64
N ARG C 536 -8.80 5.59 21.31
CA ARG C 536 -7.66 5.02 20.59
C ARG C 536 -6.37 5.70 20.99
N HIS C 537 -6.40 7.03 21.14
CA HIS C 537 -5.21 7.75 21.57
C HIS C 537 -4.76 7.28 22.94
N LYS C 538 -5.70 7.07 23.85
CA LYS C 538 -5.35 6.56 25.18
C LYS C 538 -4.73 5.18 25.08
N GLN C 539 -5.26 4.34 24.18
CA GLN C 539 -4.65 3.03 23.98
C GLN C 539 -3.20 3.17 23.53
N THR C 540 -2.97 4.05 22.55
CA THR C 540 -1.61 4.29 22.09
C THR C 540 -0.72 4.74 23.24
N ALA C 541 -1.25 5.60 24.12
CA ALA C 541 -0.50 6.04 25.27
C ALA C 541 -0.15 4.87 26.19
N ILE C 542 -1.11 3.96 26.38
CA ILE C 542 -0.82 2.75 27.15
C ILE C 542 0.36 2.03 26.52
N SER C 543 0.36 1.91 25.19
CA SER C 543 1.47 1.25 24.52
C SER C 543 2.80 1.95 24.79
N CYS C 544 2.77 3.22 25.18
CA CYS C 544 3.98 3.97 25.48
C CYS C 544 4.41 3.84 26.93
N GLY C 545 3.71 3.03 27.73
CA GLY C 545 4.11 2.81 29.10
C GLY C 545 3.54 3.79 30.10
N VAL C 546 2.53 4.56 29.69
CA VAL C 546 1.86 5.51 30.62
C VAL C 546 0.89 4.71 31.50
N PRO C 547 0.98 4.82 32.84
CA PRO C 547 0.06 4.10 33.74
C PRO C 547 -1.39 4.52 33.48
N GLU C 548 -2.31 3.55 33.38
CA GLU C 548 -3.70 3.89 33.08
C GLU C 548 -4.26 4.92 34.03
N LYS C 549 -3.94 4.82 35.32
CA LYS C 549 -4.61 5.65 36.30
C LYS C 549 -4.29 7.12 36.16
N ASN C 550 -3.47 7.51 35.20
CA ASN C 550 -3.23 8.92 34.90
C ASN C 550 -3.76 9.33 33.53
N ILE C 551 -4.75 8.60 33.00
CA ILE C 551 -5.35 8.93 31.72
C ILE C 551 -6.86 8.93 31.91
N TYR C 552 -7.51 9.99 31.45
CA TYR C 552 -8.95 10.13 31.51
C TYR C 552 -9.50 10.51 30.15
N LEU C 553 -10.74 10.10 29.90
CA LEU C 553 -11.48 10.49 28.70
C LEU C 553 -12.63 11.37 29.14
N MET C 554 -12.64 12.61 28.65
CA MET C 554 -13.61 13.59 29.09
C MET C 554 -14.89 13.55 28.26
N GLU C 555 -15.96 14.04 28.85
CA GLU C 555 -17.20 14.34 28.14
C GLU C 555 -17.50 15.82 28.35
N ASP C 556 -17.95 16.46 27.28
CA ASP C 556 -18.16 17.91 27.32
C ASP C 556 -19.00 18.29 28.53
N GLY C 557 -18.52 19.29 29.27
CA GLY C 557 -19.24 19.78 30.44
C GLY C 557 -18.68 19.26 31.75
N ASP C 558 -17.82 18.24 31.68
CA ASP C 558 -17.30 17.60 32.88
C ASP C 558 -16.34 18.52 33.61
N GLN C 559 -16.14 18.25 34.91
CA GLN C 559 -15.09 18.86 35.70
C GLN C 559 -14.15 17.77 36.16
N VAL C 560 -12.85 18.04 36.13
CA VAL C 560 -11.87 17.10 36.64
C VAL C 560 -10.91 17.87 37.54
N GLU C 561 -10.81 17.45 38.81
CA GLU C 561 -9.83 18.00 39.73
C GLU C 561 -8.52 17.26 39.57
N VAL C 562 -7.45 18.00 39.32
CA VAL C 562 -6.13 17.41 39.08
C VAL C 562 -5.16 18.02 40.07
N GLY C 563 -4.42 17.17 40.78
CA GLY C 563 -3.43 17.66 41.78
C GLY C 563 -2.02 17.27 41.41
N PRO C 564 -1.04 17.33 42.34
CA PRO C 564 0.32 16.91 42.06
C PRO C 564 0.38 15.40 41.75
N ALA C 565 -0.35 14.60 42.53
CA ALA C 565 -0.38 13.14 42.32
C ALA C 565 -1.81 12.62 42.52
N PHE C 566 -2.81 13.39 42.09
CA PHE C 566 -4.23 12.98 42.26
C PHE C 566 -5.06 13.50 41.08
N ILE C 567 -6.08 12.73 40.67
CA ILE C 567 -6.93 13.15 39.56
C ILE C 567 -8.25 12.40 39.68
N LYS C 568 -9.37 13.10 39.54
CA LYS C 568 -10.67 12.46 39.67
C LYS C 568 -11.74 13.34 39.06
N LYS C 569 -12.89 12.72 38.78
CA LYS C 569 -14.07 13.45 38.34
C LYS C 569 -14.84 13.96 39.56
N VAL C 570 -15.41 15.16 39.44
CA VAL C 570 -16.13 15.79 40.54
C VAL C 570 -17.56 16.12 40.18
N GLY C 571 -17.89 16.29 38.91
CA GLY C 571 -19.24 16.63 38.52
C GLY C 571 -19.29 17.06 37.07
N THR C 572 -20.48 17.52 36.66
CA THR C 572 -20.71 17.91 35.29
C THR C 572 -21.26 19.33 35.26
N ILE C 573 -20.94 20.05 34.18
CA ILE C 573 -21.43 21.40 33.98
C ILE C 573 -22.17 21.45 32.66
N LYS C 574 -23.08 22.40 32.52
CA LYS C 574 -24.05 22.42 31.44
C LYS C 574 -23.37 22.92 30.17
N SER C 575 -23.23 22.02 29.19
CA SER C 575 -22.63 22.34 27.91
C SER C 575 -23.69 22.28 26.82
N GLY C 576 -23.55 23.14 25.82
CA GLY C 576 -24.55 23.23 24.79
C GLY C 576 -24.04 24.06 23.63
N LYS C 577 -24.83 24.07 22.55
CA LYS C 577 -24.47 24.74 21.32
C LYS C 577 -25.58 25.73 20.94
N SER C 578 -25.22 26.70 20.11
CA SER C 578 -26.16 27.70 19.63
C SER C 578 -25.90 27.96 18.16
N TYR C 579 -26.98 28.14 17.40
CA TYR C 579 -26.86 28.42 15.98
C TYR C 579 -26.57 29.90 15.75
N VAL C 580 -25.97 30.20 14.60
CA VAL C 580 -25.85 31.57 14.13
C VAL C 580 -26.07 31.56 12.61
N ASP C 581 -26.88 32.49 12.14
CA ASP C 581 -27.15 32.63 10.71
C ASP C 581 -26.07 33.50 10.09
N ASN C 582 -25.44 33.00 9.01
CA ASN C 582 -24.34 33.71 8.38
C ASN C 582 -24.74 35.08 7.85
N GLN C 583 -26.03 35.33 7.64
CA GLN C 583 -26.49 36.63 7.19
C GLN C 583 -26.71 37.59 8.34
N SER C 584 -27.42 37.16 9.38
CA SER C 584 -27.70 38.01 10.52
C SER C 584 -26.56 38.05 11.54
N ASN C 585 -25.87 36.93 11.74
CA ASN C 585 -24.74 36.86 12.66
C ASN C 585 -25.19 37.11 14.11
N LEU C 586 -26.23 36.39 14.52
CA LEU C 586 -26.74 36.47 15.87
C LEU C 586 -26.87 35.07 16.45
N SER C 587 -26.80 34.98 17.78
CA SER C 587 -26.89 33.71 18.47
C SER C 587 -28.35 33.35 18.71
N ILE C 588 -28.70 32.13 18.30
CA ILE C 588 -30.06 31.63 18.41
C ILE C 588 -30.00 30.31 19.16
N ASP C 589 -30.83 30.16 20.18
CA ASP C 589 -30.90 28.89 20.90
C ASP C 589 -31.34 27.78 19.94
N THR C 590 -30.75 26.60 20.13
CA THR C 590 -31.10 25.47 19.29
C THR C 590 -32.54 25.03 19.50
N SER C 591 -33.20 25.52 20.55
CA SER C 591 -34.56 25.08 20.85
C SER C 591 -35.52 25.47 19.74
N ILE C 592 -35.37 26.68 19.18
CA ILE C 592 -36.33 27.15 18.18
C ILE C 592 -36.31 26.26 16.95
N VAL C 593 -35.12 26.02 16.39
CA VAL C 593 -35.02 25.16 15.21
C VAL C 593 -35.34 23.73 15.58
N GLN C 594 -35.01 23.32 16.81
CA GLN C 594 -35.32 21.96 17.25
C GLN C 594 -36.82 21.70 17.19
N GLN C 595 -37.61 22.58 17.78
CA GLN C 595 -39.07 22.42 17.71
C GLN C 595 -39.57 22.61 16.28
N ARG C 596 -38.96 23.54 15.53
CA ARG C 596 -39.35 23.74 14.14
C ARG C 596 -39.27 22.44 13.36
N GLU C 597 -38.14 21.73 13.48
CA GLU C 597 -37.95 20.49 12.76
C GLU C 597 -38.70 19.32 13.38
N GLU C 598 -38.88 19.32 14.69
CA GLU C 598 -39.69 18.29 15.32
C GLU C 598 -41.13 18.31 14.83
N VAL C 599 -41.74 19.49 14.71
CA VAL C 599 -43.06 19.62 14.14
C VAL C 599 -43.02 19.55 12.61
N ALA C 600 -41.84 19.76 12.01
CA ALA C 600 -41.71 19.58 10.58
C ALA C 600 -42.09 18.16 10.17
N SER C 601 -41.78 17.18 11.00
CA SER C 601 -42.29 15.83 10.82
C SER C 601 -43.79 15.85 11.08
N ALA C 602 -44.57 15.31 10.15
CA ALA C 602 -46.01 15.41 10.16
C ALA C 602 -46.42 16.79 9.67
N GLY C 603 -47.68 16.97 9.32
CA GLY C 603 -48.16 18.21 8.76
C GLY C 603 -48.50 19.24 9.83
N VAL C 604 -48.94 20.41 9.37
CA VAL C 604 -49.40 21.45 10.27
C VAL C 604 -50.71 22.02 9.71
N PHE C 605 -51.82 21.73 10.37
CA PHE C 605 -53.13 22.18 9.92
C PHE C 605 -53.75 23.04 11.01
N ALA C 606 -54.12 24.27 10.66
CA ALA C 606 -54.78 25.16 11.61
C ALA C 606 -56.16 25.53 11.07
N ALA C 607 -57.06 25.86 11.99
CA ALA C 607 -58.42 26.23 11.61
C ALA C 607 -58.95 27.27 12.59
N THR C 608 -59.87 28.09 12.11
CA THR C 608 -60.52 29.10 12.92
C THR C 608 -62.02 29.07 12.61
N ILE C 609 -62.83 28.88 13.65
CA ILE C 609 -64.27 28.78 13.51
C ILE C 609 -64.91 29.86 14.38
N PHE C 610 -65.76 30.68 13.77
CA PHE C 610 -66.51 31.72 14.47
C PHE C 610 -67.84 31.11 14.88
N VAL C 611 -67.96 30.75 16.16
CA VAL C 611 -69.13 30.07 16.68
C VAL C 611 -69.80 30.97 17.71
N ASN C 612 -71.11 30.77 17.86
CA ASN C 612 -71.92 31.50 18.84
C ASN C 612 -72.03 30.63 20.08
N LYS C 613 -71.76 31.22 21.24
CA LYS C 613 -71.85 30.47 22.49
C LYS C 613 -73.26 29.95 22.74
N ASN C 614 -74.27 30.61 22.18
CA ASN C 614 -75.66 30.19 22.35
C ASN C 614 -76.08 29.13 21.34
N LYS C 615 -75.25 28.82 20.35
CA LYS C 615 -75.57 27.82 19.34
C LYS C 615 -74.69 26.58 19.40
N GLN C 616 -73.53 26.65 20.04
CA GLN C 616 -72.64 25.49 20.16
C GLN C 616 -72.24 24.97 18.78
N ALA C 617 -72.16 25.88 17.82
CA ALA C 617 -71.76 25.53 16.46
C ALA C 617 -71.23 26.78 15.77
N LEU C 618 -70.49 26.56 14.68
CA LEU C 618 -69.93 27.67 13.94
C LEU C 618 -71.05 28.51 13.33
N LEU C 619 -70.99 29.82 13.55
CA LEU C 619 -71.97 30.76 13.01
C LEU C 619 -71.47 31.40 11.73
N GLU C 620 -70.15 31.50 11.57
CA GLU C 620 -69.53 32.03 10.37
C GLU C 620 -68.66 30.96 9.74
N SER C 621 -68.46 31.07 8.43
CA SER C 621 -67.66 30.07 7.72
C SER C 621 -66.27 29.98 8.33
N SER C 622 -65.86 28.77 8.68
CA SER C 622 -64.55 28.56 9.25
C SER C 622 -63.48 28.63 8.16
N GLN C 623 -62.30 29.14 8.55
CA GLN C 623 -61.17 29.25 7.64
C GLN C 623 -60.10 28.26 8.05
N PHE C 624 -59.57 27.51 7.07
CA PHE C 624 -58.61 26.45 7.34
C PHE C 624 -57.37 26.68 6.50
N SER C 625 -56.24 26.23 7.04
CA SER C 625 -54.97 26.29 6.33
C SER C 625 -54.16 25.05 6.70
N SER C 626 -53.32 24.61 5.77
CA SER C 626 -52.51 23.42 5.99
C SER C 626 -51.19 23.57 5.24
N LEU C 627 -50.13 23.04 5.86
CA LEU C 627 -48.81 23.02 5.26
C LEU C 627 -48.18 21.66 5.55
N GLY C 628 -47.77 20.97 4.49
CA GLY C 628 -47.22 19.63 4.61
C GLY C 628 -48.24 18.52 4.70
N LEU C 629 -49.54 18.85 4.67
CA LEU C 629 -50.55 17.82 4.80
C LEU C 629 -50.72 17.03 3.50
N VAL C 630 -51.16 17.70 2.44
CA VAL C 630 -51.41 17.05 1.15
C VAL C 630 -51.40 18.11 0.06
N GLY C 631 -51.24 17.66 -1.18
CA GLY C 631 -51.31 18.58 -2.30
C GLY C 631 -52.63 19.33 -2.33
N PHE C 632 -52.54 20.64 -2.57
CA PHE C 632 -53.72 21.49 -2.47
C PHE C 632 -54.85 20.99 -3.37
N LYS C 633 -54.53 20.68 -4.62
CA LYS C 633 -55.56 20.17 -5.53
C LYS C 633 -56.16 18.87 -5.04
N ASP C 634 -55.35 18.00 -4.41
CA ASP C 634 -55.83 16.75 -3.86
C ASP C 634 -56.19 16.85 -2.37
N GLU C 635 -55.77 17.92 -1.69
CA GLU C 635 -56.10 18.13 -0.30
C GLU C 635 -57.42 18.86 -0.10
N LYS C 636 -57.83 19.64 -1.12
CA LYS C 636 -59.12 20.39 -1.03
C LYS C 636 -60.23 19.46 -0.54
N PRO C 637 -60.43 18.27 -1.16
CA PRO C 637 -61.45 17.32 -0.68
C PRO C 637 -61.09 16.74 0.68
N LEU C 638 -59.97 16.03 0.83
CA LEU C 638 -59.67 15.29 2.10
C LEU C 638 -59.81 16.17 3.35
N ILE C 639 -59.04 17.24 3.34
CA ILE C 639 -59.12 18.17 4.50
C ILE C 639 -60.58 18.58 4.59
N LYS C 640 -61.29 18.71 3.47
CA LYS C 640 -62.69 19.22 3.47
C LYS C 640 -63.68 18.20 4.04
N GLU C 641 -63.42 16.92 3.82
CA GLU C 641 -64.11 15.81 4.52
C GLU C 641 -63.90 15.95 6.03
N ILE C 642 -62.65 16.05 6.45
CA ILE C 642 -62.54 16.15 7.94
C ILE C 642 -63.30 17.42 8.33
N GLN C 643 -63.34 18.40 7.42
CA GLN C 643 -63.95 19.72 7.70
C GLN C 643 -65.43 19.54 7.98
N GLY C 644 -66.12 18.86 7.07
CA GLY C 644 -67.54 18.58 7.28
C GLY C 644 -67.73 17.82 8.57
N GLY C 645 -66.93 16.78 8.83
CA GLY C 645 -67.18 16.10 10.12
C GLY C 645 -67.14 17.10 11.27
N LEU C 646 -66.10 17.95 11.29
CA LEU C 646 -65.90 18.92 12.40
C LEU C 646 -67.07 19.91 12.49
N GLU C 647 -67.51 20.47 11.37
CA GLU C 647 -68.57 21.53 11.39
C GLU C 647 -69.91 20.88 11.74
N MET C 648 -70.04 19.57 11.49
CA MET C 648 -71.27 18.83 11.92
C MET C 648 -71.20 18.75 13.44
N LEU C 649 -70.08 18.23 13.96
CA LEU C 649 -69.89 18.16 15.42
C LEU C 649 -70.34 19.51 16.00
N LEU C 650 -69.99 20.61 15.31
CA LEU C 650 -70.45 21.95 15.76
C LEU C 650 -71.99 21.95 15.76
N LYS C 651 -72.59 21.57 14.63
CA LYS C 651 -74.08 21.62 14.53
C LYS C 651 -74.67 21.11 15.84
N SER C 652 -74.07 20.09 16.44
CA SER C 652 -74.53 19.58 17.76
C SER C 652 -73.34 19.45 18.70
N SER C 653 -72.58 20.54 18.90
CA SER C 653 -71.37 20.49 19.77
C SER C 653 -71.76 20.76 21.22
N ASN C 654 -70.77 20.89 22.12
CA ASN C 654 -71.06 21.25 23.52
C ASN C 654 -70.88 22.77 23.67
N ALA C 655 -71.94 23.48 24.07
CA ALA C 655 -71.87 24.96 24.14
C ALA C 655 -70.68 25.39 25.01
N GLU C 656 -70.56 24.79 26.20
CA GLU C 656 -69.45 25.16 27.13
C GLU C 656 -68.11 24.86 26.45
N ILE C 657 -67.98 23.67 25.86
CA ILE C 657 -66.71 23.27 25.18
C ILE C 657 -66.46 24.24 24.02
N LEU C 658 -67.51 24.60 23.28
CA LEU C 658 -67.36 25.52 22.12
C LEU C 658 -66.99 26.91 22.62
N ASN C 659 -67.63 27.39 23.69
CA ASN C 659 -67.38 28.73 24.18
C ASN C 659 -66.00 28.85 24.83
N ASN C 660 -65.50 27.72 25.36
CA ASN C 660 -64.17 27.71 26.01
C ASN C 660 -63.11 27.27 24.99
N PRO C 661 -62.24 28.17 24.51
CA PRO C 661 -61.26 27.82 23.47
C PRO C 661 -60.46 26.56 23.84
N LYS C 662 -60.14 26.37 25.12
CA LYS C 662 -59.31 25.23 25.51
C LYS C 662 -59.97 23.91 25.08
N LYS C 663 -61.28 23.77 25.34
CA LYS C 663 -61.96 22.53 24.95
C LYS C 663 -61.97 22.35 23.44
N LEU C 664 -62.21 23.43 22.70
CA LEU C 664 -62.18 23.35 21.24
C LEU C 664 -60.81 22.93 20.74
N GLU C 665 -59.75 23.52 21.31
CA GLU C 665 -58.40 23.16 20.90
C GLU C 665 -58.09 21.70 21.21
N ASP C 666 -58.50 21.22 22.39
CA ASP C 666 -58.26 19.83 22.74
C ASP C 666 -59.00 18.89 21.80
N HIS C 667 -60.26 19.20 21.49
CA HIS C 667 -61.04 18.36 20.59
C HIS C 667 -60.43 18.36 19.19
N THR C 668 -60.00 19.53 18.71
CA THR C 668 -59.37 19.60 17.40
C THR C 668 -58.08 18.80 17.37
N ARG C 669 -57.29 18.88 18.45
CA ARG C 669 -56.06 18.11 18.51
C ARG C 669 -56.34 16.61 18.50
N ASN C 670 -57.36 16.17 19.24
CA ASN C 670 -57.71 14.75 19.24
C ASN C 670 -58.17 14.30 17.86
N PHE C 671 -59.00 15.11 17.20
CA PHE C 671 -59.47 14.75 15.87
C PHE C 671 -58.32 14.69 14.88
N ILE C 672 -57.39 15.64 14.96
CA ILE C 672 -56.24 15.64 14.07
C ILE C 672 -55.36 14.42 14.33
N ARG C 673 -55.18 14.08 15.60
CA ARG C 673 -54.38 12.90 15.93
C ARG C 673 -55.01 11.64 15.35
N LYS C 674 -56.34 11.51 15.50
CA LYS C 674 -57.01 10.35 14.94
C LYS C 674 -56.89 10.32 13.42
N ALA C 675 -57.08 11.45 12.76
CA ALA C 675 -56.99 11.49 11.31
C ALA C 675 -55.60 11.14 10.83
N LEU C 676 -54.57 11.67 11.49
CA LEU C 676 -53.20 11.39 11.10
C LEU C 676 -52.82 9.94 11.39
N PHE C 677 -53.33 9.38 12.48
CA PHE C 677 -53.11 7.96 12.75
C PHE C 677 -53.73 7.11 11.65
N LYS C 678 -54.94 7.47 11.22
CA LYS C 678 -55.61 6.73 10.15
C LYS C 678 -54.85 6.86 8.82
N LYS C 679 -54.36 8.06 8.51
CA LYS C 679 -53.78 8.32 7.20
C LYS C 679 -52.30 7.95 7.11
N PHE C 680 -51.44 8.58 7.92
CA PHE C 680 -50.01 8.37 7.85
C PHE C 680 -49.38 7.89 9.15
N ARG C 681 -50.18 7.64 10.19
CA ARG C 681 -49.66 7.12 11.46
C ARG C 681 -48.85 8.17 12.21
N LYS C 682 -49.29 9.43 12.17
CA LYS C 682 -48.59 10.52 12.81
C LYS C 682 -49.54 11.30 13.72
N TYR C 683 -49.00 12.29 14.42
CA TYR C 683 -49.84 13.16 15.28
C TYR C 683 -49.37 14.61 15.02
N PRO C 684 -49.86 15.28 13.95
CA PRO C 684 -49.34 16.60 13.58
C PRO C 684 -49.82 17.75 14.49
N ALA C 685 -49.04 18.83 14.54
CA ALA C 685 -49.43 19.99 15.33
C ALA C 685 -50.73 20.59 14.79
N ILE C 686 -51.69 20.80 15.69
CA ILE C 686 -53.00 21.34 15.34
C ILE C 686 -53.19 22.64 16.10
N ILE C 687 -53.49 23.72 15.38
CA ILE C 687 -53.75 25.03 15.95
C ILE C 687 -55.23 25.33 15.79
N CYS C 688 -55.91 25.62 16.91
CA CYS C 688 -57.33 25.91 16.91
C CYS C 688 -57.56 27.30 17.47
N HIS C 689 -58.42 28.07 16.80
CA HIS C 689 -58.77 29.42 17.21
C HIS C 689 -60.27 29.52 17.32
N ALA C 690 -60.76 29.97 18.47
CA ALA C 690 -62.19 30.14 18.73
C ALA C 690 -62.50 31.62 18.87
N HIS C 691 -63.62 32.04 18.29
CA HIS C 691 -64.05 33.43 18.32
C HIS C 691 -65.51 33.51 18.75
N SER C 692 -65.87 34.63 19.35
CA SER C 692 -67.23 34.89 19.82
C SER C 692 -67.74 36.20 19.26
N PHE C 693 -67.44 36.49 18.00
CA PHE C 693 -67.88 37.72 17.36
C PHE C 693 -69.37 37.66 17.05
N SER D 141 45.52 28.12 14.23
CA SER D 141 44.76 29.25 14.76
C SER D 141 43.53 28.74 15.52
N LYS D 142 42.38 28.74 14.86
CA LYS D 142 41.17 28.22 15.47
C LYS D 142 41.29 26.71 15.68
N ALA D 143 40.62 26.22 16.71
CA ALA D 143 40.63 24.80 17.01
C ALA D 143 39.97 24.03 15.86
N SER D 144 40.54 22.88 15.54
CA SER D 144 40.05 22.07 14.44
C SER D 144 40.50 20.63 14.65
N VAL D 145 39.88 19.72 13.89
CA VAL D 145 40.16 18.30 13.99
C VAL D 145 40.31 17.73 12.58
N LYS D 146 40.83 16.51 12.53
CA LYS D 146 41.07 15.81 11.28
C LYS D 146 40.41 14.44 11.38
N ILE D 147 39.22 14.27 10.79
CA ILE D 147 38.45 13.00 10.88
C ILE D 147 38.57 12.32 9.53
N THR D 148 39.33 11.23 9.46
CA THR D 148 39.48 10.42 8.23
C THR D 148 39.05 9.02 8.60
N PRO D 149 38.13 8.38 7.86
CA PRO D 149 37.57 7.11 8.31
C PRO D 149 38.22 5.87 7.70
N LEU D 150 38.14 4.76 8.39
CA LEU D 150 38.80 3.52 8.00
C LEU D 150 37.84 2.47 7.50
N GLY D 151 36.56 2.60 7.79
CA GLY D 151 35.60 1.60 7.34
C GLY D 151 34.16 2.04 7.45
N GLY D 152 33.30 1.47 6.61
CA GLY D 152 31.90 1.80 6.55
C GLY D 152 31.47 2.52 5.30
N LEU D 153 32.38 3.21 4.63
CA LEU D 153 32.08 3.96 3.41
C LEU D 153 32.36 3.06 2.21
N GLY D 154 31.34 2.33 1.78
CA GLY D 154 31.44 1.50 0.59
C GLY D 154 30.90 0.10 0.77
N GLU D 155 30.32 -0.19 1.94
CA GLU D 155 29.77 -1.51 2.20
C GLU D 155 29.03 -1.49 3.52
N ILE D 156 27.98 -2.30 3.60
CA ILE D 156 27.25 -2.50 4.84
C ILE D 156 28.19 -3.25 5.80
N GLY D 157 28.47 -2.63 6.94
CA GLY D 157 29.36 -3.22 7.91
C GLY D 157 30.78 -2.73 7.74
N GLY D 158 31.65 -3.23 8.61
CA GLY D 158 33.04 -2.82 8.59
C GLY D 158 33.20 -1.34 8.84
N ASN D 159 32.45 -0.81 9.80
CA ASN D 159 32.53 0.60 10.13
C ASN D 159 33.64 0.84 11.16
N MET D 160 34.44 1.87 10.93
CA MET D 160 35.52 2.20 11.86
C MET D 160 36.00 3.60 11.53
N MET D 161 35.92 4.51 12.50
CA MET D 161 36.33 5.90 12.32
C MET D 161 37.51 6.22 13.23
N VAL D 162 38.32 7.18 12.81
CA VAL D 162 39.47 7.65 13.57
C VAL D 162 39.47 9.17 13.52
N ILE D 163 39.18 9.81 14.64
CA ILE D 163 39.21 11.26 14.74
C ILE D 163 40.59 11.66 15.21
N GLU D 164 41.22 12.58 14.49
CA GLU D 164 42.60 12.98 14.74
C GLU D 164 42.65 14.49 14.91
N THR D 165 42.94 14.93 16.15
CA THR D 165 43.07 16.38 16.44
C THR D 165 44.52 16.66 16.83
N PRO D 166 44.93 17.94 17.04
CA PRO D 166 46.30 18.23 17.49
C PRO D 166 46.65 17.50 18.78
N LYS D 167 47.70 16.68 18.77
CA LYS D 167 48.11 15.90 19.96
C LYS D 167 46.88 15.17 20.53
N SER D 168 45.88 14.91 19.69
CA SER D 168 44.64 14.21 20.14
C SER D 168 44.26 13.14 19.11
N ALA D 169 43.71 12.01 19.58
CA ALA D 169 43.33 10.91 18.66
C ALA D 169 42.35 9.95 19.35
N ILE D 170 41.19 9.71 18.74
CA ILE D 170 40.22 8.78 19.29
C ILE D 170 39.75 7.84 18.19
N VAL D 171 39.37 6.63 18.61
CA VAL D 171 38.89 5.60 17.70
C VAL D 171 37.42 5.37 18.00
N ILE D 172 36.60 5.41 16.96
CA ILE D 172 35.16 5.12 17.07
C ILE D 172 34.90 3.80 16.35
N ASP D 173 34.78 2.73 17.13
CA ASP D 173 34.15 1.50 16.66
C ASP D 173 34.99 0.76 15.63
N ALA D 174 34.84 -0.57 15.59
CA ALA D 174 35.57 -1.40 14.62
C ALA D 174 34.70 -2.63 14.33
N GLY D 175 34.02 -2.59 13.18
CA GLY D 175 33.12 -3.65 12.78
C GLY D 175 33.73 -4.57 11.73
N MET D 176 32.87 -5.43 11.18
CA MET D 176 33.22 -6.33 10.09
C MET D 176 32.26 -6.11 8.94
N SER D 177 32.74 -6.32 7.73
CA SER D 177 31.96 -6.12 6.51
C SER D 177 31.64 -7.46 5.87
N PHE D 178 30.36 -7.69 5.57
CA PHE D 178 29.94 -9.01 5.00
C PHE D 178 29.40 -8.79 3.58
N PRO D 179 30.24 -8.95 2.53
CA PRO D 179 29.80 -8.74 1.15
C PRO D 179 28.81 -9.81 0.66
N LYS D 180 29.04 -11.07 1.05
CA LYS D 180 28.17 -12.18 0.56
C LYS D 180 27.81 -13.13 1.71
N GLU D 181 26.93 -14.12 1.44
CA GLU D 181 26.52 -15.06 2.46
C GLU D 181 26.01 -16.33 1.77
N GLY D 182 26.60 -17.47 2.10
CA GLY D 182 26.35 -18.69 1.37
C GLY D 182 25.77 -19.83 2.18
N LEU D 183 25.74 -21.03 1.59
CA LEU D 183 25.16 -22.18 2.26
C LEU D 183 26.00 -22.69 3.42
N PHE D 184 27.31 -22.44 3.40
CA PHE D 184 28.20 -22.92 4.45
C PHE D 184 28.71 -21.82 5.37
N GLY D 185 28.56 -20.56 5.01
CA GLY D 185 29.05 -19.49 5.85
C GLY D 185 29.00 -18.15 5.14
N VAL D 186 29.81 -17.23 5.67
CA VAL D 186 29.84 -15.84 5.20
C VAL D 186 31.26 -15.50 4.78
N ASP D 187 31.38 -14.34 4.14
CA ASP D 187 32.68 -13.74 3.86
C ASP D 187 33.16 -12.99 5.09
N ILE D 188 34.45 -13.14 5.40
CA ILE D 188 35.03 -12.60 6.62
C ILE D 188 36.02 -11.51 6.24
N LEU D 189 35.73 -10.29 6.68
CA LEU D 189 36.51 -9.12 6.30
C LEU D 189 36.79 -8.27 7.53
N ILE D 190 38.06 -7.89 7.72
CA ILE D 190 38.44 -7.01 8.85
C ILE D 190 39.17 -5.80 8.28
N PRO D 191 38.92 -4.56 8.77
CA PRO D 191 39.54 -3.35 8.21
C PRO D 191 41.06 -3.36 8.37
N ASP D 192 41.78 -2.80 7.39
CA ASP D 192 43.27 -2.72 7.47
C ASP D 192 43.66 -1.93 8.72
N PHE D 193 44.88 -2.13 9.22
CA PHE D 193 45.30 -1.46 10.44
C PHE D 193 46.52 -0.58 10.24
N SER D 194 46.94 -0.36 8.99
CA SER D 194 48.22 0.29 8.74
C SER D 194 48.30 1.67 9.36
N TYR D 195 47.24 2.47 9.20
CA TYR D 195 47.27 3.84 9.71
C TYR D 195 47.44 3.90 11.21
N LEU D 196 46.79 3.00 11.95
CA LEU D 196 46.90 3.02 13.41
C LEU D 196 48.36 3.02 13.86
N HIS D 197 49.21 2.25 13.18
CA HIS D 197 50.60 2.16 13.61
C HIS D 197 51.35 3.45 13.37
N GLN D 198 50.82 4.35 12.53
CA GLN D 198 51.53 5.58 12.22
C GLN D 198 51.53 6.57 13.38
N ILE D 199 50.38 6.75 14.02
CA ILE D 199 50.22 7.75 15.07
C ILE D 199 49.94 7.11 16.42
N LYS D 200 50.54 5.95 16.68
CA LYS D 200 50.25 5.18 17.87
C LYS D 200 50.33 6.04 19.14
N ASP D 201 51.29 6.96 19.19
CA ASP D 201 51.59 7.72 20.39
C ASP D 201 50.50 8.73 20.76
N LYS D 202 49.53 8.97 19.88
CA LYS D 202 48.51 9.98 20.13
C LYS D 202 47.17 9.43 20.55
N ILE D 203 46.82 8.22 20.13
CA ILE D 203 45.46 7.72 20.33
C ILE D 203 45.20 7.51 21.81
N ALA D 204 44.15 8.13 22.32
CA ALA D 204 43.81 8.08 23.74
C ALA D 204 42.89 6.94 24.11
N GLY D 205 42.45 6.13 23.14
CA GLY D 205 41.63 4.98 23.47
C GLY D 205 40.66 4.55 22.38
N ILE D 206 39.95 3.46 22.64
CA ILE D 206 38.97 2.91 21.71
C ILE D 206 37.59 3.22 22.25
N ILE D 207 36.71 3.76 21.39
CA ILE D 207 35.34 4.11 21.82
C ILE D 207 34.35 3.19 21.09
N ILE D 208 33.65 2.29 21.77
CA ILE D 208 32.75 1.30 21.10
C ILE D 208 31.27 1.64 21.26
N THR D 209 30.51 1.75 20.17
CA THR D 209 29.08 2.15 20.20
C THR D 209 28.17 0.96 19.91
N HIS D 210 28.41 -0.15 20.55
CA HIS D 210 27.49 -1.27 20.47
C HIS D 210 27.97 -2.40 21.35
N ALA D 211 27.02 -3.19 21.84
CA ALA D 211 27.30 -4.56 22.26
C ALA D 211 26.81 -5.50 21.16
N HIS D 212 27.58 -5.54 20.07
CA HIS D 212 27.09 -6.19 18.87
C HIS D 212 28.27 -6.49 17.95
N GLU D 213 28.25 -7.68 17.36
CA GLU D 213 29.41 -8.18 16.61
C GLU D 213 29.71 -7.35 15.37
N ASP D 214 28.69 -6.79 14.73
CA ASP D 214 28.91 -6.06 13.49
C ASP D 214 29.78 -4.82 13.67
N HIS D 215 30.00 -4.38 14.91
CA HIS D 215 30.68 -3.12 15.17
C HIS D 215 31.93 -3.23 16.02
N ILE D 216 32.20 -4.39 16.61
CA ILE D 216 33.35 -4.57 17.49
C ILE D 216 34.24 -5.69 16.98
N GLY D 217 33.97 -6.15 15.76
CA GLY D 217 34.56 -7.39 15.30
C GLY D 217 36.07 -7.38 15.22
N ALA D 218 36.65 -6.24 14.82
CA ALA D 218 38.12 -6.17 14.63
C ALA D 218 38.79 -5.81 15.96
N THR D 219 38.02 -5.32 16.94
CA THR D 219 38.61 -4.89 18.24
C THR D 219 39.50 -6.00 18.81
N PRO D 220 39.03 -7.26 18.94
CA PRO D 220 39.84 -8.31 19.55
C PRO D 220 41.11 -8.60 18.73
N TYR D 221 40.95 -8.78 17.42
CA TYR D 221 42.11 -9.08 16.53
C TYR D 221 43.07 -7.89 16.52
N LEU D 222 42.51 -6.67 16.46
CA LEU D 222 43.35 -5.45 16.39
C LEU D 222 44.38 -5.47 17.52
N PHE D 223 44.02 -6.06 18.67
CA PHE D 223 44.93 -6.03 19.81
C PHE D 223 46.09 -7.01 19.66
N LYS D 224 46.04 -7.89 18.66
CA LYS D 224 47.23 -8.68 18.34
C LYS D 224 48.33 -7.82 17.73
N GLU D 225 48.06 -6.53 17.48
CA GLU D 225 49.05 -5.58 17.00
C GLU D 225 49.29 -4.41 17.93
N LEU D 226 48.23 -3.76 18.40
CA LEU D 226 48.35 -2.53 19.18
C LEU D 226 47.44 -2.59 20.39
N GLN D 227 47.76 -1.80 21.42
CA GLN D 227 46.95 -1.79 22.67
C GLN D 227 46.53 -0.36 23.01
N PHE D 228 45.27 -0.18 23.43
CA PHE D 228 44.77 1.16 23.81
C PHE D 228 43.59 1.00 24.79
N PRO D 229 43.33 2.01 25.62
CA PRO D 229 42.28 1.88 26.58
C PRO D 229 40.97 1.64 25.81
N LEU D 230 40.16 0.73 26.34
CA LEU D 230 38.83 0.50 25.73
C LEU D 230 37.83 1.23 26.62
N TYR D 231 37.46 2.47 26.29
CA TYR D 231 36.37 3.13 27.06
C TYR D 231 35.09 2.78 26.32
N GLY D 232 34.23 1.94 26.90
CA GLY D 232 32.98 1.53 26.23
C GLY D 232 31.81 1.45 27.19
N THR D 233 30.84 0.57 26.90
CA THR D 233 29.67 0.38 27.80
C THR D 233 29.86 -0.94 28.56
N PRO D 234 29.37 -1.08 29.81
CA PRO D 234 29.60 -2.30 30.58
C PRO D 234 29.21 -3.55 29.77
N LEU D 235 27.99 -3.57 29.24
CA LEU D 235 27.53 -4.73 28.43
C LEU D 235 28.36 -4.81 27.14
N SER D 236 28.56 -3.66 26.48
CA SER D 236 29.34 -3.63 25.21
C SER D 236 30.76 -4.12 25.48
N LEU D 237 31.35 -3.69 26.59
CA LEU D 237 32.76 -4.08 26.93
C LEU D 237 32.81 -5.59 27.19
N GLY D 238 31.75 -6.17 27.77
CA GLY D 238 31.80 -7.59 28.12
C GLY D 238 31.97 -8.40 26.86
N LEU D 239 30.93 -8.47 26.06
CA LEU D 239 30.99 -9.17 24.79
C LEU D 239 32.30 -8.91 24.05
N ILE D 240 32.81 -7.68 24.10
CA ILE D 240 34.08 -7.39 23.45
C ILE D 240 35.20 -8.21 24.10
N GLY D 241 35.19 -8.31 25.43
CA GLY D 241 36.17 -9.14 26.11
C GLY D 241 36.05 -10.61 25.74
N SER D 242 34.82 -11.09 25.55
CA SER D 242 34.64 -12.45 25.06
C SER D 242 35.31 -12.60 23.69
N LYS D 243 35.08 -11.64 22.80
CA LYS D 243 35.71 -11.70 21.48
C LYS D 243 37.23 -11.73 21.60
N PHE D 244 37.79 -10.89 22.47
CA PHE D 244 39.25 -10.83 22.59
C PHE D 244 39.81 -12.14 23.14
N ASP D 245 39.16 -12.69 24.19
CA ASP D 245 39.61 -13.96 24.73
C ASP D 245 39.57 -15.04 23.66
N GLU D 246 38.54 -15.03 22.81
CA GLU D 246 38.53 -15.94 21.68
C GLU D 246 39.69 -15.66 20.74
N HIS D 247 40.03 -14.39 20.54
CA HIS D 247 41.17 -13.98 19.75
C HIS D 247 42.48 -14.07 20.50
N GLY D 248 42.45 -14.44 21.78
CA GLY D 248 43.65 -14.49 22.58
C GLY D 248 44.31 -13.14 22.77
N LEU D 249 43.52 -12.11 23.07
CA LEU D 249 44.03 -10.75 23.25
C LEU D 249 43.69 -10.23 24.65
N LYS D 250 43.88 -11.06 25.67
CA LYS D 250 43.53 -10.67 27.03
C LYS D 250 44.26 -9.40 27.46
N LYS D 251 45.40 -9.11 26.83
CA LYS D 251 46.13 -7.90 27.18
C LYS D 251 45.19 -6.70 27.17
N TYR D 252 44.44 -6.56 26.10
CA TYR D 252 43.58 -5.41 25.88
C TYR D 252 42.39 -5.37 26.82
N ARG D 253 42.16 -6.49 27.52
CA ARG D 253 41.00 -6.57 28.46
C ARG D 253 41.23 -5.59 29.62
N SER D 254 42.48 -5.43 30.05
CA SER D 254 42.81 -4.49 31.16
C SER D 254 42.44 -3.07 30.73
N TYR D 255 42.46 -2.80 29.42
CA TYR D 255 42.15 -1.45 28.90
C TYR D 255 40.65 -1.16 29.07
N PHE D 256 39.87 -2.17 29.45
CA PHE D 256 38.39 -2.00 29.59
C PHE D 256 38.10 -0.77 30.45
N LYS D 257 37.32 0.18 29.93
CA LYS D 257 36.98 1.43 30.68
CA LYS D 257 36.98 1.43 30.68
C LYS D 257 35.51 1.85 30.49
N ILE D 258 34.79 1.40 31.52
CA ILE D 258 33.30 1.52 31.55
C ILE D 258 32.91 3.00 31.48
N VAL D 259 32.14 3.40 30.46
CA VAL D 259 31.62 4.79 30.37
C VAL D 259 30.17 4.77 30.82
N GLU D 260 29.73 5.75 31.63
CA GLU D 260 28.35 5.70 32.18
C GLU D 260 27.38 6.42 31.22
N LYS D 261 26.20 5.84 31.02
CA LYS D 261 25.18 6.44 30.13
C LYS D 261 24.83 7.82 30.70
N ARG D 262 24.52 8.80 29.85
CA ARG D 262 24.09 10.11 30.41
C ARG D 262 25.19 10.69 31.31
N CYS D 263 26.30 9.97 31.46
CA CYS D 263 27.45 10.49 32.27
C CYS D 263 28.64 10.75 31.35
N PRO D 264 29.22 11.98 31.36
CA PRO D 264 30.34 12.32 30.50
C PRO D 264 31.63 11.61 30.94
N ILE D 265 32.57 11.40 30.02
CA ILE D 265 33.85 10.71 30.34
C ILE D 265 35.00 11.49 29.70
N SER D 266 35.85 12.12 30.51
CA SER D 266 36.95 12.97 29.98
C SER D 266 38.04 12.08 29.34
N VAL D 267 38.13 12.09 28.01
CA VAL D 267 39.17 11.29 27.30
C VAL D 267 40.22 12.25 26.75
N GLY D 268 41.33 12.43 27.47
CA GLY D 268 42.38 13.37 27.03
C GLY D 268 41.79 14.75 26.78
N GLU D 269 42.07 15.35 25.62
CA GLU D 269 41.49 16.66 25.26
C GLU D 269 40.12 16.44 24.61
N PHE D 270 39.19 15.80 25.33
CA PHE D 270 37.85 15.52 24.79
C PHE D 270 36.92 15.03 25.90
N ILE D 271 35.61 15.18 25.71
CA ILE D 271 34.64 14.73 26.72
C ILE D 271 33.64 13.88 25.97
N ILE D 272 33.35 12.69 26.50
CA ILE D 272 32.56 11.68 25.80
C ILE D 272 31.33 11.36 26.62
N GLU D 273 30.16 11.16 25.95
CA GLU D 273 28.87 10.79 26.61
C GLU D 273 28.14 9.69 25.83
N TRP D 274 27.67 8.62 26.49
CA TRP D 274 26.94 7.51 25.83
C TRP D 274 25.42 7.71 25.94
N ILE D 275 24.74 8.28 24.92
CA ILE D 275 23.29 8.64 24.94
C ILE D 275 22.42 7.44 24.57
N HIS D 276 21.78 6.82 25.54
CA HIS D 276 20.95 5.71 25.13
C HIS D 276 20.15 6.10 23.90
N ILE D 277 19.95 5.15 23.01
CA ILE D 277 19.16 5.38 21.79
C ILE D 277 18.64 4.04 21.30
N THR D 278 17.36 4.01 20.97
CA THR D 278 16.68 2.76 20.70
C THR D 278 17.26 2.09 19.45
N HIS D 279 17.25 0.77 19.46
CA HIS D 279 17.64 -0.02 18.31
C HIS D 279 17.27 -1.46 18.61
N SER D 280 17.29 -2.28 17.55
CA SER D 280 17.15 -3.72 17.72
C SER D 280 17.91 -4.24 18.93
N ILE D 281 19.18 -3.85 19.08
CA ILE D 281 20.08 -4.45 20.06
C ILE D 281 19.59 -4.15 21.47
N ILE D 282 19.77 -5.10 22.40
CA ILE D 282 19.31 -4.89 23.77
C ILE D 282 19.92 -3.62 24.33
N ASP D 283 21.22 -3.42 24.12
CA ASP D 283 21.89 -2.19 24.53
C ASP D 283 22.38 -1.48 23.28
N SER D 284 22.67 -0.20 23.41
CA SER D 284 23.21 0.60 22.33
C SER D 284 23.59 1.95 22.91
N SER D 285 24.04 2.85 22.04
CA SER D 285 24.32 4.22 22.48
C SER D 285 24.79 5.05 21.31
N ALA D 286 24.76 6.37 21.49
CA ALA D 286 25.43 7.29 20.59
C ALA D 286 26.44 8.12 21.37
N LEU D 287 27.39 8.68 20.64
CA LEU D 287 28.50 9.43 21.20
C LEU D 287 28.29 10.91 21.03
N ALA D 288 28.38 11.65 22.14
CA ALA D 288 28.47 13.10 22.11
C ALA D 288 29.88 13.46 22.55
N ILE D 289 30.58 14.25 21.75
CA ILE D 289 31.97 14.61 21.99
C ILE D 289 31.98 16.12 22.19
N GLN D 290 32.43 16.57 23.36
CA GLN D 290 32.72 17.98 23.55
C GLN D 290 34.22 18.22 23.45
N THR D 291 34.58 19.33 22.81
CA THR D 291 35.95 19.73 22.57
C THR D 291 36.02 21.25 22.54
N LYS D 292 37.22 21.79 22.74
CA LYS D 292 37.37 23.22 22.60
C LYS D 292 37.09 23.69 21.18
N ALA D 293 37.07 22.78 20.20
CA ALA D 293 36.71 23.11 18.84
C ALA D 293 35.21 23.05 18.59
N GLY D 294 34.44 22.46 19.50
CA GLY D 294 33.02 22.30 19.31
C GLY D 294 32.55 20.92 19.70
N THR D 295 31.36 20.51 19.25
CA THR D 295 30.81 19.22 19.64
C THR D 295 30.55 18.36 18.41
N ILE D 296 30.75 17.05 18.57
CA ILE D 296 30.63 16.08 17.49
C ILE D 296 29.64 15.02 17.93
N ILE D 297 28.78 14.58 17.01
CA ILE D 297 27.75 13.59 17.30
C ILE D 297 27.95 12.39 16.39
N HIS D 298 28.00 11.20 16.98
CA HIS D 298 28.01 9.95 16.24
C HIS D 298 26.85 9.09 16.74
N THR D 299 25.81 8.96 15.93
CA THR D 299 24.73 8.04 16.27
C THR D 299 24.98 6.67 15.65
N GLY D 300 25.11 6.63 14.33
CA GLY D 300 25.57 5.43 13.65
C GLY D 300 24.51 4.38 13.44
N ASP D 301 24.13 3.66 14.50
CA ASP D 301 23.15 2.60 14.41
C ASP D 301 21.98 2.99 15.31
N PHE D 302 20.85 3.32 14.70
CA PHE D 302 19.69 3.74 15.48
C PHE D 302 18.44 3.70 14.63
N LYS D 303 17.43 3.02 15.15
CA LYS D 303 16.06 3.20 14.68
C LYS D 303 15.26 3.70 15.87
N ILE D 304 14.49 4.76 15.64
CA ILE D 304 13.78 5.43 16.72
C ILE D 304 12.50 4.64 16.97
N ASP D 305 12.62 3.58 17.77
CA ASP D 305 11.43 2.74 18.10
C ASP D 305 10.64 3.41 19.23
N HIS D 306 9.44 3.92 18.93
CA HIS D 306 8.63 4.62 19.95
C HIS D 306 8.30 3.66 21.09
N THR D 307 8.01 2.40 20.78
CA THR D 307 7.64 1.40 21.82
C THR D 307 8.54 0.17 21.68
N PRO D 308 9.81 0.20 22.16
CA PRO D 308 10.68 -0.98 22.10
C PRO D 308 10.29 -1.98 23.19
N VAL D 309 10.48 -3.28 22.94
CA VAL D 309 10.17 -4.29 23.94
C VAL D 309 10.79 -3.92 25.28
N ASP D 310 11.97 -3.31 25.27
CA ASP D 310 12.66 -2.95 26.50
C ASP D 310 12.14 -1.64 27.09
N ASN D 311 11.16 -1.00 26.45
CA ASN D 311 10.53 0.24 26.92
C ASN D 311 11.53 1.14 27.63
N LEU D 312 12.68 1.34 27.00
CA LEU D 312 13.68 2.31 27.52
C LEU D 312 13.86 3.37 26.43
N PRO D 313 12.86 4.26 26.21
CA PRO D 313 12.91 5.22 25.09
C PRO D 313 14.17 6.10 25.05
N THR D 314 14.63 6.44 23.84
CA THR D 314 15.82 7.32 23.69
C THR D 314 15.65 8.56 24.57
N ASP D 315 16.75 9.06 25.15
CA ASP D 315 16.68 10.21 26.04
C ASP D 315 16.89 11.46 25.20
N LEU D 316 15.87 11.83 24.44
CA LEU D 316 16.05 12.87 23.44
C LEU D 316 16.51 14.17 24.05
N TYR D 317 16.20 14.41 25.33
CA TYR D 317 16.52 15.71 25.92
C TYR D 317 17.98 16.06 25.70
N ARG D 318 18.88 15.10 25.91
CA ARG D 318 20.30 15.41 25.77
C ARG D 318 20.64 15.79 24.34
N LEU D 319 20.09 15.08 23.37
CA LEU D 319 20.37 15.40 21.98
C LEU D 319 19.86 16.81 21.67
N ALA D 320 18.65 17.13 22.12
CA ALA D 320 18.11 18.46 21.90
C ALA D 320 18.97 19.52 22.59
N HIS D 321 19.46 19.23 23.79
CA HIS D 321 20.30 20.16 24.53
C HIS D 321 21.58 20.44 23.76
N TYR D 322 22.20 19.39 23.23
CA TYR D 322 23.40 19.58 22.42
C TYR D 322 23.09 20.41 21.19
N GLY D 323 21.95 20.14 20.55
CA GLY D 323 21.55 21.00 19.45
C GLY D 323 21.39 22.44 19.88
N GLU D 324 20.85 22.66 21.08
CA GLU D 324 20.59 24.01 21.56
C GLU D 324 21.90 24.75 21.79
N LYS D 325 22.89 24.08 22.37
CA LYS D 325 24.18 24.74 22.61
C LYS D 325 24.90 25.02 21.30
N GLY D 326 24.69 24.18 20.29
CA GLY D 326 25.36 24.32 19.01
C GLY D 326 26.27 23.13 18.73
N VAL D 327 25.90 22.32 17.75
CA VAL D 327 26.58 21.06 17.46
C VAL D 327 27.38 21.22 16.18
N MET D 328 28.68 20.92 16.25
CA MET D 328 29.55 21.11 15.10
C MET D 328 29.37 19.99 14.09
N LEU D 329 29.68 18.75 14.50
CA LEU D 329 29.81 17.63 13.58
C LEU D 329 28.80 16.55 13.92
N LEU D 330 28.20 15.97 12.87
CA LEU D 330 27.17 14.95 13.02
C LEU D 330 27.48 13.76 12.14
N LEU D 331 27.53 12.58 12.75
CA LEU D 331 27.67 11.32 12.03
C LEU D 331 26.43 10.49 12.28
N SER D 332 25.72 10.14 11.22
CA SER D 332 24.40 9.54 11.34
C SER D 332 24.27 8.34 10.41
N ASP D 333 23.40 7.41 10.82
CA ASP D 333 23.10 6.26 9.98
C ASP D 333 22.60 6.73 8.62
N SER D 334 22.92 5.98 7.58
CA SER D 334 22.47 6.30 6.23
C SER D 334 22.06 5.06 5.46
N THR D 335 21.87 3.93 6.13
CA THR D 335 21.68 2.67 5.43
C THR D 335 20.44 2.71 4.54
N ASN D 336 19.30 3.07 5.12
CA ASN D 336 18.01 2.90 4.45
C ASN D 336 17.52 4.18 3.81
N SER D 337 18.43 5.04 3.34
CA SER D 337 18.02 6.31 2.79
C SER D 337 17.14 6.17 1.55
N HIS D 338 17.07 4.97 0.98
CA HIS D 338 16.26 4.73 -0.20
C HIS D 338 14.80 4.48 0.11
N LYS D 339 14.44 4.26 1.37
CA LYS D 339 13.09 3.87 1.74
C LYS D 339 12.32 5.07 2.26
N SER D 340 10.99 5.00 2.19
CA SER D 340 10.13 6.03 2.74
C SER D 340 9.23 5.42 3.83
N GLY D 341 8.69 6.30 4.66
CA GLY D 341 7.94 5.85 5.80
C GLY D 341 8.88 5.32 6.87
N THR D 342 8.51 5.56 8.14
CA THR D 342 9.38 5.11 9.27
C THR D 342 9.34 3.59 9.36
N THR D 343 10.47 2.97 9.75
CA THR D 343 10.53 1.49 9.89
C THR D 343 9.60 1.05 11.03
N PRO D 344 8.94 -0.12 10.92
CA PRO D 344 7.99 -0.58 11.95
C PRO D 344 8.72 -0.93 13.25
N SER D 345 8.10 -0.66 14.40
CA SER D 345 8.71 -0.96 15.72
C SER D 345 8.72 -2.47 15.95
N GLU D 346 9.79 -3.01 16.57
CA GLU D 346 9.86 -4.42 16.86
C GLU D 346 8.56 -4.95 17.46
N SER D 347 7.82 -4.10 18.17
CA SER D 347 6.57 -4.55 18.77
C SER D 347 5.58 -5.01 17.71
N THR D 348 5.70 -4.54 16.47
CA THR D 348 4.87 -5.07 15.40
C THR D 348 5.10 -6.55 15.20
N ILE D 349 6.25 -7.05 15.65
CA ILE D 349 6.58 -8.46 15.49
C ILE D 349 5.87 -9.34 16.52
N ALA D 350 5.67 -8.80 17.73
CA ALA D 350 5.04 -9.58 18.82
C ALA D 350 3.85 -10.38 18.26
N PRO D 351 2.83 -9.74 17.64
CA PRO D 351 1.66 -10.46 17.16
C PRO D 351 2.08 -11.69 16.35
N ALA D 352 3.12 -11.56 15.53
CA ALA D 352 3.53 -12.68 14.70
C ALA D 352 3.86 -13.90 15.55
N PHE D 353 4.75 -13.73 16.54
CA PHE D 353 5.05 -14.85 17.43
C PHE D 353 3.80 -15.35 18.12
N ASP D 354 2.98 -14.45 18.66
CA ASP D 354 1.81 -14.91 19.40
C ASP D 354 0.93 -15.81 18.52
N THR D 355 0.54 -15.30 17.35
CA THR D 355 -0.36 -16.06 16.50
C THR D 355 0.28 -17.35 16.02
N LEU D 356 1.53 -17.30 15.56
CA LEU D 356 2.18 -18.51 15.08
C LEU D 356 2.27 -19.56 16.17
N PHE D 357 2.57 -19.14 17.39
CA PHE D 357 2.77 -20.09 18.48
C PHE D 357 1.44 -20.66 18.97
N LYS D 358 0.36 -19.89 18.89
CA LYS D 358 -0.94 -20.45 19.27
C LYS D 358 -1.32 -21.61 18.35
N GLU D 359 -1.02 -21.49 17.06
CA GLU D 359 -1.41 -22.47 16.07
C GLU D 359 -0.39 -23.59 15.88
N ALA D 360 0.83 -23.42 16.39
CA ALA D 360 1.87 -24.42 16.19
C ALA D 360 1.46 -25.72 16.87
N GLN D 361 1.57 -26.83 16.13
CA GLN D 361 1.25 -28.15 16.68
C GLN D 361 2.48 -29.02 16.90
N GLY D 362 3.64 -28.63 16.37
CA GLY D 362 4.83 -29.43 16.45
C GLY D 362 6.01 -28.63 16.97
N ARG D 363 7.20 -29.09 16.61
CA ARG D 363 8.42 -28.40 17.02
C ARG D 363 8.56 -27.07 16.29
N VAL D 364 9.17 -26.12 16.98
CA VAL D 364 9.43 -24.79 16.44
C VAL D 364 10.94 -24.62 16.34
N ILE D 365 11.40 -24.21 15.17
CA ILE D 365 12.82 -23.94 14.93
C ILE D 365 12.97 -22.45 14.70
N MET D 366 14.09 -21.88 15.15
CA MET D 366 14.40 -20.47 14.95
C MET D 366 15.86 -20.37 14.51
N SER D 367 16.10 -19.62 13.43
CA SER D 367 17.45 -19.45 12.91
C SER D 367 17.81 -17.98 12.82
N THR D 368 18.90 -17.59 13.47
CA THR D 368 19.40 -16.22 13.46
C THR D 368 20.90 -16.25 13.72
N PHE D 369 21.48 -15.08 14.00
CA PHE D 369 22.90 -14.92 14.25
C PHE D 369 23.12 -14.62 15.73
N SER D 370 24.40 -14.64 16.12
CA SER D 370 24.75 -14.67 17.54
C SER D 370 24.39 -13.37 18.27
N SER D 371 24.06 -12.30 17.56
CA SER D 371 23.93 -10.98 18.19
C SER D 371 22.56 -10.35 18.02
N ASN D 372 21.54 -11.12 17.68
CA ASN D 372 20.17 -10.60 17.64
C ASN D 372 19.45 -10.94 18.96
N ILE D 373 19.95 -10.36 20.04
CA ILE D 373 19.54 -10.77 21.37
C ILE D 373 18.07 -10.46 21.60
N HIS D 374 17.60 -9.30 21.15
CA HIS D 374 16.22 -8.91 21.39
C HIS D 374 15.26 -9.93 20.80
N ARG D 375 15.52 -10.36 19.56
CA ARG D 375 14.62 -11.29 18.89
C ARG D 375 14.53 -12.61 19.65
N VAL D 376 15.68 -13.16 20.02
CA VAL D 376 15.67 -14.41 20.77
C VAL D 376 14.98 -14.21 22.11
N TYR D 377 15.14 -13.02 22.71
CA TYR D 377 14.44 -12.74 23.97
C TYR D 377 12.94 -12.83 23.79
N GLN D 378 12.41 -12.15 22.78
CA GLN D 378 11.00 -12.25 22.47
C GLN D 378 10.59 -13.70 22.26
N ALA D 379 11.39 -14.43 21.50
CA ALA D 379 11.05 -15.81 21.17
C ALA D 379 10.97 -16.68 22.42
N ILE D 380 11.96 -16.59 23.30
CA ILE D 380 11.97 -17.43 24.49
C ILE D 380 10.86 -17.01 25.45
N GLN D 381 10.59 -15.71 25.54
CA GLN D 381 9.50 -15.25 26.38
C GLN D 381 8.18 -15.83 25.91
N TYR D 382 7.94 -15.80 24.60
CA TYR D 382 6.73 -16.42 24.07
C TYR D 382 6.72 -17.92 24.30
N GLY D 383 7.86 -18.58 24.09
CA GLY D 383 7.91 -20.02 24.25
C GLY D 383 7.55 -20.45 25.65
N ILE D 384 8.10 -19.77 26.66
CA ILE D 384 7.68 -20.05 28.02
C ILE D 384 6.22 -19.69 28.20
N LYS D 385 5.78 -18.58 27.60
CA LYS D 385 4.36 -18.27 27.57
C LYS D 385 3.56 -19.39 26.93
N TYR D 386 4.16 -20.13 26.00
CA TYR D 386 3.54 -21.27 25.36
C TYR D 386 4.18 -22.58 25.80
N ASN D 387 4.91 -22.56 26.92
CA ASN D 387 5.40 -23.76 27.56
C ASN D 387 6.30 -24.58 26.62
N ARG D 388 7.15 -23.88 25.88
CA ARG D 388 8.14 -24.52 25.01
C ARG D 388 9.52 -24.35 25.61
N LYS D 389 10.16 -25.47 25.92
CA LYS D 389 11.54 -25.44 26.41
C LYS D 389 12.45 -24.93 25.30
N ILE D 390 13.52 -24.25 25.70
CA ILE D 390 14.42 -23.60 24.75
C ILE D 390 15.70 -24.42 24.64
N ALA D 391 16.08 -24.76 23.41
CA ALA D 391 17.33 -25.43 23.13
C ALA D 391 18.22 -24.45 22.38
N VAL D 392 19.33 -24.05 23.02
CA VAL D 392 20.25 -23.07 22.45
C VAL D 392 21.40 -23.83 21.81
N ILE D 393 21.58 -23.64 20.51
CA ILE D 393 22.59 -24.33 19.73
C ILE D 393 23.52 -23.29 19.14
N GLY D 394 24.82 -23.47 19.39
CA GLY D 394 25.81 -22.47 19.04
C GLY D 394 26.36 -21.81 20.28
N ARG D 395 27.62 -22.09 20.62
CA ARG D 395 28.17 -21.62 21.88
C ARG D 395 28.12 -20.11 22.00
N SER D 396 28.06 -19.41 20.86
CA SER D 396 27.92 -17.96 20.91
C SER D 396 26.62 -17.55 21.59
N MET D 397 25.51 -18.19 21.21
CA MET D 397 24.27 -17.96 21.93
C MET D 397 24.41 -18.25 23.42
N GLU D 398 25.04 -19.36 23.78
CA GLU D 398 25.12 -19.71 25.19
C GLU D 398 25.91 -18.66 25.97
N LYS D 399 27.02 -18.20 25.41
CA LYS D 399 27.82 -17.20 26.11
C LYS D 399 27.09 -15.87 26.20
N ASN D 400 26.42 -15.47 25.13
CA ASN D 400 25.64 -14.23 25.18
C ASN D 400 24.56 -14.33 26.24
N LEU D 401 23.84 -15.45 26.26
CA LEU D 401 22.79 -15.63 27.26
C LEU D 401 23.34 -15.56 28.67
N ASP D 402 24.43 -16.28 28.94
CA ASP D 402 24.98 -16.27 30.28
C ASP D 402 25.48 -14.89 30.68
N ILE D 403 26.15 -14.20 29.77
CA ILE D 403 26.65 -12.86 30.09
C ILE D 403 25.50 -11.92 30.40
N ALA D 404 24.50 -11.87 29.52
CA ALA D 404 23.38 -10.96 29.75
C ALA D 404 22.62 -11.31 31.02
N ARG D 405 22.30 -12.60 31.21
CA ARG D 405 21.54 -13.01 32.38
C ARG D 405 22.30 -12.70 33.67
N GLU D 406 23.61 -12.95 33.69
CA GLU D 406 24.41 -12.55 34.84
C GLU D 406 24.40 -11.04 35.00
N LEU D 407 24.44 -10.31 33.90
CA LEU D 407 24.35 -8.85 33.95
C LEU D 407 22.95 -8.37 34.32
N GLY D 408 21.96 -9.26 34.37
CA GLY D 408 20.64 -8.89 34.83
C GLY D 408 19.79 -8.13 33.83
N TYR D 409 20.24 -8.01 32.58
CA TYR D 409 19.41 -7.35 31.57
C TYR D 409 18.09 -8.07 31.35
N ILE D 410 18.02 -9.37 31.65
CA ILE D 410 16.82 -10.15 31.46
C ILE D 410 16.70 -11.17 32.58
N HIS D 411 15.54 -11.81 32.66
CA HIS D 411 15.25 -12.82 33.68
C HIS D 411 14.97 -14.15 32.99
N LEU D 412 15.66 -15.21 33.40
CA LEU D 412 15.49 -16.50 32.68
C LEU D 412 15.67 -17.69 33.63
N PRO D 413 14.68 -18.61 33.75
CA PRO D 413 14.85 -19.82 34.56
C PRO D 413 15.78 -20.79 33.83
N TYR D 414 16.97 -21.03 34.37
CA TYR D 414 17.94 -21.89 33.68
C TYR D 414 17.34 -23.26 33.37
N GLN D 415 16.51 -23.78 34.29
CA GLN D 415 15.92 -25.09 34.07
C GLN D 415 15.08 -25.15 32.81
N SER D 416 14.59 -24.01 32.33
CA SER D 416 13.80 -23.97 31.11
C SER D 416 14.62 -24.20 29.85
N PHE D 417 15.95 -24.17 29.95
CA PHE D 417 16.82 -24.35 28.79
C PHE D 417 17.27 -25.79 28.69
N ILE D 418 17.37 -26.27 27.45
CA ILE D 418 17.55 -27.69 27.15
C ILE D 418 18.61 -27.81 26.05
N GLU D 419 19.11 -29.03 25.87
CA GLU D 419 20.03 -29.33 24.79
C GLU D 419 19.30 -29.99 23.63
N ALA D 420 19.88 -29.87 22.43
CA ALA D 420 19.27 -30.48 21.26
C ALA D 420 19.19 -32.00 21.42
N ASN D 421 20.22 -32.60 21.98
CA ASN D 421 20.24 -34.06 22.14
C ASN D 421 19.08 -34.56 22.98
N GLU D 422 18.48 -33.70 23.81
CA GLU D 422 17.35 -34.08 24.65
C GLU D 422 16.00 -33.82 24.00
N VAL D 423 15.97 -33.26 22.79
CA VAL D 423 14.70 -32.92 22.15
C VAL D 423 13.85 -34.17 21.96
N ALA D 424 14.48 -35.30 21.61
CA ALA D 424 13.72 -36.53 21.40
C ALA D 424 12.99 -36.98 22.66
N LYS D 425 13.39 -36.48 23.83
CA LYS D 425 12.71 -36.82 25.07
C LYS D 425 11.46 -35.99 25.31
N TYR D 426 11.28 -34.91 24.55
CA TYR D 426 10.16 -33.98 24.83
C TYR D 426 9.12 -34.03 23.70
N PRO D 427 7.85 -33.66 23.97
CA PRO D 427 6.83 -33.60 22.92
C PRO D 427 7.18 -32.49 21.91
N ASP D 428 6.72 -32.63 20.67
CA ASP D 428 7.07 -31.65 19.65
C ASP D 428 6.60 -30.25 20.02
N ASN D 429 5.37 -30.13 20.49
CA ASN D 429 4.78 -28.83 20.83
C ASN D 429 5.45 -28.18 22.03
N GLU D 430 6.31 -28.88 22.78
CA GLU D 430 7.05 -28.29 23.88
C GLU D 430 8.49 -27.97 23.49
N VAL D 431 8.80 -28.03 22.20
CA VAL D 431 10.18 -27.97 21.72
C VAL D 431 10.34 -26.73 20.85
N LEU D 432 11.20 -25.81 21.30
CA LEU D 432 11.60 -24.65 20.51
C LEU D 432 13.12 -24.60 20.50
N ILE D 433 13.70 -24.59 19.31
CA ILE D 433 15.14 -24.69 19.13
C ILE D 433 15.66 -23.36 18.60
N VAL D 434 16.84 -22.97 19.09
CA VAL D 434 17.52 -21.75 18.69
C VAL D 434 18.81 -22.18 17.99
N THR D 435 19.08 -21.61 16.80
CA THR D 435 20.17 -22.07 15.97
C THR D 435 21.03 -20.92 15.49
N THR D 436 22.35 -21.10 15.65
CA THR D 436 23.34 -20.19 15.09
C THR D 436 24.68 -20.91 15.03
N GLY D 437 25.48 -20.54 14.02
CA GLY D 437 26.78 -21.14 13.84
C GLY D 437 27.88 -20.30 14.43
N SER D 438 29.00 -20.19 13.73
CA SER D 438 30.08 -19.31 14.16
C SER D 438 29.65 -17.86 13.98
N GLN D 439 30.57 -16.95 14.29
CA GLN D 439 30.29 -15.54 14.13
C GLN D 439 29.90 -15.25 12.68
N GLY D 440 28.64 -14.87 12.47
CA GLY D 440 28.13 -14.58 11.16
C GLY D 440 27.49 -15.75 10.43
N GLU D 441 27.56 -16.95 10.98
CA GLU D 441 27.01 -18.12 10.31
C GLU D 441 25.65 -18.49 10.89
N THR D 442 24.66 -18.60 10.01
CA THR D 442 23.30 -18.92 10.43
C THR D 442 22.70 -20.10 9.68
N MET D 443 22.90 -20.19 8.36
CA MET D 443 22.25 -21.22 7.56
C MET D 443 23.17 -22.34 7.14
N SER D 444 24.43 -22.34 7.58
CA SER D 444 25.20 -23.58 7.49
C SER D 444 24.52 -24.67 8.30
N ALA D 445 24.07 -24.32 9.51
CA ALA D 445 23.28 -25.24 10.32
C ALA D 445 22.01 -25.63 9.57
N LEU D 446 21.30 -24.67 8.98
CA LEU D 446 20.08 -25.01 8.26
C LEU D 446 20.35 -25.99 7.13
N TYR D 447 21.39 -25.73 6.34
CA TYR D 447 21.68 -26.59 5.20
C TYR D 447 22.03 -28.00 5.65
N ARG D 448 22.84 -28.12 6.71
CA ARG D 448 23.15 -29.46 7.20
C ARG D 448 21.91 -30.13 7.79
N MET D 449 20.96 -29.34 8.29
CA MET D 449 19.70 -29.91 8.76
C MET D 449 18.86 -30.43 7.61
N ALA D 450 18.87 -29.73 6.48
CA ALA D 450 18.24 -30.25 5.27
C ALA D 450 19.01 -31.41 4.67
N THR D 451 20.32 -31.48 4.89
CA THR D 451 21.13 -32.61 4.47
C THR D 451 21.21 -33.69 5.53
N ASP D 452 20.72 -33.41 6.75
CA ASP D 452 20.43 -34.42 7.76
C ASP D 452 21.68 -34.95 8.46
N GLU D 453 22.75 -34.16 8.53
CA GLU D 453 23.94 -34.56 9.28
C GLU D 453 24.08 -33.80 10.60
N HIS D 454 23.05 -33.07 11.01
CA HIS D 454 23.14 -32.30 12.25
C HIS D 454 23.27 -33.23 13.45
N ARG D 455 22.86 -34.49 13.30
CA ARG D 455 22.98 -35.57 14.28
C ARG D 455 22.49 -35.15 15.67
N HIS D 456 21.68 -34.10 15.76
CA HIS D 456 20.93 -33.77 16.96
C HIS D 456 19.47 -33.50 16.66
N ILE D 457 19.15 -33.02 15.46
CA ILE D 457 17.79 -32.65 15.10
C ILE D 457 17.43 -33.32 13.78
N SER D 458 16.23 -33.87 13.71
CA SER D 458 15.66 -34.41 12.47
C SER D 458 14.45 -33.59 12.08
N ILE D 459 14.52 -32.96 10.90
CA ILE D 459 13.43 -32.12 10.44
C ILE D 459 12.18 -32.98 10.23
N LYS D 460 11.03 -32.47 10.67
CA LYS D 460 9.77 -33.25 10.56
C LYS D 460 8.73 -32.42 9.80
N PRO D 461 7.71 -33.05 9.17
CA PRO D 461 6.72 -32.31 8.38
C PRO D 461 5.84 -31.39 9.25
N ASN D 462 5.73 -31.71 10.55
CA ASN D 462 4.86 -30.90 11.42
C ASN D 462 5.60 -29.72 12.02
N ASP D 463 6.85 -29.50 11.63
CA ASP D 463 7.64 -28.43 12.23
C ASP D 463 7.26 -27.07 11.65
N LEU D 464 7.53 -26.03 12.43
CA LEU D 464 7.34 -24.65 12.01
C LEU D 464 8.69 -23.95 12.18
N VAL D 465 9.27 -23.48 11.07
CA VAL D 465 10.62 -22.93 11.09
C VAL D 465 10.53 -21.43 10.81
N ILE D 466 11.09 -20.62 11.71
CA ILE D 466 11.15 -19.18 11.57
C ILE D 466 12.59 -18.82 11.19
N ILE D 467 12.72 -18.11 10.08
CA ILE D 467 14.01 -17.81 9.47
C ILE D 467 14.23 -16.31 9.54
N SER D 468 15.32 -15.91 10.20
CA SER D 468 15.78 -14.52 10.15
C SER D 468 17.32 -14.52 10.19
N ALA D 469 17.92 -14.57 9.01
CA ALA D 469 19.36 -14.40 8.91
C ALA D 469 19.66 -12.94 8.56
N LYS D 470 20.94 -12.59 8.65
CA LYS D 470 21.33 -11.22 8.35
C LYS D 470 21.04 -10.91 6.89
N ALA D 471 19.97 -10.15 6.66
CA ALA D 471 19.44 -9.94 5.33
C ALA D 471 20.28 -8.94 4.55
N ILE D 472 21.50 -9.31 4.21
CA ILE D 472 22.34 -8.44 3.33
C ILE D 472 22.09 -8.88 1.88
N PRO D 473 21.92 -7.96 0.91
CA PRO D 473 21.59 -8.35 -0.47
C PRO D 473 22.56 -9.38 -1.05
N GLY D 474 22.03 -10.33 -1.85
CA GLY D 474 22.87 -11.33 -2.46
C GLY D 474 22.81 -12.70 -1.83
N ASN D 475 22.09 -12.83 -0.71
CA ASN D 475 21.89 -14.11 -0.06
C ASN D 475 20.57 -14.76 -0.43
N GLU D 476 19.81 -14.16 -1.36
CA GLU D 476 18.52 -14.72 -1.73
C GLU D 476 18.66 -16.12 -2.29
N ALA D 477 19.75 -16.39 -3.00
CA ALA D 477 19.92 -17.72 -3.60
C ALA D 477 20.01 -18.80 -2.52
N SER D 478 20.81 -18.57 -1.48
CA SER D 478 20.92 -19.55 -0.41
C SER D 478 19.59 -19.75 0.29
N VAL D 479 18.89 -18.65 0.56
CA VAL D 479 17.59 -18.74 1.22
C VAL D 479 16.64 -19.57 0.36
N SER D 480 16.60 -19.31 -0.93
CA SER D 480 15.73 -20.08 -1.81
C SER D 480 16.10 -21.55 -1.81
N ALA D 481 17.40 -21.86 -1.88
CA ALA D 481 17.81 -23.25 -1.90
C ALA D 481 17.36 -23.97 -0.64
N VAL D 482 17.65 -23.39 0.52
CA VAL D 482 17.26 -24.02 1.78
C VAL D 482 15.76 -24.14 1.86
N LEU D 483 15.04 -23.14 1.36
CA LEU D 483 13.58 -23.16 1.43
C LEU D 483 13.02 -24.31 0.59
N ASN D 484 13.54 -24.50 -0.62
CA ASN D 484 13.09 -25.63 -1.43
C ASN D 484 13.41 -26.94 -0.73
N PHE D 485 14.63 -27.07 -0.20
CA PHE D 485 14.97 -28.33 0.45
C PHE D 485 14.09 -28.59 1.65
N LEU D 486 13.67 -27.54 2.36
CA LEU D 486 12.76 -27.72 3.49
C LEU D 486 11.38 -28.12 3.03
N ILE D 487 10.86 -27.49 1.96
CA ILE D 487 9.56 -27.92 1.47
C ILE D 487 9.61 -29.37 1.01
N LYS D 488 10.74 -29.79 0.43
CA LYS D 488 10.89 -31.20 0.11
C LYS D 488 10.73 -32.06 1.36
N LYS D 489 11.04 -31.50 2.53
CA LYS D 489 10.76 -32.13 3.80
C LYS D 489 9.38 -31.80 4.33
N GLU D 490 8.61 -30.98 3.61
CA GLU D 490 7.22 -30.67 3.96
C GLU D 490 7.15 -29.92 5.28
N ALA D 491 7.90 -28.83 5.37
CA ALA D 491 7.98 -28.03 6.59
C ALA D 491 7.41 -26.64 6.34
N LYS D 492 6.59 -26.17 7.26
CA LYS D 492 6.06 -24.82 7.16
C LYS D 492 7.14 -23.80 7.54
N VAL D 493 7.27 -22.76 6.72
CA VAL D 493 8.34 -21.79 6.82
C VAL D 493 7.73 -20.41 6.99
N ALA D 494 8.31 -19.62 7.90
CA ALA D 494 7.95 -18.22 8.10
C ALA D 494 9.21 -17.38 7.97
N TYR D 495 9.23 -16.50 6.96
CA TYR D 495 10.36 -15.62 6.72
C TYR D 495 9.98 -14.19 6.36
N GLN D 496 8.71 -13.89 6.11
CA GLN D 496 8.33 -12.57 5.58
C GLN D 496 8.66 -11.46 6.57
N GLU D 497 8.37 -11.66 7.85
CA GLU D 497 8.34 -10.56 8.80
C GLU D 497 9.68 -10.22 9.40
N PHE D 498 10.82 -10.91 9.21
CA PHE D 498 12.00 -10.66 10.04
C PHE D 498 13.20 -10.20 9.23
N ASP D 499 13.12 -10.24 7.91
CA ASP D 499 14.22 -9.79 7.07
C ASP D 499 14.13 -8.27 6.92
N ASN D 500 15.00 -7.70 6.08
CA ASN D 500 15.02 -6.25 5.90
C ASN D 500 13.75 -5.73 5.22
N ILE D 501 12.96 -6.61 4.59
CA ILE D 501 11.78 -6.15 3.88
C ILE D 501 10.79 -5.50 4.84
N HIS D 502 10.56 -6.11 6.00
CA HIS D 502 9.72 -5.47 7.01
C HIS D 502 10.54 -4.59 7.95
N VAL D 503 11.50 -5.19 8.65
CA VAL D 503 12.30 -4.49 9.65
C VAL D 503 13.76 -4.51 9.19
N SER D 504 14.22 -3.41 8.63
CA SER D 504 15.61 -3.28 8.24
C SER D 504 16.51 -2.88 9.42
N GLY D 505 15.94 -2.36 10.49
CA GLY D 505 16.71 -2.05 11.66
C GLY D 505 17.44 -0.72 11.59
N HIS D 506 17.34 -0.03 10.46
CA HIS D 506 17.99 1.26 10.28
C HIS D 506 17.00 2.31 9.79
N ALA D 507 17.24 3.54 10.21
CA ALA D 507 16.27 4.62 10.02
C ALA D 507 15.90 4.80 8.56
N ALA D 508 14.66 5.20 8.33
CA ALA D 508 14.20 5.56 6.99
C ALA D 508 14.34 7.07 6.82
N GLN D 509 13.76 7.61 5.74
CA GLN D 509 13.89 9.03 5.46
C GLN D 509 13.27 9.89 6.56
N GLU D 510 12.06 9.52 7.01
CA GLU D 510 11.40 10.31 8.03
C GLU D 510 12.21 10.35 9.31
N GLU D 511 12.75 9.21 9.73
CA GLU D 511 13.52 9.17 10.97
C GLU D 511 14.78 10.01 10.86
N GLN D 512 15.47 9.93 9.72
CA GLN D 512 16.65 10.75 9.51
C GLN D 512 16.29 12.23 9.58
N LYS D 513 15.18 12.63 8.95
CA LYS D 513 14.77 14.02 9.01
C LYS D 513 14.48 14.44 10.45
N LEU D 514 13.84 13.55 11.22
CA LEU D 514 13.53 13.88 12.60
C LEU D 514 14.79 14.09 13.41
N MET D 515 15.77 13.21 13.24
CA MET D 515 17.06 13.41 13.88
C MET D 515 17.67 14.74 13.47
N LEU D 516 17.67 15.01 12.16
CA LEU D 516 18.30 16.23 11.65
C LEU D 516 17.69 17.47 12.31
N ARG D 517 16.37 17.52 12.40
CA ARG D 517 15.73 18.64 13.07
C ARG D 517 16.08 18.67 14.55
N LEU D 518 16.09 17.51 15.21
CA LEU D 518 16.47 17.47 16.63
C LEU D 518 17.86 18.07 16.83
N ILE D 519 18.73 17.96 15.84
CA ILE D 519 20.12 18.34 16.03
C ILE D 519 20.38 19.79 15.62
N LYS D 520 19.82 20.18 14.47
CA LYS D 520 20.10 21.54 13.94
C LYS D 520 21.61 21.71 13.90
N PRO D 521 22.38 20.78 13.27
CA PRO D 521 23.84 20.83 13.30
C PRO D 521 24.44 21.69 12.18
N LYS D 522 25.70 22.10 12.34
CA LYS D 522 26.37 22.91 11.34
C LYS D 522 26.95 22.04 10.23
N PHE D 523 27.49 20.86 10.59
CA PHE D 523 28.18 20.00 9.63
C PHE D 523 27.62 18.60 9.70
N PHE D 524 27.11 18.13 8.56
CA PHE D 524 26.50 16.82 8.44
C PHE D 524 27.33 15.96 7.51
N LEU D 525 27.71 14.76 7.99
CA LEU D 525 28.53 13.84 7.16
C LEU D 525 27.99 12.41 7.34
N PRO D 526 27.42 11.77 6.30
CA PRO D 526 26.82 10.44 6.43
C PRO D 526 27.86 9.32 6.54
N VAL D 527 27.57 8.28 7.34
CA VAL D 527 28.47 7.16 7.49
C VAL D 527 27.63 5.88 7.49
N HIS D 528 28.31 4.74 7.43
CA HIS D 528 27.67 3.42 7.54
C HIS D 528 26.70 3.18 6.37
N GLY D 529 27.27 3.23 5.17
CA GLY D 529 26.49 3.00 3.97
C GLY D 529 27.35 3.12 2.73
N GLU D 530 26.70 2.87 1.59
CA GLU D 530 27.37 2.96 0.30
C GLU D 530 27.27 4.40 -0.20
N TYR D 531 27.88 4.67 -1.36
CA TYR D 531 27.92 6.04 -1.85
C TYR D 531 26.51 6.52 -2.23
N ASN D 532 25.71 5.64 -2.82
CA ASN D 532 24.34 6.02 -3.17
C ASN D 532 23.52 6.35 -1.95
N HIS D 533 23.63 5.55 -0.89
CA HIS D 533 22.83 5.78 0.30
C HIS D 533 23.19 7.10 0.95
N VAL D 534 24.49 7.38 1.06
CA VAL D 534 24.89 8.66 1.62
C VAL D 534 24.45 9.80 0.71
N ALA D 535 24.47 9.59 -0.60
CA ALA D 535 23.98 10.63 -1.50
C ALA D 535 22.51 10.94 -1.22
N ARG D 536 21.69 9.90 -1.10
CA ARG D 536 20.27 10.12 -0.83
C ARG D 536 20.06 10.79 0.52
N HIS D 537 20.82 10.35 1.53
CA HIS D 537 20.70 10.97 2.84
C HIS D 537 21.06 12.45 2.78
N LYS D 538 22.12 12.79 2.03
CA LYS D 538 22.50 14.18 1.88
C LYS D 538 21.40 14.96 1.18
N GLN D 539 20.75 14.35 0.18
CA GLN D 539 19.62 15.01 -0.46
C GLN D 539 18.52 15.30 0.55
N THR D 540 18.18 14.32 1.37
CA THR D 540 17.18 14.52 2.41
C THR D 540 17.59 15.67 3.33
N ALA D 541 18.88 15.74 3.67
CA ALA D 541 19.35 16.84 4.51
C ALA D 541 19.16 18.18 3.82
N ILE D 542 19.43 18.23 2.51
CA ILE D 542 19.15 19.45 1.76
C ILE D 542 17.69 19.83 1.93
N SER D 543 16.80 18.85 1.82
CA SER D 543 15.37 19.13 2.01
C SER D 543 15.07 19.71 3.38
N CYS D 544 15.95 19.49 4.35
CA CYS D 544 15.76 20.00 5.71
C CYS D 544 16.36 21.39 5.89
N GLY D 545 16.90 22.00 4.83
CA GLY D 545 17.42 23.34 4.93
C GLY D 545 18.87 23.44 5.34
N VAL D 546 19.58 22.32 5.30
CA VAL D 546 21.04 22.33 5.63
C VAL D 546 21.81 22.86 4.41
N PRO D 547 22.65 23.90 4.56
CA PRO D 547 23.42 24.45 3.43
C PRO D 547 24.35 23.38 2.85
N GLU D 548 24.39 23.24 1.52
CA GLU D 548 25.19 22.19 0.91
C GLU D 548 26.63 22.24 1.38
N LYS D 549 27.21 23.44 1.51
CA LYS D 549 28.63 23.54 1.73
C LYS D 549 29.06 22.98 3.08
N ASN D 550 28.13 22.49 3.90
CA ASN D 550 28.48 21.81 5.14
C ASN D 550 28.13 20.32 5.10
N ILE D 551 28.05 19.73 3.92
CA ILE D 551 27.76 18.31 3.78
C ILE D 551 28.81 17.71 2.84
N TYR D 552 29.42 16.62 3.27
CA TYR D 552 30.41 15.91 2.46
C TYR D 552 30.06 14.44 2.40
N LEU D 553 30.47 13.80 1.30
CA LEU D 553 30.33 12.36 1.12
C LEU D 553 31.75 11.78 1.09
N MET D 554 32.03 10.89 2.04
CA MET D 554 33.37 10.37 2.22
C MET D 554 33.60 9.12 1.36
N GLU D 555 34.88 8.87 1.08
CA GLU D 555 35.32 7.59 0.53
C GLU D 555 36.34 7.01 1.49
N ASP D 556 36.26 5.70 1.70
CA ASP D 556 37.10 5.06 2.70
C ASP D 556 38.57 5.42 2.49
N GLY D 557 39.22 5.83 3.56
CA GLY D 557 40.62 6.20 3.50
C GLY D 557 40.86 7.69 3.46
N ASP D 558 39.80 8.46 3.21
CA ASP D 558 39.94 9.90 3.06
C ASP D 558 40.26 10.57 4.38
N GLN D 559 40.83 11.77 4.31
CA GLN D 559 40.99 12.66 5.45
C GLN D 559 40.17 13.91 5.20
N VAL D 560 39.50 14.41 6.23
CA VAL D 560 38.77 15.67 6.12
C VAL D 560 39.12 16.53 7.33
N GLU D 561 39.66 17.72 7.08
CA GLU D 561 39.92 18.69 8.12
C GLU D 561 38.66 19.50 8.37
N VAL D 562 38.20 19.53 9.61
CA VAL D 562 36.98 20.23 9.98
C VAL D 562 37.30 21.23 11.08
N GLY D 563 36.88 22.48 10.89
CA GLY D 563 37.15 23.53 11.89
C GLY D 563 35.87 24.09 12.47
N PRO D 564 35.89 25.26 13.14
CA PRO D 564 34.67 25.88 13.67
C PRO D 564 33.73 26.27 12.53
N ALA D 565 34.28 26.84 11.45
CA ALA D 565 33.45 27.25 10.29
C ALA D 565 34.20 26.92 8.99
N PHE D 566 34.92 25.79 8.96
CA PHE D 566 35.69 25.39 7.76
C PHE D 566 35.69 23.88 7.62
N ILE D 567 35.69 23.36 6.39
CA ILE D 567 35.72 21.93 6.16
C ILE D 567 36.22 21.67 4.75
N LYS D 568 37.16 20.74 4.59
CA LYS D 568 37.72 20.46 3.28
C LYS D 568 38.41 19.12 3.28
N LYS D 569 38.63 18.59 2.09
CA LYS D 569 39.43 17.38 1.91
C LYS D 569 40.90 17.74 1.84
N VAL D 570 41.75 16.89 2.41
CA VAL D 570 43.19 17.14 2.46
C VAL D 570 44.01 16.03 1.81
N GLY D 571 43.47 14.82 1.73
CA GLY D 571 44.23 13.73 1.15
C GLY D 571 43.54 12.40 1.42
N THR D 572 44.22 11.33 1.03
CA THR D 572 43.69 9.99 1.18
C THR D 572 44.68 9.13 1.94
N ILE D 573 44.15 8.16 2.69
CA ILE D 573 44.98 7.22 3.44
C ILE D 573 44.61 5.81 2.99
N LYS D 574 45.55 4.88 3.16
CA LYS D 574 45.46 3.56 2.56
C LYS D 574 44.48 2.71 3.37
N SER D 575 43.35 2.38 2.74
CA SER D 575 42.33 1.54 3.36
C SER D 575 42.25 0.22 2.62
N GLY D 576 41.96 -0.84 3.38
CA GLY D 576 41.95 -2.16 2.81
C GLY D 576 41.31 -3.15 3.75
N LYS D 577 41.12 -4.37 3.26
CA LYS D 577 40.45 -5.42 4.00
C LYS D 577 41.35 -6.65 4.06
N SER D 578 41.07 -7.52 5.04
CA SER D 578 41.82 -8.74 5.23
C SER D 578 40.86 -9.87 5.57
N TYR D 579 41.13 -11.06 5.03
CA TYR D 579 40.30 -12.21 5.31
C TYR D 579 40.69 -12.84 6.64
N VAL D 580 39.74 -13.56 7.23
CA VAL D 580 40.02 -14.42 8.37
C VAL D 580 39.20 -15.69 8.21
N ASP D 581 39.84 -16.84 8.42
CA ASP D 581 39.17 -18.13 8.34
C ASP D 581 38.54 -18.43 9.70
N ASN D 582 37.25 -18.76 9.69
CA ASN D 582 36.51 -19.00 10.92
C ASN D 582 37.08 -20.16 11.73
N GLN D 583 37.85 -21.04 11.12
CA GLN D 583 38.46 -22.15 11.84
C GLN D 583 39.79 -21.74 12.47
N SER D 584 40.67 -21.12 11.69
CA SER D 584 41.98 -20.71 12.19
C SER D 584 41.94 -19.38 12.94
N ASN D 585 41.11 -18.44 12.51
CA ASN D 585 40.97 -17.14 13.18
C ASN D 585 42.27 -16.34 13.10
N LEU D 586 42.82 -16.24 11.90
CA LEU D 586 44.03 -15.47 11.65
C LEU D 586 43.79 -14.52 10.49
N SER D 587 44.54 -13.43 10.48
CA SER D 587 44.43 -12.42 9.44
C SER D 587 45.29 -12.80 8.24
N ILE D 588 44.66 -12.80 7.07
CA ILE D 588 45.32 -13.17 5.82
C ILE D 588 45.11 -12.02 4.84
N ASP D 589 46.20 -11.57 4.22
CA ASP D 589 46.08 -10.55 3.19
C ASP D 589 45.21 -11.05 2.05
N THR D 590 44.41 -10.15 1.50
CA THR D 590 43.54 -10.52 0.38
C THR D 590 44.35 -10.88 -0.86
N SER D 591 45.64 -10.58 -0.88
CA SER D 591 46.45 -10.84 -2.07
C SER D 591 46.52 -12.33 -2.38
N ILE D 592 46.65 -13.17 -1.36
CA ILE D 592 46.83 -14.59 -1.59
C ILE D 592 45.61 -15.18 -2.29
N VAL D 593 44.43 -14.94 -1.73
CA VAL D 593 43.21 -15.46 -2.36
C VAL D 593 42.94 -14.75 -3.68
N GLN D 594 43.33 -13.47 -3.77
CA GLN D 594 43.14 -12.74 -5.02
C GLN D 594 43.87 -13.42 -6.16
N GLN D 595 45.17 -13.69 -5.97
CA GLN D 595 45.92 -14.39 -7.00
C GLN D 595 45.42 -15.82 -7.19
N ARG D 596 45.03 -16.48 -6.09
CA ARG D 596 44.49 -17.83 -6.18
C ARG D 596 43.31 -17.87 -7.16
N GLU D 597 42.37 -16.95 -7.00
CA GLU D 597 41.19 -16.91 -7.85
C GLU D 597 41.48 -16.32 -9.23
N GLU D 598 42.42 -15.39 -9.33
CA GLU D 598 42.81 -14.88 -10.64
C GLU D 598 43.38 -15.98 -11.53
N VAL D 599 44.24 -16.84 -10.99
CA VAL D 599 44.75 -17.98 -11.73
C VAL D 599 43.74 -19.11 -11.77
N ALA D 600 42.75 -19.09 -10.88
CA ALA D 600 41.67 -20.07 -10.95
C ALA D 600 40.96 -20.01 -12.29
N SER D 601 40.82 -18.81 -12.85
CA SER D 601 40.36 -18.65 -14.23
C SER D 601 41.46 -19.19 -15.15
N ALA D 602 41.08 -20.07 -16.07
CA ALA D 602 42.02 -20.80 -16.91
C ALA D 602 42.61 -21.93 -16.08
N GLY D 603 43.25 -22.89 -16.74
CA GLY D 603 43.78 -24.07 -16.08
C GLY D 603 45.15 -23.81 -15.49
N VAL D 604 45.70 -24.85 -14.85
CA VAL D 604 47.05 -24.80 -14.33
C VAL D 604 47.76 -26.09 -14.70
N PHE D 605 48.72 -26.00 -15.62
CA PHE D 605 49.45 -27.17 -16.09
C PHE D 605 50.93 -26.97 -15.80
N ALA D 606 51.53 -27.92 -15.08
CA ALA D 606 52.96 -27.87 -14.80
C ALA D 606 53.63 -29.11 -15.37
N ALA D 607 54.92 -28.97 -15.67
CA ALA D 607 55.68 -30.07 -16.23
C ALA D 607 57.12 -29.98 -15.75
N THR D 608 57.77 -31.14 -15.69
CA THR D 608 59.18 -31.24 -15.31
C THR D 608 59.86 -32.18 -16.27
N ILE D 609 60.92 -31.70 -16.92
CA ILE D 609 61.68 -32.47 -17.90
C ILE D 609 63.12 -32.54 -17.46
N PHE D 610 63.65 -33.76 -17.34
CA PHE D 610 65.04 -33.99 -17.00
C PHE D 610 65.83 -34.08 -18.31
N VAL D 611 66.53 -33.00 -18.64
CA VAL D 611 67.25 -32.90 -19.90
C VAL D 611 68.74 -32.79 -19.61
N ASN D 612 69.53 -33.21 -20.59
CA ASN D 612 70.99 -33.15 -20.52
C ASN D 612 71.43 -31.89 -21.26
N LYS D 613 72.28 -31.08 -20.61
CA LYS D 613 72.76 -29.86 -21.24
C LYS D 613 73.53 -30.15 -22.52
N ASN D 614 74.11 -31.34 -22.66
CA ASN D 614 74.85 -31.71 -23.85
C ASN D 614 73.97 -32.29 -24.96
N LYS D 615 72.68 -32.51 -24.68
CA LYS D 615 71.76 -33.06 -25.67
C LYS D 615 70.67 -32.09 -26.08
N GLN D 616 70.40 -31.05 -25.30
CA GLN D 616 69.37 -30.05 -25.63
C GLN D 616 68.01 -30.72 -25.80
N ALA D 617 67.79 -31.80 -25.05
CA ALA D 617 66.52 -32.52 -25.10
C ALA D 617 66.37 -33.30 -23.80
N LEU D 618 65.12 -33.69 -23.52
CA LEU D 618 64.85 -34.44 -22.31
C LEU D 618 65.54 -35.80 -22.35
N LEU D 619 66.29 -36.12 -21.29
CA LEU D 619 66.98 -37.39 -21.19
C LEU D 619 66.19 -38.41 -20.39
N GLU D 620 65.33 -37.93 -19.49
CA GLU D 620 64.45 -38.77 -18.70
C GLU D 620 63.00 -38.40 -18.99
N SER D 621 62.11 -39.37 -18.81
CA SER D 621 60.70 -39.13 -19.08
C SER D 621 60.20 -37.94 -18.27
N SER D 622 59.58 -36.98 -18.95
CA SER D 622 59.04 -35.82 -18.29
C SER D 622 57.73 -36.16 -17.57
N GLN D 623 57.51 -35.50 -16.44
CA GLN D 623 56.30 -35.70 -15.65
C GLN D 623 55.43 -34.46 -15.75
N PHE D 624 54.14 -34.67 -16.01
CA PHE D 624 53.22 -33.56 -16.22
C PHE D 624 52.04 -33.69 -15.28
N SER D 625 51.47 -32.55 -14.91
CA SER D 625 50.27 -32.50 -14.08
C SER D 625 49.43 -31.33 -14.54
N SER D 626 48.11 -31.47 -14.37
CA SER D 626 47.18 -30.42 -14.78
C SER D 626 45.98 -30.42 -13.85
N LEU D 627 45.47 -29.21 -13.59
CA LEU D 627 44.29 -29.01 -12.77
C LEU D 627 43.43 -27.96 -13.44
N GLY D 628 42.18 -28.30 -13.74
CA GLY D 628 41.27 -27.40 -14.42
C GLY D 628 41.42 -27.38 -15.93
N LEU D 629 42.35 -28.16 -16.49
CA LEU D 629 42.55 -28.13 -17.93
C LEU D 629 41.46 -28.91 -18.67
N VAL D 630 41.37 -30.22 -18.42
CA VAL D 630 40.40 -31.07 -19.11
C VAL D 630 40.22 -32.34 -18.29
N GLY D 631 39.12 -33.04 -18.55
CA GLY D 631 38.90 -34.31 -17.89
C GLY D 631 40.04 -35.28 -18.13
N PHE D 632 40.46 -35.95 -17.06
CA PHE D 632 41.65 -36.80 -17.13
C PHE D 632 41.53 -37.84 -18.24
N LYS D 633 40.40 -38.54 -18.29
CA LYS D 633 40.20 -39.53 -19.35
C LYS D 633 40.26 -38.91 -20.73
N ASP D 634 39.75 -37.69 -20.88
CA ASP D 634 39.79 -36.98 -22.16
C ASP D 634 40.99 -36.06 -22.29
N GLU D 635 41.68 -35.75 -21.18
CA GLU D 635 42.87 -34.91 -21.22
C GLU D 635 44.14 -35.71 -21.48
N LYS D 636 44.12 -37.00 -21.15
CA LYS D 636 45.31 -37.86 -21.35
C LYS D 636 45.85 -37.64 -22.78
N PRO D 637 45.01 -37.74 -23.84
CA PRO D 637 45.48 -37.49 -25.20
C PRO D 637 45.85 -36.02 -25.42
N LEU D 638 44.91 -35.07 -25.26
CA LEU D 638 45.18 -33.66 -25.64
C LEU D 638 46.47 -33.09 -25.03
N ILE D 639 46.51 -33.17 -23.71
CA ILE D 639 47.74 -32.68 -23.03
C ILE D 639 48.89 -33.49 -23.63
N LYS D 640 48.68 -34.75 -23.97
CA LYS D 640 49.77 -35.64 -24.46
C LYS D 640 50.24 -35.26 -25.87
N GLU D 641 49.33 -34.80 -26.71
CA GLU D 641 49.66 -34.14 -28.00
C GLU D 641 50.55 -32.92 -27.74
N ILE D 642 50.10 -32.02 -26.86
CA ILE D 642 51.03 -30.86 -26.71
C ILE D 642 52.35 -31.44 -26.19
N GLN D 643 52.27 -32.56 -25.47
CA GLN D 643 53.45 -33.17 -24.81
C GLN D 643 54.44 -33.61 -25.88
N GLY D 644 53.96 -34.37 -26.85
CA GLY D 644 54.83 -34.78 -27.97
C GLY D 644 55.39 -33.57 -28.65
N GLY D 645 54.56 -32.56 -28.96
CA GLY D 645 55.20 -31.40 -29.63
C GLY D 645 56.37 -30.90 -28.81
N LEU D 646 56.16 -30.71 -27.50
CA LEU D 646 57.22 -30.15 -26.62
C LEU D 646 58.46 -31.06 -26.56
N GLU D 647 58.29 -32.37 -26.42
CA GLU D 647 59.45 -33.29 -26.27
C GLU D 647 60.17 -33.40 -27.61
N MET D 648 59.47 -33.13 -28.72
CA MET D 648 60.13 -33.10 -30.05
C MET D 648 61.02 -31.86 -30.05
N LEU D 649 60.41 -30.70 -29.76
CA LEU D 649 61.19 -29.45 -29.66
C LEU D 649 62.47 -29.77 -28.90
N LEU D 650 62.36 -30.55 -27.83
CA LEU D 650 63.56 -30.98 -27.07
C LEU D 650 64.49 -31.74 -28.03
N LYS D 651 63.97 -32.75 -28.73
CA LYS D 651 64.83 -33.57 -29.61
C LYS D 651 65.78 -32.63 -30.37
N SER D 652 65.29 -31.46 -30.78
CA SER D 652 66.17 -30.45 -31.45
C SER D 652 65.97 -29.09 -30.80
N SER D 653 66.16 -29.01 -29.47
CA SER D 653 65.96 -27.73 -28.73
C SER D 653 67.24 -26.90 -28.75
N ASN D 654 67.25 -25.78 -28.04
CA ASN D 654 68.50 -24.97 -27.91
C ASN D 654 69.21 -25.38 -26.62
N ALA D 655 70.45 -25.88 -26.72
CA ALA D 655 71.17 -26.38 -25.52
C ALA D 655 71.19 -25.30 -24.44
N GLU D 656 71.58 -24.07 -24.80
CA GLU D 656 71.67 -22.96 -23.83
C GLU D 656 70.29 -22.72 -23.22
N ILE D 657 69.26 -22.64 -24.07
CA ILE D 657 67.87 -22.39 -23.59
C ILE D 657 67.45 -23.55 -22.69
N LEU D 658 67.80 -24.78 -23.08
CA LEU D 658 67.42 -25.98 -22.29
C LEU D 658 68.18 -25.99 -20.96
N ASN D 659 69.47 -25.64 -20.98
CA ASN D 659 70.27 -25.68 -19.76
C ASN D 659 69.90 -24.56 -18.81
N ASN D 660 69.39 -23.46 -19.36
CA ASN D 660 68.97 -22.29 -18.53
C ASN D 660 67.48 -22.39 -18.23
N PRO D 661 67.08 -22.71 -16.97
CA PRO D 661 65.66 -22.88 -16.64
C PRO D 661 64.80 -21.70 -17.12
N LYS D 662 65.33 -20.48 -17.06
CA LYS D 662 64.52 -19.33 -17.43
C LYS D 662 64.02 -19.44 -18.86
N LYS D 663 64.90 -19.83 -19.80
CA LYS D 663 64.48 -19.95 -21.19
C LYS D 663 63.44 -21.06 -21.35
N LEU D 664 63.64 -22.19 -20.66
CA LEU D 664 62.66 -23.27 -20.73
C LEU D 664 61.32 -22.83 -20.20
N GLU D 665 61.31 -22.10 -19.08
CA GLU D 665 60.05 -21.62 -18.52
C GLU D 665 59.36 -20.64 -19.46
N ASP D 666 60.13 -19.74 -20.07
CA ASP D 666 59.54 -18.79 -21.00
C ASP D 666 58.95 -19.50 -22.21
N HIS D 667 59.67 -20.47 -22.76
CA HIS D 667 59.16 -21.22 -23.91
C HIS D 667 57.91 -22.01 -23.55
N THR D 668 57.91 -22.64 -22.37
CA THR D 668 56.73 -23.38 -21.93
C THR D 668 55.54 -22.44 -21.75
N ARG D 669 55.77 -21.26 -21.18
CA ARG D 669 54.70 -20.30 -21.01
C ARG D 669 54.14 -19.85 -22.36
N ASN D 670 55.02 -19.58 -23.32
CA ASN D 670 54.55 -19.18 -24.64
C ASN D 670 53.74 -20.30 -25.30
N PHE D 671 54.22 -21.54 -25.20
CA PHE D 671 53.49 -22.66 -25.79
C PHE D 671 52.13 -22.84 -25.13
N ILE D 672 52.08 -22.70 -23.80
CA ILE D 672 50.81 -22.84 -23.08
C ILE D 672 49.86 -21.73 -23.49
N ARG D 673 50.38 -20.51 -23.62
CA ARG D 673 49.55 -19.39 -24.04
C ARG D 673 48.96 -19.63 -25.43
N LYS D 674 49.79 -20.11 -26.35
CA LYS D 674 49.29 -20.41 -27.70
C LYS D 674 48.24 -21.51 -27.66
N ALA D 675 48.49 -22.58 -26.90
CA ALA D 675 47.54 -23.68 -26.82
C ALA D 675 46.21 -23.23 -26.23
N LEU D 676 46.26 -22.43 -25.16
CA LEU D 676 45.03 -21.95 -24.53
C LEU D 676 44.30 -20.96 -25.42
N PHE D 677 45.03 -20.13 -26.17
CA PHE D 677 44.38 -19.25 -27.13
C PHE D 677 43.66 -20.07 -28.19
N LYS D 678 44.29 -21.14 -28.67
CA LYS D 678 43.67 -21.99 -29.67
C LYS D 678 42.44 -22.70 -29.12
N LYS D 679 42.52 -23.19 -27.88
CA LYS D 679 41.45 -24.03 -27.33
C LYS D 679 40.33 -23.23 -26.68
N PHE D 680 40.62 -22.43 -25.65
CA PHE D 680 39.60 -21.71 -24.92
C PHE D 680 39.81 -20.21 -24.88
N ARG D 681 40.82 -19.68 -25.57
CA ARG D 681 41.07 -18.24 -25.63
C ARG D 681 41.56 -17.68 -24.29
N LYS D 682 42.40 -18.43 -23.59
CA LYS D 682 42.91 -18.03 -22.29
C LYS D 682 44.43 -18.10 -22.28
N TYR D 683 45.02 -17.69 -21.16
CA TYR D 683 46.49 -17.80 -20.99
C TYR D 683 46.74 -18.35 -19.59
N PRO D 684 46.68 -19.68 -19.37
CA PRO D 684 46.78 -20.25 -18.02
C PRO D 684 48.19 -20.24 -17.42
N ALA D 685 48.27 -20.26 -16.08
CA ALA D 685 49.57 -20.30 -15.42
C ALA D 685 50.30 -21.59 -15.76
N ILE D 686 51.55 -21.45 -16.20
CA ILE D 686 52.39 -22.57 -16.61
C ILE D 686 53.61 -22.60 -15.70
N ILE D 687 53.85 -23.74 -15.06
CA ILE D 687 55.01 -23.95 -14.20
C ILE D 687 55.95 -24.91 -14.89
N CYS D 688 57.20 -24.49 -15.08
CA CYS D 688 58.21 -25.30 -15.74
C CYS D 688 59.38 -25.53 -14.79
N HIS D 689 59.84 -26.78 -14.74
CA HIS D 689 60.97 -27.17 -13.91
C HIS D 689 62.00 -27.87 -14.78
N ALA D 690 63.24 -27.39 -14.71
CA ALA D 690 64.35 -27.95 -15.47
C ALA D 690 65.35 -28.59 -14.51
N HIS D 691 65.86 -29.76 -14.90
CA HIS D 691 66.80 -30.51 -14.09
C HIS D 691 67.99 -30.90 -14.94
N SER D 692 69.14 -31.07 -14.29
CA SER D 692 70.38 -31.47 -14.93
C SER D 692 70.98 -32.68 -14.23
N PHE D 693 70.13 -33.63 -13.85
CA PHE D 693 70.59 -34.83 -13.17
C PHE D 693 71.27 -35.77 -14.14
#